data_1MU4
# 
_entry.id   1MU4 
# 
_audit_conform.dict_name       mmcif_pdbx.dic 
_audit_conform.dict_version    5.386 
_audit_conform.dict_location   http://mmcif.pdb.org/dictionaries/ascii/mmcif_pdbx.dic 
# 
loop_
_database_2.database_id 
_database_2.database_code 
_database_2.pdbx_database_accession 
_database_2.pdbx_DOI 
PDB   1MU4         pdb_00001mu4 10.2210/pdb1mu4/pdb 
RCSB  RCSB017182   ?            ?                   
WWPDB D_1000017182 ?            ?                   
# 
loop_
_pdbx_audit_revision_history.ordinal 
_pdbx_audit_revision_history.data_content_type 
_pdbx_audit_revision_history.major_revision 
_pdbx_audit_revision_history.minor_revision 
_pdbx_audit_revision_history.revision_date 
1 'Structure model' 1 0 2003-10-07 
2 'Structure model' 1 1 2008-04-28 
3 'Structure model' 1 2 2011-07-13 
4 'Structure model' 1 3 2024-02-14 
# 
_pdbx_audit_revision_details.ordinal             1 
_pdbx_audit_revision_details.revision_ordinal    1 
_pdbx_audit_revision_details.data_content_type   'Structure model' 
_pdbx_audit_revision_details.provider            repository 
_pdbx_audit_revision_details.type                'Initial release' 
_pdbx_audit_revision_details.description         ? 
_pdbx_audit_revision_details.details             ? 
# 
loop_
_pdbx_audit_revision_group.ordinal 
_pdbx_audit_revision_group.revision_ordinal 
_pdbx_audit_revision_group.data_content_type 
_pdbx_audit_revision_group.group 
1 2 'Structure model' 'Version format compliance' 
2 3 'Structure model' 'Version format compliance' 
3 4 'Structure model' 'Data collection'           
4 4 'Structure model' 'Database references'       
5 4 'Structure model' 'Derived calculations'      
6 4 'Structure model' 'Refinement description'    
# 
loop_
_pdbx_audit_revision_category.ordinal 
_pdbx_audit_revision_category.revision_ordinal 
_pdbx_audit_revision_category.data_content_type 
_pdbx_audit_revision_category.category 
1 4 'Structure model' chem_comp_atom                
2 4 'Structure model' chem_comp_bond                
3 4 'Structure model' database_2                    
4 4 'Structure model' pdbx_initial_refinement_model 
5 4 'Structure model' struct_ref_seq_dif            
6 4 'Structure model' struct_site                   
# 
loop_
_pdbx_audit_revision_item.ordinal 
_pdbx_audit_revision_item.revision_ordinal 
_pdbx_audit_revision_item.data_content_type 
_pdbx_audit_revision_item.item 
1 4 'Structure model' '_database_2.pdbx_DOI'                
2 4 'Structure model' '_database_2.pdbx_database_accession' 
3 4 'Structure model' '_struct_ref_seq_dif.details'         
4 4 'Structure model' '_struct_site.pdbx_auth_asym_id'      
5 4 'Structure model' '_struct_site.pdbx_auth_comp_id'      
6 4 'Structure model' '_struct_site.pdbx_auth_seq_id'       
# 
_pdbx_database_status.status_code                     REL 
_pdbx_database_status.entry_id                        1MU4 
_pdbx_database_status.recvd_initial_deposition_date   2002-09-23 
_pdbx_database_status.deposit_site                    RCSB 
_pdbx_database_status.process_site                    RCSB 
_pdbx_database_status.status_code_sf                  REL 
_pdbx_database_status.SG_entry                        . 
_pdbx_database_status.pdb_format_compatible           Y 
_pdbx_database_status.status_code_mr                  ? 
_pdbx_database_status.status_code_cs                  ? 
_pdbx_database_status.status_code_nmr_data            ? 
_pdbx_database_status.methods_development_category    ? 
# 
_pdbx_database_related.db_name        PDB 
_pdbx_database_related.db_id          1MO1 
_pdbx_database_related.details        'The same protein substituted with Selenomethionine residues.' 
_pdbx_database_related.content_type   unspecified 
# 
loop_
_audit_author.name 
_audit_author.pdbx_ordinal 
'Juy, M.R.' 1 
'Haser, R.' 2 
# 
loop_
_citation.id 
_citation.title 
_citation.journal_abbrev 
_citation.journal_volume 
_citation.page_first 
_citation.page_last 
_citation.year 
_citation.journal_id_ASTM 
_citation.country 
_citation.journal_id_ISSN 
_citation.journal_id_CSD 
_citation.book_publisher 
_citation.pdbx_database_id_PubMed 
_citation.pdbx_database_id_DOI 
primary 'Dimerization of Crh by reversible 3D Domain Swapping Induces Structural Adjustments to its monomeric homologue HPR' 
J.Mol.Biol.                 332 767 776 2003 JMOBAK UK 0022-2836 0070 ? 12972249 '10.1016/S0022-2836(03)00918-5' 
1       'Evidence for a Dimerisation State of the Bacillus Subtilis Catabolite Repression Hpr-Like Protein, Crh'             
J.MOL.MICROBIOL.BIOTECHNOL. 3   429 432 2001 ?      CH 1464-1801 ?    ? ?        ?                               
# 
loop_
_citation_author.citation_id 
_citation_author.name 
_citation_author.ordinal 
_citation_author.identifier_ORCID 
primary 'Juy, M.R.'      1  ? 
primary 'Penin, F.'      2  ? 
primary 'Favier, A.'     3  ? 
primary 'Galinier, A.'   4  ? 
primary 'Montserret, R.' 5  ? 
primary 'Haser, R.'      6  ? 
primary 'Deutscher, J.'  7  ? 
primary 'Bockmann, A.'   8  ? 
1       'Penin, F.'      9  ? 
1       'Favier, A.'     10 ? 
1       'Montserret, R.' 11 ? 
1       'Brutscher, B.'  12 ? 
1       'Deutscher, J.'  13 ? 
1       'Marion, D.'     14 ? 
1       'Galinier, D.'   15 ? 
# 
loop_
_entity.id 
_entity.type 
_entity.src_method 
_entity.pdbx_description 
_entity.formula_weight 
_entity.pdbx_number_of_molecules 
_entity.pdbx_ec 
_entity.pdbx_mutation 
_entity.pdbx_fragment 
_entity.details 
1 polymer     man 'HPr-like protein crh' 9577.953 2   ? ? ? ? 
2 non-polymer syn 'SULFATE ION'          96.063   3   ? ? ? ? 
3 water       nat water                  18.015   122 ? ? ? ? 
# 
_entity_name_com.entity_id   1 
_entity_name_com.name        'Catabolite repression HPr' 
# 
_entity_poly.entity_id                      1 
_entity_poly.type                           'polypeptide(L)' 
_entity_poly.nstd_linkage                   no 
_entity_poly.nstd_monomer                   no 
_entity_poly.pdbx_seq_one_letter_code       
;MVQQKVEVRLKTGLQARPAALFVQEANRFTSDVFLEKDGKKVNAKSIMGLMSLAVSTGTEVTLIAQGEDEQEALEKLAAY
VQEEVLQ
;
_entity_poly.pdbx_seq_one_letter_code_can   
;MVQQKVEVRLKTGLQARPAALFVQEANRFTSDVFLEKDGKKVNAKSIMGLMSLAVSTGTEVTLIAQGEDEQEALEKLAAY
VQEEVLQ
;
_entity_poly.pdbx_strand_id                 A,B 
_entity_poly.pdbx_target_identifier         ? 
# 
loop_
_pdbx_entity_nonpoly.entity_id 
_pdbx_entity_nonpoly.name 
_pdbx_entity_nonpoly.comp_id 
2 'SULFATE ION' SO4 
3 water         HOH 
# 
loop_
_entity_poly_seq.entity_id 
_entity_poly_seq.num 
_entity_poly_seq.mon_id 
_entity_poly_seq.hetero 
1 1  MET n 
1 2  VAL n 
1 3  GLN n 
1 4  GLN n 
1 5  LYS n 
1 6  VAL n 
1 7  GLU n 
1 8  VAL n 
1 9  ARG n 
1 10 LEU n 
1 11 LYS n 
1 12 THR n 
1 13 GLY n 
1 14 LEU n 
1 15 GLN n 
1 16 ALA n 
1 17 ARG n 
1 18 PRO n 
1 19 ALA n 
1 20 ALA n 
1 21 LEU n 
1 22 PHE n 
1 23 VAL n 
1 24 GLN n 
1 25 GLU n 
1 26 ALA n 
1 27 ASN n 
1 28 ARG n 
1 29 PHE n 
1 30 THR n 
1 31 SER n 
1 32 ASP n 
1 33 VAL n 
1 34 PHE n 
1 35 LEU n 
1 36 GLU n 
1 37 LYS n 
1 38 ASP n 
1 39 GLY n 
1 40 LYS n 
1 41 LYS n 
1 42 VAL n 
1 43 ASN n 
1 44 ALA n 
1 45 LYS n 
1 46 SER n 
1 47 ILE n 
1 48 MET n 
1 49 GLY n 
1 50 LEU n 
1 51 MET n 
1 52 SER n 
1 53 LEU n 
1 54 ALA n 
1 55 VAL n 
1 56 SER n 
1 57 THR n 
1 58 GLY n 
1 59 THR n 
1 60 GLU n 
1 61 VAL n 
1 62 THR n 
1 63 LEU n 
1 64 ILE n 
1 65 ALA n 
1 66 GLN n 
1 67 GLY n 
1 68 GLU n 
1 69 ASP n 
1 70 GLU n 
1 71 GLN n 
1 72 GLU n 
1 73 ALA n 
1 74 LEU n 
1 75 GLU n 
1 76 LYS n 
1 77 LEU n 
1 78 ALA n 
1 79 ALA n 
1 80 TYR n 
1 81 VAL n 
1 82 GLN n 
1 83 GLU n 
1 84 GLU n 
1 85 VAL n 
1 86 LEU n 
1 87 GLN n 
# 
_entity_src_gen.entity_id                          1 
_entity_src_gen.pdbx_src_id                        1 
_entity_src_gen.pdbx_alt_source_flag               sample 
_entity_src_gen.pdbx_seq_type                      ? 
_entity_src_gen.pdbx_beg_seq_num                   ? 
_entity_src_gen.pdbx_end_seq_num                   ? 
_entity_src_gen.gene_src_common_name               ? 
_entity_src_gen.gene_src_genus                     Bacillus 
_entity_src_gen.pdbx_gene_src_gene                 ? 
_entity_src_gen.gene_src_species                   ? 
_entity_src_gen.gene_src_strain                    ? 
_entity_src_gen.gene_src_tissue                    ? 
_entity_src_gen.gene_src_tissue_fraction           ? 
_entity_src_gen.gene_src_details                   ? 
_entity_src_gen.pdbx_gene_src_fragment             ? 
_entity_src_gen.pdbx_gene_src_scientific_name      'Bacillus subtilis' 
_entity_src_gen.pdbx_gene_src_ncbi_taxonomy_id     1423 
_entity_src_gen.pdbx_gene_src_variant              ? 
_entity_src_gen.pdbx_gene_src_cell_line            ? 
_entity_src_gen.pdbx_gene_src_atcc                 ? 
_entity_src_gen.pdbx_gene_src_organ                ? 
_entity_src_gen.pdbx_gene_src_organelle            ? 
_entity_src_gen.pdbx_gene_src_cell                 ? 
_entity_src_gen.pdbx_gene_src_cellular_location    ? 
_entity_src_gen.host_org_common_name               ? 
_entity_src_gen.pdbx_host_org_scientific_name      'Escherichia coli' 
_entity_src_gen.pdbx_host_org_ncbi_taxonomy_id     562 
_entity_src_gen.host_org_genus                     Escherichia 
_entity_src_gen.pdbx_host_org_gene                 ? 
_entity_src_gen.pdbx_host_org_organ                ? 
_entity_src_gen.host_org_species                   ? 
_entity_src_gen.pdbx_host_org_tissue               ? 
_entity_src_gen.pdbx_host_org_tissue_fraction      ? 
_entity_src_gen.pdbx_host_org_strain               ? 
_entity_src_gen.pdbx_host_org_variant              ? 
_entity_src_gen.pdbx_host_org_cell_line            ? 
_entity_src_gen.pdbx_host_org_atcc                 ? 
_entity_src_gen.pdbx_host_org_culture_collection   ? 
_entity_src_gen.pdbx_host_org_cell                 ? 
_entity_src_gen.pdbx_host_org_organelle            ? 
_entity_src_gen.pdbx_host_org_cellular_location    ? 
_entity_src_gen.pdbx_host_org_vector_type          ? 
_entity_src_gen.pdbx_host_org_vector               ? 
_entity_src_gen.host_org_details                   ? 
_entity_src_gen.expression_system_id               ? 
_entity_src_gen.plasmid_name                       ? 
_entity_src_gen.plasmid_details                    ? 
_entity_src_gen.pdbx_description                   ? 
# 
loop_
_chem_comp.id 
_chem_comp.type 
_chem_comp.mon_nstd_flag 
_chem_comp.name 
_chem_comp.pdbx_synonyms 
_chem_comp.formula 
_chem_comp.formula_weight 
ALA 'L-peptide linking' y ALANINE         ? 'C3 H7 N O2'     89.093  
ARG 'L-peptide linking' y ARGININE        ? 'C6 H15 N4 O2 1' 175.209 
ASN 'L-peptide linking' y ASPARAGINE      ? 'C4 H8 N2 O3'    132.118 
ASP 'L-peptide linking' y 'ASPARTIC ACID' ? 'C4 H7 N O4'     133.103 
GLN 'L-peptide linking' y GLUTAMINE       ? 'C5 H10 N2 O3'   146.144 
GLU 'L-peptide linking' y 'GLUTAMIC ACID' ? 'C5 H9 N O4'     147.129 
GLY 'peptide linking'   y GLYCINE         ? 'C2 H5 N O2'     75.067  
HOH non-polymer         . WATER           ? 'H2 O'           18.015  
ILE 'L-peptide linking' y ISOLEUCINE      ? 'C6 H13 N O2'    131.173 
LEU 'L-peptide linking' y LEUCINE         ? 'C6 H13 N O2'    131.173 
LYS 'L-peptide linking' y LYSINE          ? 'C6 H15 N2 O2 1' 147.195 
MET 'L-peptide linking' y METHIONINE      ? 'C5 H11 N O2 S'  149.211 
PHE 'L-peptide linking' y PHENYLALANINE   ? 'C9 H11 N O2'    165.189 
PRO 'L-peptide linking' y PROLINE         ? 'C5 H9 N O2'     115.130 
SER 'L-peptide linking' y SERINE          ? 'C3 H7 N O3'     105.093 
SO4 non-polymer         . 'SULFATE ION'   ? 'O4 S -2'        96.063  
THR 'L-peptide linking' y THREONINE       ? 'C4 H9 N O3'     119.119 
TYR 'L-peptide linking' y TYROSINE        ? 'C9 H11 N O3'    181.189 
VAL 'L-peptide linking' y VALINE          ? 'C5 H11 N O2'    117.146 
# 
loop_
_pdbx_poly_seq_scheme.asym_id 
_pdbx_poly_seq_scheme.entity_id 
_pdbx_poly_seq_scheme.seq_id 
_pdbx_poly_seq_scheme.mon_id 
_pdbx_poly_seq_scheme.ndb_seq_num 
_pdbx_poly_seq_scheme.pdb_seq_num 
_pdbx_poly_seq_scheme.auth_seq_num 
_pdbx_poly_seq_scheme.pdb_mon_id 
_pdbx_poly_seq_scheme.auth_mon_id 
_pdbx_poly_seq_scheme.pdb_strand_id 
_pdbx_poly_seq_scheme.pdb_ins_code 
_pdbx_poly_seq_scheme.hetero 
A 1 1  MET 1  1  1  MET MET A . n 
A 1 2  VAL 2  2  2  VAL VAL A . n 
A 1 3  GLN 3  3  3  GLN GLN A . n 
A 1 4  GLN 4  4  4  GLN GLN A . n 
A 1 5  LYS 5  5  5  LYS LYS A . n 
A 1 6  VAL 6  6  6  VAL VAL A . n 
A 1 7  GLU 7  7  7  GLU GLU A . n 
A 1 8  VAL 8  8  8  VAL VAL A . n 
A 1 9  ARG 9  9  9  ARG ARG A . n 
A 1 10 LEU 10 10 10 LEU LEU A . n 
A 1 11 LYS 11 11 11 LYS LYS A . n 
A 1 12 THR 12 12 12 THR THR A . n 
A 1 13 GLY 13 13 13 GLY GLY A . n 
A 1 14 LEU 14 14 14 LEU LEU A . n 
A 1 15 GLN 15 15 15 GLN GLN A . n 
A 1 16 ALA 16 16 16 ALA ALA A . n 
A 1 17 ARG 17 17 17 ARG ARG A . n 
A 1 18 PRO 18 18 18 PRO PRO A . n 
A 1 19 ALA 19 19 19 ALA ALA A . n 
A 1 20 ALA 20 20 20 ALA ALA A . n 
A 1 21 LEU 21 21 21 LEU LEU A . n 
A 1 22 PHE 22 22 22 PHE PHE A . n 
A 1 23 VAL 23 23 23 VAL VAL A . n 
A 1 24 GLN 24 24 24 GLN GLN A . n 
A 1 25 GLU 25 25 25 GLU GLU A . n 
A 1 26 ALA 26 26 26 ALA ALA A . n 
A 1 27 ASN 27 27 27 ASN ASN A . n 
A 1 28 ARG 28 28 28 ARG ARG A . n 
A 1 29 PHE 29 29 29 PHE PHE A . n 
A 1 30 THR 30 30 30 THR THR A . n 
A 1 31 SER 31 31 31 SER SER A . n 
A 1 32 ASP 32 32 32 ASP ASP A . n 
A 1 33 VAL 33 33 33 VAL VAL A . n 
A 1 34 PHE 34 34 34 PHE PHE A . n 
A 1 35 LEU 35 35 35 LEU LEU A . n 
A 1 36 GLU 36 36 36 GLU GLU A . n 
A 1 37 LYS 37 37 37 LYS LYS A . n 
A 1 38 ASP 38 38 38 ASP ASP A . n 
A 1 39 GLY 39 39 39 GLY GLY A . n 
A 1 40 LYS 40 40 40 LYS LYS A . n 
A 1 41 LYS 41 41 41 LYS LYS A . n 
A 1 42 VAL 42 42 42 VAL VAL A . n 
A 1 43 ASN 43 43 43 ASN ASN A . n 
A 1 44 ALA 44 44 44 ALA ALA A . n 
A 1 45 LYS 45 45 45 LYS LYS A . n 
A 1 46 SER 46 46 46 SER SER A . n 
A 1 47 ILE 47 47 47 ILE ILE A . n 
A 1 48 MET 48 48 48 MET MET A . n 
A 1 49 GLY 49 49 49 GLY GLY A . n 
A 1 50 LEU 50 50 50 LEU LEU A . n 
A 1 51 MET 51 51 51 MET MET A . n 
A 1 52 SER 52 52 52 SER SER A . n 
A 1 53 LEU 53 53 53 LEU LEU A . n 
A 1 54 ALA 54 54 54 ALA ALA A . n 
A 1 55 VAL 55 55 55 VAL VAL A . n 
A 1 56 SER 56 56 56 SER SER A . n 
A 1 57 THR 57 57 57 THR THR A . n 
A 1 58 GLY 58 58 58 GLY GLY A . n 
A 1 59 THR 59 59 59 THR THR A . n 
A 1 60 GLU 60 60 60 GLU GLU A . n 
A 1 61 VAL 61 61 61 VAL VAL A . n 
A 1 62 THR 62 62 62 THR THR A . n 
A 1 63 LEU 63 63 63 LEU LEU A . n 
A 1 64 ILE 64 64 64 ILE ILE A . n 
A 1 65 ALA 65 65 65 ALA ALA A . n 
A 1 66 GLN 66 66 66 GLN GLN A . n 
A 1 67 GLY 67 67 67 GLY GLY A . n 
A 1 68 GLU 68 68 68 GLU GLU A . n 
A 1 69 ASP 69 69 69 ASP ASP A . n 
A 1 70 GLU 70 70 70 GLU GLU A . n 
A 1 71 GLN 71 71 71 GLN GLN A . n 
A 1 72 GLU 72 72 72 GLU GLU A . n 
A 1 73 ALA 73 73 73 ALA ALA A . n 
A 1 74 LEU 74 74 74 LEU LEU A . n 
A 1 75 GLU 75 75 75 GLU GLU A . n 
A 1 76 LYS 76 76 76 LYS LYS A . n 
A 1 77 LEU 77 77 77 LEU LEU A . n 
A 1 78 ALA 78 78 78 ALA ALA A . n 
A 1 79 ALA 79 79 79 ALA ALA A . n 
A 1 80 TYR 80 80 80 TYR TYR A . n 
A 1 81 VAL 81 81 81 VAL VAL A . n 
A 1 82 GLN 82 82 82 GLN GLN A . n 
A 1 83 GLU 83 83 83 GLU GLU A . n 
A 1 84 GLU 84 84 84 GLU GLU A . n 
A 1 85 VAL 85 85 85 VAL VAL A . n 
A 1 86 LEU 86 86 86 LEU LEU A . n 
A 1 87 GLN 87 87 ?  ?   ?   A . n 
B 1 1  MET 1  1  1  MET MET B . n 
B 1 2  VAL 2  2  2  VAL VAL B . n 
B 1 3  GLN 3  3  3  GLN GLN B . n 
B 1 4  GLN 4  4  4  GLN GLN B . n 
B 1 5  LYS 5  5  5  LYS LYS B . n 
B 1 6  VAL 6  6  6  VAL VAL B . n 
B 1 7  GLU 7  7  7  GLU GLU B . n 
B 1 8  VAL 8  8  8  VAL VAL B . n 
B 1 9  ARG 9  9  9  ARG ARG B . n 
B 1 10 LEU 10 10 10 LEU LEU B . n 
B 1 11 LYS 11 11 11 LYS LYS B . n 
B 1 12 THR 12 12 12 THR THR B . n 
B 1 13 GLY 13 13 13 GLY GLY B . n 
B 1 14 LEU 14 14 14 LEU LEU B . n 
B 1 15 GLN 15 15 15 GLN GLN B . n 
B 1 16 ALA 16 16 16 ALA ALA B . n 
B 1 17 ARG 17 17 17 ARG ARG B . n 
B 1 18 PRO 18 18 18 PRO PRO B . n 
B 1 19 ALA 19 19 19 ALA ALA B . n 
B 1 20 ALA 20 20 20 ALA ALA B . n 
B 1 21 LEU 21 21 21 LEU LEU B . n 
B 1 22 PHE 22 22 22 PHE PHE B . n 
B 1 23 VAL 23 23 23 VAL VAL B . n 
B 1 24 GLN 24 24 24 GLN GLN B . n 
B 1 25 GLU 25 25 25 GLU GLU B . n 
B 1 26 ALA 26 26 26 ALA ALA B . n 
B 1 27 ASN 27 27 27 ASN ASN B . n 
B 1 28 ARG 28 28 28 ARG ARG B . n 
B 1 29 PHE 29 29 29 PHE PHE B . n 
B 1 30 THR 30 30 30 THR THR B . n 
B 1 31 SER 31 31 31 SER SER B . n 
B 1 32 ASP 32 32 32 ASP ASP B . n 
B 1 33 VAL 33 33 33 VAL VAL B . n 
B 1 34 PHE 34 34 34 PHE PHE B . n 
B 1 35 LEU 35 35 35 LEU LEU B . n 
B 1 36 GLU 36 36 36 GLU GLU B . n 
B 1 37 LYS 37 37 37 LYS LYS B . n 
B 1 38 ASP 38 38 38 ASP ASP B . n 
B 1 39 GLY 39 39 39 GLY GLY B . n 
B 1 40 LYS 40 40 40 LYS LYS B . n 
B 1 41 LYS 41 41 41 LYS LYS B . n 
B 1 42 VAL 42 42 42 VAL VAL B . n 
B 1 43 ASN 43 43 43 ASN ASN B . n 
B 1 44 ALA 44 44 44 ALA ALA B . n 
B 1 45 LYS 45 45 45 LYS LYS B . n 
B 1 46 SER 46 46 46 SER SER B . n 
B 1 47 ILE 47 47 47 ILE ILE B . n 
B 1 48 MET 48 48 48 MET MET B . n 
B 1 49 GLY 49 49 49 GLY GLY B . n 
B 1 50 LEU 50 50 50 LEU LEU B . n 
B 1 51 MET 51 51 51 MET MET B . n 
B 1 52 SER 52 52 52 SER SER B . n 
B 1 53 LEU 53 53 53 LEU LEU B . n 
B 1 54 ALA 54 54 54 ALA ALA B . n 
B 1 55 VAL 55 55 55 VAL VAL B . n 
B 1 56 SER 56 56 56 SER SER B . n 
B 1 57 THR 57 57 57 THR THR B . n 
B 1 58 GLY 58 58 58 GLY GLY B . n 
B 1 59 THR 59 59 59 THR THR B . n 
B 1 60 GLU 60 60 60 GLU GLU B . n 
B 1 61 VAL 61 61 61 VAL VAL B . n 
B 1 62 THR 62 62 62 THR THR B . n 
B 1 63 LEU 63 63 63 LEU LEU B . n 
B 1 64 ILE 64 64 64 ILE ILE B . n 
B 1 65 ALA 65 65 65 ALA ALA B . n 
B 1 66 GLN 66 66 66 GLN GLN B . n 
B 1 67 GLY 67 67 67 GLY GLY B . n 
B 1 68 GLU 68 68 68 GLU GLU B . n 
B 1 69 ASP 69 69 69 ASP ASP B . n 
B 1 70 GLU 70 70 70 GLU GLU B . n 
B 1 71 GLN 71 71 71 GLN GLN B . n 
B 1 72 GLU 72 72 72 GLU GLU B . n 
B 1 73 ALA 73 73 73 ALA ALA B . n 
B 1 74 LEU 74 74 74 LEU LEU B . n 
B 1 75 GLU 75 75 75 GLU GLU B . n 
B 1 76 LYS 76 76 76 LYS LYS B . n 
B 1 77 LEU 77 77 77 LEU LEU B . n 
B 1 78 ALA 78 78 78 ALA ALA B . n 
B 1 79 ALA 79 79 79 ALA ALA B . n 
B 1 80 TYR 80 80 80 TYR TYR B . n 
B 1 81 VAL 81 81 81 VAL VAL B . n 
B 1 82 GLN 82 82 82 GLN GLN B . n 
B 1 83 GLU 83 83 83 GLU GLU B . n 
B 1 84 GLU 84 84 84 GLU GLU B . n 
B 1 85 VAL 85 85 85 VAL VAL B . n 
B 1 86 LEU 86 86 86 LEU LEU B . n 
B 1 87 GLN 87 87 87 GLN GLN B . n 
# 
loop_
_pdbx_nonpoly_scheme.asym_id 
_pdbx_nonpoly_scheme.entity_id 
_pdbx_nonpoly_scheme.mon_id 
_pdbx_nonpoly_scheme.ndb_seq_num 
_pdbx_nonpoly_scheme.pdb_seq_num 
_pdbx_nonpoly_scheme.auth_seq_num 
_pdbx_nonpoly_scheme.pdb_mon_id 
_pdbx_nonpoly_scheme.auth_mon_id 
_pdbx_nonpoly_scheme.pdb_strand_id 
_pdbx_nonpoly_scheme.pdb_ins_code 
C 2 SO4 1  125 125 SO4 SO4 A . 
D 2 SO4 1  124 124 SO4 SO4 B . 
E 2 SO4 1  126 126 SO4 SO4 B . 
F 3 HOH 1  126 2   HOH HOH A . 
F 3 HOH 2  127 3   HOH HOH A . 
F 3 HOH 3  128 6   HOH HOH A . 
F 3 HOH 4  129 7   HOH HOH A . 
F 3 HOH 5  130 8   HOH HOH A . 
F 3 HOH 6  131 9   HOH HOH A . 
F 3 HOH 7  132 11  HOH HOH A . 
F 3 HOH 8  133 12  HOH HOH A . 
F 3 HOH 9  134 13  HOH HOH A . 
F 3 HOH 10 135 14  HOH HOH A . 
F 3 HOH 11 136 16  HOH HOH A . 
F 3 HOH 12 137 17  HOH HOH A . 
F 3 HOH 13 138 18  HOH HOH A . 
F 3 HOH 14 139 19  HOH HOH A . 
F 3 HOH 15 140 20  HOH HOH A . 
F 3 HOH 16 141 23  HOH HOH A . 
F 3 HOH 17 142 25  HOH HOH A . 
F 3 HOH 18 143 26  HOH HOH A . 
F 3 HOH 19 144 29  HOH HOH A . 
F 3 HOH 20 145 30  HOH HOH A . 
F 3 HOH 21 146 32  HOH HOH A . 
F 3 HOH 22 147 33  HOH HOH A . 
F 3 HOH 23 148 34  HOH HOH A . 
F 3 HOH 24 149 35  HOH HOH A . 
F 3 HOH 25 150 40  HOH HOH A . 
F 3 HOH 26 151 42  HOH HOH A . 
F 3 HOH 27 152 43  HOH HOH A . 
F 3 HOH 28 153 45  HOH HOH A . 
F 3 HOH 29 154 46  HOH HOH A . 
F 3 HOH 30 155 48  HOH HOH A . 
F 3 HOH 31 156 49  HOH HOH A . 
F 3 HOH 32 157 51  HOH HOH A . 
F 3 HOH 33 158 52  HOH HOH A . 
F 3 HOH 34 159 53  HOH HOH A . 
F 3 HOH 35 160 54  HOH HOH A . 
F 3 HOH 36 161 55  HOH HOH A . 
F 3 HOH 37 162 56  HOH HOH A . 
F 3 HOH 38 163 57  HOH HOH A . 
F 3 HOH 39 164 63  HOH HOH A . 
F 3 HOH 40 165 64  HOH HOH A . 
F 3 HOH 41 166 65  HOH HOH A . 
F 3 HOH 42 167 66  HOH HOH A . 
F 3 HOH 43 168 67  HOH HOH A . 
F 3 HOH 44 169 69  HOH HOH A . 
F 3 HOH 45 170 70  HOH HOH A . 
F 3 HOH 46 171 71  HOH HOH A . 
F 3 HOH 47 172 73  HOH HOH A . 
F 3 HOH 48 173 74  HOH HOH A . 
F 3 HOH 49 174 75  HOH HOH A . 
F 3 HOH 50 175 76  HOH HOH A . 
F 3 HOH 51 176 77  HOH HOH A . 
F 3 HOH 52 177 78  HOH HOH A . 
F 3 HOH 53 178 79  HOH HOH A . 
F 3 HOH 54 179 86  HOH HOH A . 
F 3 HOH 55 180 87  HOH HOH A . 
F 3 HOH 56 181 88  HOH HOH A . 
F 3 HOH 57 182 90  HOH HOH A . 
F 3 HOH 58 183 96  HOH HOH A . 
F 3 HOH 59 184 98  HOH HOH A . 
F 3 HOH 60 185 99  HOH HOH A . 
F 3 HOH 61 186 100 HOH HOH A . 
F 3 HOH 62 187 101 HOH HOH A . 
F 3 HOH 63 188 102 HOH HOH A . 
F 3 HOH 64 189 103 HOH HOH A . 
F 3 HOH 65 190 104 HOH HOH A . 
F 3 HOH 66 191 105 HOH HOH A . 
F 3 HOH 67 192 106 HOH HOH A . 
F 3 HOH 68 193 107 HOH HOH A . 
F 3 HOH 69 194 108 HOH HOH A . 
F 3 HOH 70 195 110 HOH HOH A . 
F 3 HOH 71 196 113 HOH HOH A . 
F 3 HOH 72 197 114 HOH HOH A . 
F 3 HOH 73 198 120 HOH HOH A . 
F 3 HOH 74 199 121 HOH HOH A . 
F 3 HOH 75 200 122 HOH HOH A . 
G 3 HOH 1  127 1   HOH HOH B . 
G 3 HOH 2  128 4   HOH HOH B . 
G 3 HOH 3  129 5   HOH HOH B . 
G 3 HOH 4  130 10  HOH HOH B . 
G 3 HOH 5  131 15  HOH HOH B . 
G 3 HOH 6  132 21  HOH HOH B . 
G 3 HOH 7  133 22  HOH HOH B . 
G 3 HOH 8  134 24  HOH HOH B . 
G 3 HOH 9  135 27  HOH HOH B . 
G 3 HOH 10 136 28  HOH HOH B . 
G 3 HOH 11 137 31  HOH HOH B . 
G 3 HOH 12 138 36  HOH HOH B . 
G 3 HOH 13 139 37  HOH HOH B . 
G 3 HOH 14 140 38  HOH HOH B . 
G 3 HOH 15 141 39  HOH HOH B . 
G 3 HOH 16 142 41  HOH HOH B . 
G 3 HOH 17 143 44  HOH HOH B . 
G 3 HOH 18 144 47  HOH HOH B . 
G 3 HOH 19 145 50  HOH HOH B . 
G 3 HOH 20 146 58  HOH HOH B . 
G 3 HOH 21 147 59  HOH HOH B . 
G 3 HOH 22 148 60  HOH HOH B . 
G 3 HOH 23 149 61  HOH HOH B . 
G 3 HOH 24 150 62  HOH HOH B . 
G 3 HOH 25 151 68  HOH HOH B . 
G 3 HOH 26 152 72  HOH HOH B . 
G 3 HOH 27 153 80  HOH HOH B . 
G 3 HOH 28 154 81  HOH HOH B . 
G 3 HOH 29 155 82  HOH HOH B . 
G 3 HOH 30 156 83  HOH HOH B . 
G 3 HOH 31 157 84  HOH HOH B . 
G 3 HOH 32 158 85  HOH HOH B . 
G 3 HOH 33 159 89  HOH HOH B . 
G 3 HOH 34 160 91  HOH HOH B . 
G 3 HOH 35 161 92  HOH HOH B . 
G 3 HOH 36 162 93  HOH HOH B . 
G 3 HOH 37 163 94  HOH HOH B . 
G 3 HOH 38 164 95  HOH HOH B . 
G 3 HOH 39 165 97  HOH HOH B . 
G 3 HOH 40 166 109 HOH HOH B . 
G 3 HOH 41 167 111 HOH HOH B . 
G 3 HOH 42 168 112 HOH HOH B . 
G 3 HOH 43 169 115 HOH HOH B . 
G 3 HOH 44 170 116 HOH HOH B . 
G 3 HOH 45 171 117 HOH HOH B . 
G 3 HOH 46 172 118 HOH HOH B . 
G 3 HOH 47 173 119 HOH HOH B . 
# 
loop_
_software.name 
_software.classification 
_software.version 
_software.citation_id 
_software.pdbx_ordinal 
DENZO     'data reduction' .   ? 1 
SCALEPACK 'data scaling'   .   ? 2 
AMoRE     phasing          .   ? 3 
CNS       refinement       1.0 ? 4 
# 
_cell.entry_id           1MU4 
_cell.length_a           68.850 
_cell.length_b           68.850 
_cell.length_c           119.860 
_cell.angle_alpha        90.00 
_cell.angle_beta         90.00 
_cell.angle_gamma        90.00 
_cell.Z_PDB              16 
_cell.pdbx_unique_axis   ? 
# 
_symmetry.entry_id                         1MU4 
_symmetry.space_group_name_H-M             'P 43 2 2' 
_symmetry.pdbx_full_space_group_name_H-M   ? 
_symmetry.cell_setting                     ? 
_symmetry.Int_Tables_number                95 
# 
_exptl.entry_id          1MU4 
_exptl.method            'X-RAY DIFFRACTION' 
_exptl.crystals_number   1 
# 
_exptl_crystal.id                    1 
_exptl_crystal.density_meas          ? 
_exptl_crystal.density_percent_sol   66.82 
_exptl_crystal.density_Matthews      3.71 
_exptl_crystal.description           ? 
# 
_exptl_crystal_grow.crystal_id      1 
_exptl_crystal_grow.method          'VAPOR DIFFUSION, HANGING DROP' 
_exptl_crystal_grow.temp            297 
_exptl_crystal_grow.temp_details    ? 
_exptl_crystal_grow.pH              6.5 
_exptl_crystal_grow.pdbx_details    'ammonium sulfate, peg 1000,, pH 6.5, VAPOR DIFFUSION, HANGING DROP, temperature 297K' 
_exptl_crystal_grow.pdbx_pH_range   . 
# 
_diffrn.id                     1 
_diffrn.ambient_temp           297 
_diffrn.ambient_temp_details   ? 
_diffrn.crystal_id             1 
# 
_diffrn_detector.diffrn_id              1 
_diffrn_detector.detector               'IMAGE PLATE' 
_diffrn_detector.type                   MARRESEARCH 
_diffrn_detector.pdbx_collection_date   2001-05-08 
_diffrn_detector.details                ? 
# 
_diffrn_radiation.diffrn_id                        1 
_diffrn_radiation.wavelength_id                    1 
_diffrn_radiation.pdbx_monochromatic_or_laue_m_l   M 
_diffrn_radiation.monochromator                    'SI 111 CHANNEL' 
_diffrn_radiation.pdbx_diffrn_protocol             'SINGLE WAVELENGTH' 
_diffrn_radiation.pdbx_scattering_type             x-ray 
# 
_diffrn_radiation_wavelength.id           1 
_diffrn_radiation_wavelength.wavelength   0.9 
_diffrn_radiation_wavelength.wt           1.0 
# 
_diffrn_source.diffrn_id                   1 
_diffrn_source.source                      SYNCHROTRON 
_diffrn_source.type                        ESRF 
_diffrn_source.pdbx_synchrotron_site       ESRF 
_diffrn_source.pdbx_synchrotron_beamline   ? 
_diffrn_source.pdbx_wavelength             0.9 
_diffrn_source.pdbx_wavelength_list        ? 
# 
_reflns.entry_id                     1MU4 
_reflns.observed_criterion_sigma_I   -3 
_reflns.observed_criterion_sigma_F   0.0 
_reflns.d_resolution_low             29.85 
_reflns.d_resolution_high            1.8 
_reflns.number_obs                   27502 
_reflns.number_all                   27502 
_reflns.percent_possible_obs         99.6 
_reflns.pdbx_Rmerge_I_obs            0.055 
_reflns.pdbx_Rsym_value              0.055 
_reflns.pdbx_netI_over_sigmaI        8.5 
_reflns.B_iso_Wilson_estimate        22.0 
_reflns.pdbx_redundancy              4.1 
_reflns.R_free_details               ? 
_reflns.limit_h_max                  ? 
_reflns.limit_h_min                  ? 
_reflns.limit_k_max                  ? 
_reflns.limit_k_min                  ? 
_reflns.limit_l_max                  ? 
_reflns.limit_l_min                  ? 
_reflns.observed_criterion_F_max     ? 
_reflns.observed_criterion_F_min     ? 
_reflns.pdbx_diffrn_id               1 
_reflns.pdbx_ordinal                 1 
# 
_reflns_shell.d_res_high             1.8 
_reflns_shell.d_res_low              1.86 
_reflns_shell.percent_possible_all   99.3 
_reflns_shell.Rmerge_I_obs           0.318 
_reflns_shell.pdbx_Rsym_value        0.318 
_reflns_shell.meanI_over_sigI_obs    1.9 
_reflns_shell.pdbx_redundancy        3.4 
_reflns_shell.percent_possible_obs   ? 
_reflns_shell.number_unique_all      2112 
_reflns_shell.pdbx_diffrn_id         ? 
_reflns_shell.pdbx_ordinal           1 
# 
_refine.entry_id                                 1MU4 
_refine.ls_number_reflns_obs                     27441 
_refine.ls_number_reflns_all                     27478 
_refine.pdbx_ls_sigma_I                          -3.0 
_refine.pdbx_ls_sigma_F                          0 
_refine.pdbx_data_cutoff_high_absF               1664964.41 
_refine.pdbx_data_cutoff_low_absF                0 
_refine.ls_d_res_low                             29.85 
_refine.ls_d_res_high                            1.80 
_refine.ls_percent_reflns_obs                    99.9 
_refine.ls_R_factor_obs                          0.179 
_refine.ls_R_factor_all                          0.196 
_refine.ls_R_factor_R_work                       0.179 
_refine.ls_R_factor_R_free                       0.197 
_refine.ls_R_factor_R_free_error                 0.005 
_refine.ls_R_factor_R_free_error_details         ? 
_refine.ls_percent_reflns_R_free                 4.9 
_refine.ls_number_reflns_R_free                  1342 
_refine.ls_number_parameters                     ? 
_refine.ls_number_restraints                     ? 
_refine.occupancy_min                            ? 
_refine.occupancy_max                            ? 
_refine.correlation_coeff_Fo_to_Fc               ? 
_refine.correlation_coeff_Fo_to_Fc_free          ? 
_refine.B_iso_mean                               31.5 
_refine.aniso_B[1][1]                            0.22 
_refine.aniso_B[2][2]                            0.22 
_refine.aniso_B[3][3]                            -0.43 
_refine.aniso_B[1][2]                            0.00 
_refine.aniso_B[1][3]                            0.00 
_refine.aniso_B[2][3]                            0.00 
_refine.solvent_model_details                    'FLAT MODEL' 
_refine.solvent_model_param_ksol                 0.32 
_refine.solvent_model_param_bsol                 33.8 
_refine.pdbx_solvent_vdw_probe_radii             ? 
_refine.pdbx_solvent_ion_probe_radii             ? 
_refine.pdbx_solvent_shrinkage_radii             ? 
_refine.pdbx_ls_cross_valid_method               THROUGHOUT 
_refine.details                                  ? 
_refine.pdbx_starting_model                      'pdb entry 1MO1' 
_refine.pdbx_method_to_determine_struct          'MOLECULAR REPLACEMENT' 
_refine.pdbx_isotropic_thermal_model             RESTRAINED 
_refine.pdbx_stereochemistry_target_values       'Engh & Huber' 
_refine.pdbx_stereochem_target_val_spec_case     ? 
_refine.pdbx_R_Free_selection_details            RANDOM 
_refine.pdbx_overall_ESU_R_Free                  ? 
_refine.overall_SU_B                             ? 
_refine.ls_redundancy_reflns_obs                 ? 
_refine.B_iso_min                                ? 
_refine.B_iso_max                                ? 
_refine.overall_SU_R_Cruickshank_DPI             ? 
_refine.overall_SU_R_free                        ? 
_refine.overall_SU_ML                            ? 
_refine.pdbx_overall_ESU_R                       ? 
_refine.pdbx_data_cutoff_high_rms_absF           1664964.41 
_refine.pdbx_refine_id                           'X-RAY DIFFRACTION' 
_refine.pdbx_diffrn_id                           1 
_refine.pdbx_TLS_residual_ADP_flag               ? 
_refine.pdbx_overall_phase_error                 ? 
_refine.pdbx_overall_SU_R_free_Cruickshank_DPI   ? 
_refine.pdbx_overall_SU_R_Blow_DPI               ? 
_refine.pdbx_overall_SU_R_free_Blow_DPI          ? 
# 
_refine_analyze.entry_id                        1MU4 
_refine_analyze.Luzzati_coordinate_error_obs    0.18 
_refine_analyze.Luzzati_sigma_a_obs             0.12 
_refine_analyze.Luzzati_d_res_low_obs           5.00 
_refine_analyze.Luzzati_coordinate_error_free   0.20 
_refine_analyze.Luzzati_sigma_a_free            0.16 
_refine_analyze.Luzzati_d_res_low_free          ? 
_refine_analyze.number_disordered_residues      ? 
_refine_analyze.occupancy_sum_hydrogen          ? 
_refine_analyze.occupancy_sum_non_hydrogen      ? 
_refine_analyze.pdbx_Luzzati_d_res_high_obs     ? 
_refine_analyze.pdbx_refine_id                  'X-RAY DIFFRACTION' 
# 
_refine_hist.pdbx_refine_id                   'X-RAY DIFFRACTION' 
_refine_hist.cycle_id                         LAST 
_refine_hist.pdbx_number_atoms_protein        1330 
_refine_hist.pdbx_number_atoms_nucleic_acid   0 
_refine_hist.pdbx_number_atoms_ligand         15 
_refine_hist.number_atoms_solvent             122 
_refine_hist.number_atoms_total               1467 
_refine_hist.d_res_high                       1.80 
_refine_hist.d_res_low                        29.85 
# 
loop_
_refine_ls_restr.type 
_refine_ls_restr.dev_ideal 
_refine_ls_restr.dev_ideal_target 
_refine_ls_restr.weight 
_refine_ls_restr.number 
_refine_ls_restr.pdbx_refine_id 
_refine_ls_restr.pdbx_restraint_function 
c_bond_d           0.009 ?    ? ? 'X-RAY DIFFRACTION' ? 
c_angle_deg        1.4   ?    ? ? 'X-RAY DIFFRACTION' ? 
c_dihedral_angle_d 24.5  ?    ? ? 'X-RAY DIFFRACTION' ? 
c_improper_angle_d 1.20  ?    ? ? 'X-RAY DIFFRACTION' ? 
c_mcbond_it        2.98  1.50 ? ? 'X-RAY DIFFRACTION' ? 
c_mcangle_it       4.02  2.00 ? ? 'X-RAY DIFFRACTION' ? 
c_scbond_it        6.74  2.00 ? ? 'X-RAY DIFFRACTION' ? 
c_scangle_it       9.91  2.50 ? ? 'X-RAY DIFFRACTION' ? 
# 
_refine_ls_shell.pdbx_total_number_of_bins_used   6 
_refine_ls_shell.d_res_high                       1.80 
_refine_ls_shell.d_res_low                        1.91 
_refine_ls_shell.number_reflns_R_work             4274 
_refine_ls_shell.R_factor_R_work                  0.214 
_refine_ls_shell.percent_reflns_obs               100.0 
_refine_ls_shell.R_factor_R_free                  0.243 
_refine_ls_shell.R_factor_R_free_error            0.016 
_refine_ls_shell.percent_reflns_R_free            4.9 
_refine_ls_shell.number_reflns_R_free             218 
_refine_ls_shell.number_reflns_obs                4274 
_refine_ls_shell.redundancy_reflns_obs            ? 
_refine_ls_shell.number_reflns_all                ? 
_refine_ls_shell.pdbx_refine_id                   'X-RAY DIFFRACTION' 
_refine_ls_shell.R_factor_all                     ? 
# 
_struct.entry_id                  1MU4 
_struct.title                     
'CRYSTAL STRUCTURE AT 1.8 ANGSTROMS OF THE BACILLUS SUBTILIS CATABOLITE REPRESSION HISTIDINE CONTAINING PROTEIN (CRH)' 
_struct.pdbx_model_details        ? 
_struct.pdbx_CASP_flag            ? 
_struct.pdbx_model_type_details   ? 
# 
_struct_keywords.entry_id        1MU4 
_struct_keywords.pdbx_keywords   'TRANSPORT PROTEIN' 
_struct_keywords.text            'OPEN-FACED B-SANDWICH, PHOSPHOTRANSFERASE SYSTEM, SWAPPING DOMAIN, TRANSPORT PROTEIN' 
# 
loop_
_struct_asym.id 
_struct_asym.pdbx_blank_PDB_chainid_flag 
_struct_asym.pdbx_modified 
_struct_asym.entity_id 
_struct_asym.details 
A N N 1 ? 
B N N 1 ? 
C N N 2 ? 
D N N 2 ? 
E N N 2 ? 
F N N 3 ? 
G N N 3 ? 
# 
_struct_ref.id                         1 
_struct_ref.db_name                    UNP 
_struct_ref.db_code                    CRH_BACSU 
_struct_ref.entity_id                  1 
_struct_ref.pdbx_seq_one_letter_code   
;MVQQKVEVRLKTGLQARPAALFVQEANRFTSDVFLEKDGKKVNAKSIMGLMSLAVSTGTEVTLIAQGEDEQEALEKLAAY
VQEEV
;
_struct_ref.pdbx_align_begin           1 
_struct_ref.pdbx_db_accession          O06976 
_struct_ref.pdbx_db_isoform            ? 
# 
loop_
_struct_ref_seq.align_id 
_struct_ref_seq.ref_id 
_struct_ref_seq.pdbx_PDB_id_code 
_struct_ref_seq.pdbx_strand_id 
_struct_ref_seq.seq_align_beg 
_struct_ref_seq.pdbx_seq_align_beg_ins_code 
_struct_ref_seq.seq_align_end 
_struct_ref_seq.pdbx_seq_align_end_ins_code 
_struct_ref_seq.pdbx_db_accession 
_struct_ref_seq.db_align_beg 
_struct_ref_seq.pdbx_db_align_beg_ins_code 
_struct_ref_seq.db_align_end 
_struct_ref_seq.pdbx_db_align_end_ins_code 
_struct_ref_seq.pdbx_auth_seq_align_beg 
_struct_ref_seq.pdbx_auth_seq_align_end 
1 1 1MU4 A 1 ? 85 ? O06976 1 ? 85 ? 1 85 
2 1 1MU4 B 1 ? 85 ? O06976 1 ? 85 ? 1 85 
# 
loop_
_struct_ref_seq_dif.align_id 
_struct_ref_seq_dif.pdbx_pdb_id_code 
_struct_ref_seq_dif.mon_id 
_struct_ref_seq_dif.pdbx_pdb_strand_id 
_struct_ref_seq_dif.seq_num 
_struct_ref_seq_dif.pdbx_pdb_ins_code 
_struct_ref_seq_dif.pdbx_seq_db_name 
_struct_ref_seq_dif.pdbx_seq_db_accession_code 
_struct_ref_seq_dif.db_mon_id 
_struct_ref_seq_dif.pdbx_seq_db_seq_num 
_struct_ref_seq_dif.details 
_struct_ref_seq_dif.pdbx_auth_seq_num 
_struct_ref_seq_dif.pdbx_ordinal 
1 1MU4 LEU A 86 ? UNP O06976 ? ? 'cloning artifact' 86 1 
1 1MU4 GLN A 87 ? UNP O06976 ? ? 'cloning artifact' 87 2 
2 1MU4 LEU B 86 ? UNP O06976 ? ? 'cloning artifact' 86 3 
2 1MU4 GLN B 87 ? UNP O06976 ? ? 'cloning artifact' 87 4 
# 
loop_
_pdbx_struct_assembly.id 
_pdbx_struct_assembly.details 
_pdbx_struct_assembly.method_details 
_pdbx_struct_assembly.oligomeric_details 
_pdbx_struct_assembly.oligomeric_count 
1 author_and_software_defined_assembly PISA dimeric    2 
2 software_defined_assembly            PISA tetrameric 4 
# 
loop_
_pdbx_struct_assembly_prop.biol_id 
_pdbx_struct_assembly_prop.type 
_pdbx_struct_assembly_prop.value 
_pdbx_struct_assembly_prop.details 
1 'ABSA (A^2)' 4690  ? 
1 MORE         -51   ? 
1 'SSA (A^2)'  9390  ? 
2 'ABSA (A^2)' 11430 ? 
2 MORE         -130  ? 
2 'SSA (A^2)'  16740 ? 
# 
loop_
_pdbx_struct_assembly_gen.assembly_id 
_pdbx_struct_assembly_gen.oper_expression 
_pdbx_struct_assembly_gen.asym_id_list 
1 1   A,B,C,D,E,F,G 
2 1,2 A,B,C,D,E,F,G 
# 
loop_
_pdbx_struct_oper_list.id 
_pdbx_struct_oper_list.type 
_pdbx_struct_oper_list.name 
_pdbx_struct_oper_list.symmetry_operation 
_pdbx_struct_oper_list.matrix[1][1] 
_pdbx_struct_oper_list.matrix[1][2] 
_pdbx_struct_oper_list.matrix[1][3] 
_pdbx_struct_oper_list.vector[1] 
_pdbx_struct_oper_list.matrix[2][1] 
_pdbx_struct_oper_list.matrix[2][2] 
_pdbx_struct_oper_list.matrix[2][3] 
_pdbx_struct_oper_list.vector[2] 
_pdbx_struct_oper_list.matrix[3][1] 
_pdbx_struct_oper_list.matrix[3][2] 
_pdbx_struct_oper_list.matrix[3][3] 
_pdbx_struct_oper_list.vector[3] 
1 'identity operation'         1_555 x,y,z       1.0000000000  0.0000000000  0.0000000000 0.0000000000 0.0000000000  1.0000000000 0.0000000000  0.0000000000 0.0000000000 0.0000000000  1.0000000000  0.0000000000  
2 'crystal symmetry operation' 5_756 -x+2,y,-z+1 -0.9210796650 -0.3777538309 0.0944155388 0.9404493589 -0.3777538309 0.8081265970 -0.4519219473 5.6837626514 0.0944155388 -0.4519219473 -0.8870469320 21.9544638892 
# 
loop_
_struct_conf.conf_type_id 
_struct_conf.id 
_struct_conf.pdbx_PDB_helix_id 
_struct_conf.beg_label_comp_id 
_struct_conf.beg_label_asym_id 
_struct_conf.beg_label_seq_id 
_struct_conf.pdbx_beg_PDB_ins_code 
_struct_conf.end_label_comp_id 
_struct_conf.end_label_asym_id 
_struct_conf.end_label_seq_id 
_struct_conf.pdbx_end_PDB_ins_code 
_struct_conf.beg_auth_comp_id 
_struct_conf.beg_auth_asym_id 
_struct_conf.beg_auth_seq_id 
_struct_conf.end_auth_comp_id 
_struct_conf.end_auth_asym_id 
_struct_conf.end_auth_seq_id 
_struct_conf.pdbx_PDB_helix_class 
_struct_conf.details 
_struct_conf.pdbx_PDB_helix_length 
HELX_P HELX_P1 1 GLN A 15 ? ASN A 27 ? GLN A 15 ASN A 27 1 ? 13 
HELX_P HELX_P2 2 SER A 46 ? LEU A 53 ? SER A 46 LEU A 53 1 ? 8  
HELX_P HELX_P3 3 ASP A 69 ? GLN A 82 ? ASP A 69 GLN A 82 1 ? 14 
HELX_P HELX_P4 4 GLN B 15 ? ASN B 27 ? GLN B 15 ASN B 27 1 ? 13 
HELX_P HELX_P5 5 SER B 46 ? SER B 52 ? SER B 46 SER B 52 1 ? 7  
HELX_P HELX_P6 6 ASP B 69 ? GLN B 82 ? ASP B 69 GLN B 82 1 ? 14 
# 
_struct_conf_type.id          HELX_P 
_struct_conf_type.criteria    ? 
_struct_conf_type.reference   ? 
# 
loop_
_struct_sheet.id 
_struct_sheet.type 
_struct_sheet.number_strands 
_struct_sheet.details 
A ? 4 ? 
B ? 2 ? 
C ? 4 ? 
# 
loop_
_struct_sheet_order.sheet_id 
_struct_sheet_order.range_id_1 
_struct_sheet_order.range_id_2 
_struct_sheet_order.offset 
_struct_sheet_order.sense 
A 1 2 ? anti-parallel 
A 2 3 ? anti-parallel 
A 3 4 ? anti-parallel 
B 1 2 ? anti-parallel 
C 1 2 ? anti-parallel 
C 2 3 ? anti-parallel 
C 3 4 ? anti-parallel 
# 
loop_
_struct_sheet_range.sheet_id 
_struct_sheet_range.id 
_struct_sheet_range.beg_label_comp_id 
_struct_sheet_range.beg_label_asym_id 
_struct_sheet_range.beg_label_seq_id 
_struct_sheet_range.pdbx_beg_PDB_ins_code 
_struct_sheet_range.end_label_comp_id 
_struct_sheet_range.end_label_asym_id 
_struct_sheet_range.end_label_seq_id 
_struct_sheet_range.pdbx_end_PDB_ins_code 
_struct_sheet_range.beg_auth_comp_id 
_struct_sheet_range.beg_auth_asym_id 
_struct_sheet_range.beg_auth_seq_id 
_struct_sheet_range.end_auth_comp_id 
_struct_sheet_range.end_auth_asym_id 
_struct_sheet_range.end_auth_seq_id 
A 1 VAL A 2  ? GLU A 7  ? VAL A 2  GLU A 7  
A 2 GLU B 60 ? GLN B 66 ? GLU B 60 GLN B 66 
A 3 ASP B 32 ? LYS B 37 ? ASP B 32 LYS B 37 
A 4 LYS B 40 ? ASN B 43 ? LYS B 40 ASN B 43 
B 1 THR A 12 ? LEU A 14 ? THR A 12 LEU A 14 
B 2 THR B 12 ? LEU B 14 ? THR B 12 LEU B 14 
C 1 LYS A 40 ? ASN A 43 ? LYS A 40 ASN A 43 
C 2 ASP A 32 ? LYS A 37 ? ASP A 32 LYS A 37 
C 3 GLU A 60 ? GLN A 66 ? GLU A 60 GLN A 66 
C 4 VAL B 2  ? GLU B 7  ? VAL B 2  GLU B 7  
# 
loop_
_pdbx_struct_sheet_hbond.sheet_id 
_pdbx_struct_sheet_hbond.range_id_1 
_pdbx_struct_sheet_hbond.range_id_2 
_pdbx_struct_sheet_hbond.range_1_label_atom_id 
_pdbx_struct_sheet_hbond.range_1_label_comp_id 
_pdbx_struct_sheet_hbond.range_1_label_asym_id 
_pdbx_struct_sheet_hbond.range_1_label_seq_id 
_pdbx_struct_sheet_hbond.range_1_PDB_ins_code 
_pdbx_struct_sheet_hbond.range_1_auth_atom_id 
_pdbx_struct_sheet_hbond.range_1_auth_comp_id 
_pdbx_struct_sheet_hbond.range_1_auth_asym_id 
_pdbx_struct_sheet_hbond.range_1_auth_seq_id 
_pdbx_struct_sheet_hbond.range_2_label_atom_id 
_pdbx_struct_sheet_hbond.range_2_label_comp_id 
_pdbx_struct_sheet_hbond.range_2_label_asym_id 
_pdbx_struct_sheet_hbond.range_2_label_seq_id 
_pdbx_struct_sheet_hbond.range_2_PDB_ins_code 
_pdbx_struct_sheet_hbond.range_2_auth_atom_id 
_pdbx_struct_sheet_hbond.range_2_auth_comp_id 
_pdbx_struct_sheet_hbond.range_2_auth_asym_id 
_pdbx_struct_sheet_hbond.range_2_auth_seq_id 
A 1 2 N GLN A 4  ? N GLN A 4  O LEU B 63 ? O LEU B 63 
A 2 3 O THR B 62 ? O THR B 62 N GLU B 36 ? N GLU B 36 
A 3 4 N LEU B 35 ? N LEU B 35 O VAL B 42 ? O VAL B 42 
B 1 2 N GLY A 13 ? N GLY A 13 O GLY B 13 ? O GLY B 13 
C 1 2 O VAL A 42 ? O VAL A 42 N LEU A 35 ? N LEU A 35 
C 2 3 N PHE A 34 ? N PHE A 34 O ILE A 64 ? O ILE A 64 
C 3 4 N LEU A 63 ? N LEU A 63 O GLN B 4  ? O GLN B 4  
# 
loop_
_struct_site.id 
_struct_site.pdbx_evidence_code 
_struct_site.pdbx_auth_asym_id 
_struct_site.pdbx_auth_comp_id 
_struct_site.pdbx_auth_seq_id 
_struct_site.pdbx_auth_ins_code 
_struct_site.pdbx_num_residues 
_struct_site.details 
AC1 Software B SO4 124 ? 2 'BINDING SITE FOR RESIDUE SO4 B 124' 
AC2 Software A SO4 125 ? 6 'BINDING SITE FOR RESIDUE SO4 A 125' 
AC3 Software B SO4 126 ? 2 'BINDING SITE FOR RESIDUE SO4 B 126' 
# 
loop_
_struct_site_gen.id 
_struct_site_gen.site_id 
_struct_site_gen.pdbx_num_res 
_struct_site_gen.label_comp_id 
_struct_site_gen.label_asym_id 
_struct_site_gen.label_seq_id 
_struct_site_gen.pdbx_auth_ins_code 
_struct_site_gen.auth_comp_id 
_struct_site_gen.auth_asym_id 
_struct_site_gen.auth_seq_id 
_struct_site_gen.label_atom_id 
_struct_site_gen.label_alt_id 
_struct_site_gen.symmetry 
_struct_site_gen.details 
1  AC1 2 ARG A 17 ? ARG A 17  . ? 5_756 ? 
2  AC1 2 LYS B 11 ? LYS B 11  . ? 1_555 ? 
3  AC2 6 SER A 46 ? SER A 46  . ? 1_555 ? 
4  AC2 6 ILE A 47 ? ILE A 47  . ? 1_555 ? 
5  AC2 6 MET A 48 ? MET A 48  . ? 1_555 ? 
6  AC2 6 HOH F .  ? HOH A 173 . ? 1_555 ? 
7  AC2 6 SER B 46 ? SER B 46  . ? 5_756 ? 
8  AC2 6 HOH G .  ? HOH B 133 . ? 5_756 ? 
9  AC3 2 GLU B 7  ? GLU B 7   . ? 1_555 ? 
10 AC3 2 ARG B 9  ? ARG B 9   . ? 1_555 ? 
# 
_pdbx_validate_rmsd_angle.id                         1 
_pdbx_validate_rmsd_angle.PDB_model_num              1 
_pdbx_validate_rmsd_angle.auth_atom_id_1             NE 
_pdbx_validate_rmsd_angle.auth_asym_id_1             A 
_pdbx_validate_rmsd_angle.auth_comp_id_1             ARG 
_pdbx_validate_rmsd_angle.auth_seq_id_1              28 
_pdbx_validate_rmsd_angle.PDB_ins_code_1             ? 
_pdbx_validate_rmsd_angle.label_alt_id_1             ? 
_pdbx_validate_rmsd_angle.auth_atom_id_2             CZ 
_pdbx_validate_rmsd_angle.auth_asym_id_2             A 
_pdbx_validate_rmsd_angle.auth_comp_id_2             ARG 
_pdbx_validate_rmsd_angle.auth_seq_id_2              28 
_pdbx_validate_rmsd_angle.PDB_ins_code_2             ? 
_pdbx_validate_rmsd_angle.label_alt_id_2             ? 
_pdbx_validate_rmsd_angle.auth_atom_id_3             NH2 
_pdbx_validate_rmsd_angle.auth_asym_id_3             A 
_pdbx_validate_rmsd_angle.auth_comp_id_3             ARG 
_pdbx_validate_rmsd_angle.auth_seq_id_3              28 
_pdbx_validate_rmsd_angle.PDB_ins_code_3             ? 
_pdbx_validate_rmsd_angle.label_alt_id_3             ? 
_pdbx_validate_rmsd_angle.angle_value                124.30 
_pdbx_validate_rmsd_angle.angle_target_value         120.30 
_pdbx_validate_rmsd_angle.angle_deviation            4.00 
_pdbx_validate_rmsd_angle.angle_standard_deviation   0.50 
_pdbx_validate_rmsd_angle.linker_flag                N 
# 
_pdbx_unobs_or_zero_occ_residues.id               1 
_pdbx_unobs_or_zero_occ_residues.PDB_model_num    1 
_pdbx_unobs_or_zero_occ_residues.polymer_flag     Y 
_pdbx_unobs_or_zero_occ_residues.occupancy_flag   1 
_pdbx_unobs_or_zero_occ_residues.auth_asym_id     A 
_pdbx_unobs_or_zero_occ_residues.auth_comp_id     GLN 
_pdbx_unobs_or_zero_occ_residues.auth_seq_id      87 
_pdbx_unobs_or_zero_occ_residues.PDB_ins_code     ? 
_pdbx_unobs_or_zero_occ_residues.label_asym_id    A 
_pdbx_unobs_or_zero_occ_residues.label_comp_id    GLN 
_pdbx_unobs_or_zero_occ_residues.label_seq_id     87 
# 
loop_
_chem_comp_atom.comp_id 
_chem_comp_atom.atom_id 
_chem_comp_atom.type_symbol 
_chem_comp_atom.pdbx_aromatic_flag 
_chem_comp_atom.pdbx_stereo_config 
_chem_comp_atom.pdbx_ordinal 
ALA N    N N N 1   
ALA CA   C N S 2   
ALA C    C N N 3   
ALA O    O N N 4   
ALA CB   C N N 5   
ALA OXT  O N N 6   
ALA H    H N N 7   
ALA H2   H N N 8   
ALA HA   H N N 9   
ALA HB1  H N N 10  
ALA HB2  H N N 11  
ALA HB3  H N N 12  
ALA HXT  H N N 13  
ARG N    N N N 14  
ARG CA   C N S 15  
ARG C    C N N 16  
ARG O    O N N 17  
ARG CB   C N N 18  
ARG CG   C N N 19  
ARG CD   C N N 20  
ARG NE   N N N 21  
ARG CZ   C N N 22  
ARG NH1  N N N 23  
ARG NH2  N N N 24  
ARG OXT  O N N 25  
ARG H    H N N 26  
ARG H2   H N N 27  
ARG HA   H N N 28  
ARG HB2  H N N 29  
ARG HB3  H N N 30  
ARG HG2  H N N 31  
ARG HG3  H N N 32  
ARG HD2  H N N 33  
ARG HD3  H N N 34  
ARG HE   H N N 35  
ARG HH11 H N N 36  
ARG HH12 H N N 37  
ARG HH21 H N N 38  
ARG HH22 H N N 39  
ARG HXT  H N N 40  
ASN N    N N N 41  
ASN CA   C N S 42  
ASN C    C N N 43  
ASN O    O N N 44  
ASN CB   C N N 45  
ASN CG   C N N 46  
ASN OD1  O N N 47  
ASN ND2  N N N 48  
ASN OXT  O N N 49  
ASN H    H N N 50  
ASN H2   H N N 51  
ASN HA   H N N 52  
ASN HB2  H N N 53  
ASN HB3  H N N 54  
ASN HD21 H N N 55  
ASN HD22 H N N 56  
ASN HXT  H N N 57  
ASP N    N N N 58  
ASP CA   C N S 59  
ASP C    C N N 60  
ASP O    O N N 61  
ASP CB   C N N 62  
ASP CG   C N N 63  
ASP OD1  O N N 64  
ASP OD2  O N N 65  
ASP OXT  O N N 66  
ASP H    H N N 67  
ASP H2   H N N 68  
ASP HA   H N N 69  
ASP HB2  H N N 70  
ASP HB3  H N N 71  
ASP HD2  H N N 72  
ASP HXT  H N N 73  
GLN N    N N N 74  
GLN CA   C N S 75  
GLN C    C N N 76  
GLN O    O N N 77  
GLN CB   C N N 78  
GLN CG   C N N 79  
GLN CD   C N N 80  
GLN OE1  O N N 81  
GLN NE2  N N N 82  
GLN OXT  O N N 83  
GLN H    H N N 84  
GLN H2   H N N 85  
GLN HA   H N N 86  
GLN HB2  H N N 87  
GLN HB3  H N N 88  
GLN HG2  H N N 89  
GLN HG3  H N N 90  
GLN HE21 H N N 91  
GLN HE22 H N N 92  
GLN HXT  H N N 93  
GLU N    N N N 94  
GLU CA   C N S 95  
GLU C    C N N 96  
GLU O    O N N 97  
GLU CB   C N N 98  
GLU CG   C N N 99  
GLU CD   C N N 100 
GLU OE1  O N N 101 
GLU OE2  O N N 102 
GLU OXT  O N N 103 
GLU H    H N N 104 
GLU H2   H N N 105 
GLU HA   H N N 106 
GLU HB2  H N N 107 
GLU HB3  H N N 108 
GLU HG2  H N N 109 
GLU HG3  H N N 110 
GLU HE2  H N N 111 
GLU HXT  H N N 112 
GLY N    N N N 113 
GLY CA   C N N 114 
GLY C    C N N 115 
GLY O    O N N 116 
GLY OXT  O N N 117 
GLY H    H N N 118 
GLY H2   H N N 119 
GLY HA2  H N N 120 
GLY HA3  H N N 121 
GLY HXT  H N N 122 
HOH O    O N N 123 
HOH H1   H N N 124 
HOH H2   H N N 125 
ILE N    N N N 126 
ILE CA   C N S 127 
ILE C    C N N 128 
ILE O    O N N 129 
ILE CB   C N S 130 
ILE CG1  C N N 131 
ILE CG2  C N N 132 
ILE CD1  C N N 133 
ILE OXT  O N N 134 
ILE H    H N N 135 
ILE H2   H N N 136 
ILE HA   H N N 137 
ILE HB   H N N 138 
ILE HG12 H N N 139 
ILE HG13 H N N 140 
ILE HG21 H N N 141 
ILE HG22 H N N 142 
ILE HG23 H N N 143 
ILE HD11 H N N 144 
ILE HD12 H N N 145 
ILE HD13 H N N 146 
ILE HXT  H N N 147 
LEU N    N N N 148 
LEU CA   C N S 149 
LEU C    C N N 150 
LEU O    O N N 151 
LEU CB   C N N 152 
LEU CG   C N N 153 
LEU CD1  C N N 154 
LEU CD2  C N N 155 
LEU OXT  O N N 156 
LEU H    H N N 157 
LEU H2   H N N 158 
LEU HA   H N N 159 
LEU HB2  H N N 160 
LEU HB3  H N N 161 
LEU HG   H N N 162 
LEU HD11 H N N 163 
LEU HD12 H N N 164 
LEU HD13 H N N 165 
LEU HD21 H N N 166 
LEU HD22 H N N 167 
LEU HD23 H N N 168 
LEU HXT  H N N 169 
LYS N    N N N 170 
LYS CA   C N S 171 
LYS C    C N N 172 
LYS O    O N N 173 
LYS CB   C N N 174 
LYS CG   C N N 175 
LYS CD   C N N 176 
LYS CE   C N N 177 
LYS NZ   N N N 178 
LYS OXT  O N N 179 
LYS H    H N N 180 
LYS H2   H N N 181 
LYS HA   H N N 182 
LYS HB2  H N N 183 
LYS HB3  H N N 184 
LYS HG2  H N N 185 
LYS HG3  H N N 186 
LYS HD2  H N N 187 
LYS HD3  H N N 188 
LYS HE2  H N N 189 
LYS HE3  H N N 190 
LYS HZ1  H N N 191 
LYS HZ2  H N N 192 
LYS HZ3  H N N 193 
LYS HXT  H N N 194 
MET N    N N N 195 
MET CA   C N S 196 
MET C    C N N 197 
MET O    O N N 198 
MET CB   C N N 199 
MET CG   C N N 200 
MET SD   S N N 201 
MET CE   C N N 202 
MET OXT  O N N 203 
MET H    H N N 204 
MET H2   H N N 205 
MET HA   H N N 206 
MET HB2  H N N 207 
MET HB3  H N N 208 
MET HG2  H N N 209 
MET HG3  H N N 210 
MET HE1  H N N 211 
MET HE2  H N N 212 
MET HE3  H N N 213 
MET HXT  H N N 214 
PHE N    N N N 215 
PHE CA   C N S 216 
PHE C    C N N 217 
PHE O    O N N 218 
PHE CB   C N N 219 
PHE CG   C Y N 220 
PHE CD1  C Y N 221 
PHE CD2  C Y N 222 
PHE CE1  C Y N 223 
PHE CE2  C Y N 224 
PHE CZ   C Y N 225 
PHE OXT  O N N 226 
PHE H    H N N 227 
PHE H2   H N N 228 
PHE HA   H N N 229 
PHE HB2  H N N 230 
PHE HB3  H N N 231 
PHE HD1  H N N 232 
PHE HD2  H N N 233 
PHE HE1  H N N 234 
PHE HE2  H N N 235 
PHE HZ   H N N 236 
PHE HXT  H N N 237 
PRO N    N N N 238 
PRO CA   C N S 239 
PRO C    C N N 240 
PRO O    O N N 241 
PRO CB   C N N 242 
PRO CG   C N N 243 
PRO CD   C N N 244 
PRO OXT  O N N 245 
PRO H    H N N 246 
PRO HA   H N N 247 
PRO HB2  H N N 248 
PRO HB3  H N N 249 
PRO HG2  H N N 250 
PRO HG3  H N N 251 
PRO HD2  H N N 252 
PRO HD3  H N N 253 
PRO HXT  H N N 254 
SER N    N N N 255 
SER CA   C N S 256 
SER C    C N N 257 
SER O    O N N 258 
SER CB   C N N 259 
SER OG   O N N 260 
SER OXT  O N N 261 
SER H    H N N 262 
SER H2   H N N 263 
SER HA   H N N 264 
SER HB2  H N N 265 
SER HB3  H N N 266 
SER HG   H N N 267 
SER HXT  H N N 268 
SO4 S    S N N 269 
SO4 O1   O N N 270 
SO4 O2   O N N 271 
SO4 O3   O N N 272 
SO4 O4   O N N 273 
THR N    N N N 274 
THR CA   C N S 275 
THR C    C N N 276 
THR O    O N N 277 
THR CB   C N R 278 
THR OG1  O N N 279 
THR CG2  C N N 280 
THR OXT  O N N 281 
THR H    H N N 282 
THR H2   H N N 283 
THR HA   H N N 284 
THR HB   H N N 285 
THR HG1  H N N 286 
THR HG21 H N N 287 
THR HG22 H N N 288 
THR HG23 H N N 289 
THR HXT  H N N 290 
TYR N    N N N 291 
TYR CA   C N S 292 
TYR C    C N N 293 
TYR O    O N N 294 
TYR CB   C N N 295 
TYR CG   C Y N 296 
TYR CD1  C Y N 297 
TYR CD2  C Y N 298 
TYR CE1  C Y N 299 
TYR CE2  C Y N 300 
TYR CZ   C Y N 301 
TYR OH   O N N 302 
TYR OXT  O N N 303 
TYR H    H N N 304 
TYR H2   H N N 305 
TYR HA   H N N 306 
TYR HB2  H N N 307 
TYR HB3  H N N 308 
TYR HD1  H N N 309 
TYR HD2  H N N 310 
TYR HE1  H N N 311 
TYR HE2  H N N 312 
TYR HH   H N N 313 
TYR HXT  H N N 314 
VAL N    N N N 315 
VAL CA   C N S 316 
VAL C    C N N 317 
VAL O    O N N 318 
VAL CB   C N N 319 
VAL CG1  C N N 320 
VAL CG2  C N N 321 
VAL OXT  O N N 322 
VAL H    H N N 323 
VAL H2   H N N 324 
VAL HA   H N N 325 
VAL HB   H N N 326 
VAL HG11 H N N 327 
VAL HG12 H N N 328 
VAL HG13 H N N 329 
VAL HG21 H N N 330 
VAL HG22 H N N 331 
VAL HG23 H N N 332 
VAL HXT  H N N 333 
# 
loop_
_chem_comp_bond.comp_id 
_chem_comp_bond.atom_id_1 
_chem_comp_bond.atom_id_2 
_chem_comp_bond.value_order 
_chem_comp_bond.pdbx_aromatic_flag 
_chem_comp_bond.pdbx_stereo_config 
_chem_comp_bond.pdbx_ordinal 
ALA N   CA   sing N N 1   
ALA N   H    sing N N 2   
ALA N   H2   sing N N 3   
ALA CA  C    sing N N 4   
ALA CA  CB   sing N N 5   
ALA CA  HA   sing N N 6   
ALA C   O    doub N N 7   
ALA C   OXT  sing N N 8   
ALA CB  HB1  sing N N 9   
ALA CB  HB2  sing N N 10  
ALA CB  HB3  sing N N 11  
ALA OXT HXT  sing N N 12  
ARG N   CA   sing N N 13  
ARG N   H    sing N N 14  
ARG N   H2   sing N N 15  
ARG CA  C    sing N N 16  
ARG CA  CB   sing N N 17  
ARG CA  HA   sing N N 18  
ARG C   O    doub N N 19  
ARG C   OXT  sing N N 20  
ARG CB  CG   sing N N 21  
ARG CB  HB2  sing N N 22  
ARG CB  HB3  sing N N 23  
ARG CG  CD   sing N N 24  
ARG CG  HG2  sing N N 25  
ARG CG  HG3  sing N N 26  
ARG CD  NE   sing N N 27  
ARG CD  HD2  sing N N 28  
ARG CD  HD3  sing N N 29  
ARG NE  CZ   sing N N 30  
ARG NE  HE   sing N N 31  
ARG CZ  NH1  sing N N 32  
ARG CZ  NH2  doub N N 33  
ARG NH1 HH11 sing N N 34  
ARG NH1 HH12 sing N N 35  
ARG NH2 HH21 sing N N 36  
ARG NH2 HH22 sing N N 37  
ARG OXT HXT  sing N N 38  
ASN N   CA   sing N N 39  
ASN N   H    sing N N 40  
ASN N   H2   sing N N 41  
ASN CA  C    sing N N 42  
ASN CA  CB   sing N N 43  
ASN CA  HA   sing N N 44  
ASN C   O    doub N N 45  
ASN C   OXT  sing N N 46  
ASN CB  CG   sing N N 47  
ASN CB  HB2  sing N N 48  
ASN CB  HB3  sing N N 49  
ASN CG  OD1  doub N N 50  
ASN CG  ND2  sing N N 51  
ASN ND2 HD21 sing N N 52  
ASN ND2 HD22 sing N N 53  
ASN OXT HXT  sing N N 54  
ASP N   CA   sing N N 55  
ASP N   H    sing N N 56  
ASP N   H2   sing N N 57  
ASP CA  C    sing N N 58  
ASP CA  CB   sing N N 59  
ASP CA  HA   sing N N 60  
ASP C   O    doub N N 61  
ASP C   OXT  sing N N 62  
ASP CB  CG   sing N N 63  
ASP CB  HB2  sing N N 64  
ASP CB  HB3  sing N N 65  
ASP CG  OD1  doub N N 66  
ASP CG  OD2  sing N N 67  
ASP OD2 HD2  sing N N 68  
ASP OXT HXT  sing N N 69  
GLN N   CA   sing N N 70  
GLN N   H    sing N N 71  
GLN N   H2   sing N N 72  
GLN CA  C    sing N N 73  
GLN CA  CB   sing N N 74  
GLN CA  HA   sing N N 75  
GLN C   O    doub N N 76  
GLN C   OXT  sing N N 77  
GLN CB  CG   sing N N 78  
GLN CB  HB2  sing N N 79  
GLN CB  HB3  sing N N 80  
GLN CG  CD   sing N N 81  
GLN CG  HG2  sing N N 82  
GLN CG  HG3  sing N N 83  
GLN CD  OE1  doub N N 84  
GLN CD  NE2  sing N N 85  
GLN NE2 HE21 sing N N 86  
GLN NE2 HE22 sing N N 87  
GLN OXT HXT  sing N N 88  
GLU N   CA   sing N N 89  
GLU N   H    sing N N 90  
GLU N   H2   sing N N 91  
GLU CA  C    sing N N 92  
GLU CA  CB   sing N N 93  
GLU CA  HA   sing N N 94  
GLU C   O    doub N N 95  
GLU C   OXT  sing N N 96  
GLU CB  CG   sing N N 97  
GLU CB  HB2  sing N N 98  
GLU CB  HB3  sing N N 99  
GLU CG  CD   sing N N 100 
GLU CG  HG2  sing N N 101 
GLU CG  HG3  sing N N 102 
GLU CD  OE1  doub N N 103 
GLU CD  OE2  sing N N 104 
GLU OE2 HE2  sing N N 105 
GLU OXT HXT  sing N N 106 
GLY N   CA   sing N N 107 
GLY N   H    sing N N 108 
GLY N   H2   sing N N 109 
GLY CA  C    sing N N 110 
GLY CA  HA2  sing N N 111 
GLY CA  HA3  sing N N 112 
GLY C   O    doub N N 113 
GLY C   OXT  sing N N 114 
GLY OXT HXT  sing N N 115 
HOH O   H1   sing N N 116 
HOH O   H2   sing N N 117 
ILE N   CA   sing N N 118 
ILE N   H    sing N N 119 
ILE N   H2   sing N N 120 
ILE CA  C    sing N N 121 
ILE CA  CB   sing N N 122 
ILE CA  HA   sing N N 123 
ILE C   O    doub N N 124 
ILE C   OXT  sing N N 125 
ILE CB  CG1  sing N N 126 
ILE CB  CG2  sing N N 127 
ILE CB  HB   sing N N 128 
ILE CG1 CD1  sing N N 129 
ILE CG1 HG12 sing N N 130 
ILE CG1 HG13 sing N N 131 
ILE CG2 HG21 sing N N 132 
ILE CG2 HG22 sing N N 133 
ILE CG2 HG23 sing N N 134 
ILE CD1 HD11 sing N N 135 
ILE CD1 HD12 sing N N 136 
ILE CD1 HD13 sing N N 137 
ILE OXT HXT  sing N N 138 
LEU N   CA   sing N N 139 
LEU N   H    sing N N 140 
LEU N   H2   sing N N 141 
LEU CA  C    sing N N 142 
LEU CA  CB   sing N N 143 
LEU CA  HA   sing N N 144 
LEU C   O    doub N N 145 
LEU C   OXT  sing N N 146 
LEU CB  CG   sing N N 147 
LEU CB  HB2  sing N N 148 
LEU CB  HB3  sing N N 149 
LEU CG  CD1  sing N N 150 
LEU CG  CD2  sing N N 151 
LEU CG  HG   sing N N 152 
LEU CD1 HD11 sing N N 153 
LEU CD1 HD12 sing N N 154 
LEU CD1 HD13 sing N N 155 
LEU CD2 HD21 sing N N 156 
LEU CD2 HD22 sing N N 157 
LEU CD2 HD23 sing N N 158 
LEU OXT HXT  sing N N 159 
LYS N   CA   sing N N 160 
LYS N   H    sing N N 161 
LYS N   H2   sing N N 162 
LYS CA  C    sing N N 163 
LYS CA  CB   sing N N 164 
LYS CA  HA   sing N N 165 
LYS C   O    doub N N 166 
LYS C   OXT  sing N N 167 
LYS CB  CG   sing N N 168 
LYS CB  HB2  sing N N 169 
LYS CB  HB3  sing N N 170 
LYS CG  CD   sing N N 171 
LYS CG  HG2  sing N N 172 
LYS CG  HG3  sing N N 173 
LYS CD  CE   sing N N 174 
LYS CD  HD2  sing N N 175 
LYS CD  HD3  sing N N 176 
LYS CE  NZ   sing N N 177 
LYS CE  HE2  sing N N 178 
LYS CE  HE3  sing N N 179 
LYS NZ  HZ1  sing N N 180 
LYS NZ  HZ2  sing N N 181 
LYS NZ  HZ3  sing N N 182 
LYS OXT HXT  sing N N 183 
MET N   CA   sing N N 184 
MET N   H    sing N N 185 
MET N   H2   sing N N 186 
MET CA  C    sing N N 187 
MET CA  CB   sing N N 188 
MET CA  HA   sing N N 189 
MET C   O    doub N N 190 
MET C   OXT  sing N N 191 
MET CB  CG   sing N N 192 
MET CB  HB2  sing N N 193 
MET CB  HB3  sing N N 194 
MET CG  SD   sing N N 195 
MET CG  HG2  sing N N 196 
MET CG  HG3  sing N N 197 
MET SD  CE   sing N N 198 
MET CE  HE1  sing N N 199 
MET CE  HE2  sing N N 200 
MET CE  HE3  sing N N 201 
MET OXT HXT  sing N N 202 
PHE N   CA   sing N N 203 
PHE N   H    sing N N 204 
PHE N   H2   sing N N 205 
PHE CA  C    sing N N 206 
PHE CA  CB   sing N N 207 
PHE CA  HA   sing N N 208 
PHE C   O    doub N N 209 
PHE C   OXT  sing N N 210 
PHE CB  CG   sing N N 211 
PHE CB  HB2  sing N N 212 
PHE CB  HB3  sing N N 213 
PHE CG  CD1  doub Y N 214 
PHE CG  CD2  sing Y N 215 
PHE CD1 CE1  sing Y N 216 
PHE CD1 HD1  sing N N 217 
PHE CD2 CE2  doub Y N 218 
PHE CD2 HD2  sing N N 219 
PHE CE1 CZ   doub Y N 220 
PHE CE1 HE1  sing N N 221 
PHE CE2 CZ   sing Y N 222 
PHE CE2 HE2  sing N N 223 
PHE CZ  HZ   sing N N 224 
PHE OXT HXT  sing N N 225 
PRO N   CA   sing N N 226 
PRO N   CD   sing N N 227 
PRO N   H    sing N N 228 
PRO CA  C    sing N N 229 
PRO CA  CB   sing N N 230 
PRO CA  HA   sing N N 231 
PRO C   O    doub N N 232 
PRO C   OXT  sing N N 233 
PRO CB  CG   sing N N 234 
PRO CB  HB2  sing N N 235 
PRO CB  HB3  sing N N 236 
PRO CG  CD   sing N N 237 
PRO CG  HG2  sing N N 238 
PRO CG  HG3  sing N N 239 
PRO CD  HD2  sing N N 240 
PRO CD  HD3  sing N N 241 
PRO OXT HXT  sing N N 242 
SER N   CA   sing N N 243 
SER N   H    sing N N 244 
SER N   H2   sing N N 245 
SER CA  C    sing N N 246 
SER CA  CB   sing N N 247 
SER CA  HA   sing N N 248 
SER C   O    doub N N 249 
SER C   OXT  sing N N 250 
SER CB  OG   sing N N 251 
SER CB  HB2  sing N N 252 
SER CB  HB3  sing N N 253 
SER OG  HG   sing N N 254 
SER OXT HXT  sing N N 255 
SO4 S   O1   doub N N 256 
SO4 S   O2   doub N N 257 
SO4 S   O3   sing N N 258 
SO4 S   O4   sing N N 259 
THR N   CA   sing N N 260 
THR N   H    sing N N 261 
THR N   H2   sing N N 262 
THR CA  C    sing N N 263 
THR CA  CB   sing N N 264 
THR CA  HA   sing N N 265 
THR C   O    doub N N 266 
THR C   OXT  sing N N 267 
THR CB  OG1  sing N N 268 
THR CB  CG2  sing N N 269 
THR CB  HB   sing N N 270 
THR OG1 HG1  sing N N 271 
THR CG2 HG21 sing N N 272 
THR CG2 HG22 sing N N 273 
THR CG2 HG23 sing N N 274 
THR OXT HXT  sing N N 275 
TYR N   CA   sing N N 276 
TYR N   H    sing N N 277 
TYR N   H2   sing N N 278 
TYR CA  C    sing N N 279 
TYR CA  CB   sing N N 280 
TYR CA  HA   sing N N 281 
TYR C   O    doub N N 282 
TYR C   OXT  sing N N 283 
TYR CB  CG   sing N N 284 
TYR CB  HB2  sing N N 285 
TYR CB  HB3  sing N N 286 
TYR CG  CD1  doub Y N 287 
TYR CG  CD2  sing Y N 288 
TYR CD1 CE1  sing Y N 289 
TYR CD1 HD1  sing N N 290 
TYR CD2 CE2  doub Y N 291 
TYR CD2 HD2  sing N N 292 
TYR CE1 CZ   doub Y N 293 
TYR CE1 HE1  sing N N 294 
TYR CE2 CZ   sing Y N 295 
TYR CE2 HE2  sing N N 296 
TYR CZ  OH   sing N N 297 
TYR OH  HH   sing N N 298 
TYR OXT HXT  sing N N 299 
VAL N   CA   sing N N 300 
VAL N   H    sing N N 301 
VAL N   H2   sing N N 302 
VAL CA  C    sing N N 303 
VAL CA  CB   sing N N 304 
VAL CA  HA   sing N N 305 
VAL C   O    doub N N 306 
VAL C   OXT  sing N N 307 
VAL CB  CG1  sing N N 308 
VAL CB  CG2  sing N N 309 
VAL CB  HB   sing N N 310 
VAL CG1 HG11 sing N N 311 
VAL CG1 HG12 sing N N 312 
VAL CG1 HG13 sing N N 313 
VAL CG2 HG21 sing N N 314 
VAL CG2 HG22 sing N N 315 
VAL CG2 HG23 sing N N 316 
VAL OXT HXT  sing N N 317 
# 
_pdbx_initial_refinement_model.id               1 
_pdbx_initial_refinement_model.entity_id_list   ? 
_pdbx_initial_refinement_model.type             'experimental model' 
_pdbx_initial_refinement_model.source_name      PDB 
_pdbx_initial_refinement_model.accession_code   1MO1 
_pdbx_initial_refinement_model.details          'pdb entry 1MO1' 
# 
_atom_sites.entry_id                    1MU4 
_atom_sites.fract_transf_matrix[1][1]   0.01357751 
_atom_sites.fract_transf_matrix[1][2]   0.00372746 
_atom_sites.fract_transf_matrix[1][3]   0.00356423 
_atom_sites.fract_transf_matrix[2][1]   -0.00288513 
_atom_sites.fract_transf_matrix[2][2]   0.01380975 
_atom_sites.fract_transf_matrix[2][3]   -0.00345160 
_atom_sites.fract_transf_matrix[3][1]   -0.00245555 
_atom_sites.fract_transf_matrix[3][2]   0.00144678 
_atom_sites.fract_transf_matrix[3][3]   0.00784109 
_atom_sites.fract_transf_vector[1]      0.943875 
_atom_sites.fract_transf_vector[2]      0.650149 
_atom_sites.fract_transf_vector[3]      0.410966 
# 
loop_
_atom_type.symbol 
C 
N 
O 
S 
# 
loop_
_atom_site.group_PDB 
_atom_site.id 
_atom_site.type_symbol 
_atom_site.label_atom_id 
_atom_site.label_alt_id 
_atom_site.label_comp_id 
_atom_site.label_asym_id 
_atom_site.label_entity_id 
_atom_site.label_seq_id 
_atom_site.pdbx_PDB_ins_code 
_atom_site.Cartn_x 
_atom_site.Cartn_y 
_atom_site.Cartn_z 
_atom_site.occupancy 
_atom_site.B_iso_or_equiv 
_atom_site.pdbx_formal_charge 
_atom_site.auth_seq_id 
_atom_site.auth_comp_id 
_atom_site.auth_asym_id 
_atom_site.auth_atom_id 
_atom_site.pdbx_PDB_model_num 
ATOM   1    N N   . MET A 1 1  ? -29.141 -3.865  1.984   1.00 43.36 ? 1   MET A N   1 
ATOM   2    C CA  . MET A 1 1  ? -27.731 -3.571  1.695   1.00 38.98 ? 1   MET A CA  1 
ATOM   3    C C   . MET A 1 1  ? -27.324 -4.207  0.362   1.00 38.11 ? 1   MET A C   1 
ATOM   4    O O   . MET A 1 1  ? -28.012 -5.099  -0.160  1.00 35.59 ? 1   MET A O   1 
ATOM   5    C CB  . MET A 1 1  ? -26.844 -4.131  2.810   1.00 49.19 ? 1   MET A CB  1 
ATOM   6    C CG  . MET A 1 1  ? -26.239 -5.486  2.468   1.00 59.73 ? 1   MET A CG  1 
ATOM   7    S SD  . MET A 1 1  ? -25.174 -6.107  3.743   1.00 73.27 ? 1   MET A SD  1 
ATOM   8    C CE  . MET A 1 1  ? -23.948 -6.947  2.774   1.00 63.97 ? 1   MET A CE  1 
ATOM   9    N N   . VAL A 1 2  ? -26.253 -3.675  -0.229  1.00 24.42 ? 2   VAL A N   1 
ATOM   10   C CA  . VAL A 1 2  ? -25.796 -4.148  -1.522  1.00 21.06 ? 2   VAL A CA  1 
ATOM   11   C C   . VAL A 1 2  ? -24.288 -4.323  -1.552  1.00 24.59 ? 2   VAL A C   1 
ATOM   12   O O   . VAL A 1 2  ? -23.556 -3.694  -0.791  1.00 20.46 ? 2   VAL A O   1 
ATOM   13   C CB  . VAL A 1 2  ? -26.232 -3.191  -2.660  1.00 29.04 ? 2   VAL A CB  1 
ATOM   14   C CG1 . VAL A 1 2  ? -27.743 -3.237  -2.834  1.00 37.01 ? 2   VAL A CG1 1 
ATOM   15   C CG2 . VAL A 1 2  ? -25.789 -1.758  -2.359  1.00 27.21 ? 2   VAL A CG2 1 
ATOM   16   N N   . GLN A 1 3  ? -23.821 -5.216  -2.407  1.00 20.27 ? 3   GLN A N   1 
ATOM   17   C CA  . GLN A 1 3  ? -22.391 -5.422  -2.512  1.00 23.17 ? 3   GLN A CA  1 
ATOM   18   C C   . GLN A 1 3  ? -21.998 -5.754  -3.925  1.00 28.16 ? 3   GLN A C   1 
ATOM   19   O O   . GLN A 1 3  ? -22.828 -6.179  -4.741  1.00 26.14 ? 3   GLN A O   1 
ATOM   20   C CB  . GLN A 1 3  ? -21.907 -6.498  -1.540  1.00 26.48 ? 3   GLN A CB  1 
ATOM   21   C CG  . GLN A 1 3  ? -22.396 -7.902  -1.803  1.00 34.18 ? 3   GLN A CG  1 
ATOM   22   C CD  . GLN A 1 3  ? -21.762 -8.901  -0.847  1.00 44.80 ? 3   GLN A CD  1 
ATOM   23   O OE1 . GLN A 1 3  ? -21.834 -8.743  0.374   1.00 50.44 ? 3   GLN A OE1 1 
ATOM   24   N NE2 . GLN A 1 3  ? -21.106 -9.915  -1.402  1.00 49.27 ? 3   GLN A NE2 1 
ATOM   25   N N   . GLN A 1 4  ? -20.732 -5.521  -4.227  1.00 20.92 ? 4   GLN A N   1 
ATOM   26   C CA  . GLN A 1 4  ? -20.228 -5.788  -5.558  1.00 24.40 ? 4   GLN A CA  1 
ATOM   27   C C   . GLN A 1 4  ? -18.730 -5.999  -5.495  1.00 25.05 ? 4   GLN A C   1 
ATOM   28   O O   . GLN A 1 4  ? -18.036 -5.301  -4.759  1.00 21.46 ? 4   GLN A O   1 
ATOM   29   C CB  . GLN A 1 4  ? -20.537 -4.586  -6.450  1.00 27.76 ? 4   GLN A CB  1 
ATOM   30   C CG  . GLN A 1 4  ? -20.136 -4.720  -7.906  1.00 37.75 ? 4   GLN A CG  1 
ATOM   31   C CD  . GLN A 1 4  ? -20.497 -3.477  -8.700  1.00 44.47 ? 4   GLN A CD  1 
ATOM   32   O OE1 . GLN A 1 4  ? -21.425 -2.758  -8.345  1.00 50.27 ? 4   GLN A OE1 1 
ATOM   33   N NE2 . GLN A 1 4  ? -19.751 -3.208  -9.762  1.00 49.88 ? 4   GLN A NE2 1 
ATOM   34   N N   . LYS A 1 5  ? -18.237 -6.974  -6.258  1.00 22.30 ? 5   LYS A N   1 
ATOM   35   C CA  . LYS A 1 5  ? -16.804 -7.237  -6.312  1.00 23.12 ? 5   LYS A CA  1 
ATOM   36   C C   . LYS A 1 5  ? -16.238 -6.269  -7.335  1.00 25.33 ? 5   LYS A C   1 
ATOM   37   O O   . LYS A 1 5  ? -16.809 -6.080  -8.414  1.00 26.86 ? 5   LYS A O   1 
ATOM   38   C CB  . LYS A 1 5  ? -16.516 -8.690  -6.728  1.00 27.74 ? 5   LYS A CB  1 
ATOM   39   C CG  . LYS A 1 5  ? -16.871 -9.715  -5.661  1.00 43.40 ? 5   LYS A CG  1 
ATOM   40   C CD  . LYS A 1 5  ? -16.232 -11.065 -5.952  1.00 59.62 ? 5   LYS A CD  1 
ATOM   41   C CE  . LYS A 1 5  ? -16.641 -12.114 -4.926  1.00 67.51 ? 5   LYS A CE  1 
ATOM   42   N NZ  . LYS A 1 5  ? -18.100 -12.425 -4.986  1.00 73.89 ? 5   LYS A NZ  1 
ATOM   43   N N   . VAL A 1 6  ? -15.155 -5.593  -6.967  1.00 20.96 ? 6   VAL A N   1 
ATOM   44   C CA  . VAL A 1 6  ? -14.525 -4.619  -7.846  1.00 24.90 ? 6   VAL A CA  1 
ATOM   45   C C   . VAL A 1 6  ? -13.018 -4.839  -7.872  1.00 26.74 ? 6   VAL A C   1 
ATOM   46   O O   . VAL A 1 6  ? -12.454 -5.384  -6.930  1.00 26.29 ? 6   VAL A O   1 
ATOM   47   C CB  . VAL A 1 6  ? -14.807 -3.159  -7.370  1.00 30.00 ? 6   VAL A CB  1 
ATOM   48   C CG1 . VAL A 1 6  ? -16.295 -2.838  -7.470  1.00 35.66 ? 6   VAL A CG1 1 
ATOM   49   C CG2 . VAL A 1 6  ? -14.321 -2.958  -5.939  1.00 27.06 ? 6   VAL A CG2 1 
ATOM   50   N N   . GLU A 1 7  ? -12.377 -4.425  -8.960  1.00 23.72 ? 7   GLU A N   1 
ATOM   51   C CA  . GLU A 1 7  ? -10.932 -4.565  -9.094  1.00 26.48 ? 7   GLU A CA  1 
ATOM   52   C C   . GLU A 1 7  ? -10.261 -3.271  -8.645  1.00 24.17 ? 7   GLU A C   1 
ATOM   53   O O   . GLU A 1 7  ? -10.606 -2.189  -9.116  1.00 28.59 ? 7   GLU A O   1 
ATOM   54   C CB  . GLU A 1 7  ? -10.559 -4.848  -10.555 1.00 30.64 ? 7   GLU A CB  1 
ATOM   55   C CG  . GLU A 1 7  ? -9.070  -5.100  -10.760 1.00 42.52 ? 7   GLU A CG  1 
ATOM   56   C CD  . GLU A 1 7  ? -8.682  -5.262  -12.221 1.00 52.39 ? 7   GLU A CD  1 
ATOM   57   O OE1 . GLU A 1 7  ? -9.540  -5.664  -13.036 1.00 55.29 ? 7   GLU A OE1 1 
ATOM   58   O OE2 . GLU A 1 7  ? -7.511  -4.979  -12.551 1.00 52.84 ? 7   GLU A OE2 1 
ATOM   59   N N   . VAL A 1 8  ? -9.300  -3.377  -7.733  1.00 23.90 ? 8   VAL A N   1 
ATOM   60   C CA  . VAL A 1 8  ? -8.601  -2.187  -7.263  1.00 23.44 ? 8   VAL A CA  1 
ATOM   61   C C   . VAL A 1 8  ? -7.604  -1.727  -8.322  1.00 26.44 ? 8   VAL A C   1 
ATOM   62   O O   . VAL A 1 8  ? -6.637  -2.427  -8.601  1.00 29.72 ? 8   VAL A O   1 
ATOM   63   C CB  . VAL A 1 8  ? -7.818  -2.467  -5.959  1.00 22.98 ? 8   VAL A CB  1 
ATOM   64   C CG1 . VAL A 1 8  ? -7.059  -1.214  -5.516  1.00 27.03 ? 8   VAL A CG1 1 
ATOM   65   C CG2 . VAL A 1 8  ? -8.768  -2.941  -4.865  1.00 24.19 ? 8   VAL A CG2 1 
ATOM   66   N N   . ARG A 1 9  ? -7.842  -0.557  -8.909  1.00 23.81 ? 9   ARG A N   1 
ATOM   67   C CA  . ARG A 1 9  ? -6.927  -0.019  -9.902  1.00 25.48 ? 9   ARG A CA  1 
ATOM   68   C C   . ARG A 1 9  ? -6.160  1.177   -9.344  1.00 29.24 ? 9   ARG A C   1 
ATOM   69   O O   . ARG A 1 9  ? -5.307  1.759   -10.019 1.00 31.06 ? 9   ARG A O   1 
ATOM   70   C CB  . ARG A 1 9  ? -7.663  0.331   -11.201 1.00 28.31 ? 9   ARG A CB  1 
ATOM   71   C CG  . ARG A 1 9  ? -8.173  -0.904  -11.934 1.00 37.71 ? 9   ARG A CG  1 
ATOM   72   C CD  . ARG A 1 9  ? -8.585  -0.597  -13.362 1.00 49.90 ? 9   ARG A CD  1 
ATOM   73   N NE  . ARG A 1 9  ? -9.023  -1.809  -14.050 1.00 63.49 ? 9   ARG A NE  1 
ATOM   74   C CZ  . ARG A 1 9  ? -10.256 -2.015  -14.508 1.00 66.90 ? 9   ARG A CZ  1 
ATOM   75   N NH1 . ARG A 1 9  ? -11.193 -1.085  -14.362 1.00 63.40 ? 9   ARG A NH1 1 
ATOM   76   N NH2 . ARG A 1 9  ? -10.558 -3.165  -15.097 1.00 68.49 ? 9   ARG A NH2 1 
ATOM   77   N N   . LEU A 1 10 ? -6.459  1.528   -8.095  1.00 24.14 ? 10  LEU A N   1 
ATOM   78   C CA  . LEU A 1 10 ? -5.785  2.627   -7.412  1.00 21.80 ? 10  LEU A CA  1 
ATOM   79   C C   . LEU A 1 10 ? -4.360  2.178   -7.063  1.00 21.36 ? 10  LEU A C   1 
ATOM   80   O O   . LEU A 1 10 ? -4.093  0.985   -6.947  1.00 24.15 ? 10  LEU A O   1 
ATOM   81   C CB  . LEU A 1 10 ? -6.525  2.973   -6.124  1.00 23.09 ? 10  LEU A CB  1 
ATOM   82   C CG  . LEU A 1 10 ? -7.990  3.374   -6.306  1.00 26.87 ? 10  LEU A CG  1 
ATOM   83   C CD1 . LEU A 1 10 ? -8.655  3.529   -4.943  1.00 28.48 ? 10  LEU A CD1 1 
ATOM   84   C CD2 . LEU A 1 10 ? -8.073  4.668   -7.108  1.00 29.34 ? 10  LEU A CD2 1 
ATOM   85   N N   . LYS A 1 11 ? -3.467  3.140   -6.868  1.00 25.66 ? 11  LYS A N   1 
ATOM   86   C CA  . LYS A 1 11 ? -2.076  2.831   -6.542  1.00 22.82 ? 11  LYS A CA  1 
ATOM   87   C C   . LYS A 1 11 ? -1.904  2.324   -5.117  1.00 20.97 ? 11  LYS A C   1 
ATOM   88   O O   . LYS A 1 11 ? -2.532  2.837   -4.189  1.00 21.35 ? 11  LYS A O   1 
ATOM   89   C CB  . LYS A 1 11 ? -1.193  4.062   -6.735  1.00 27.88 ? 11  LYS A CB  1 
ATOM   90   C CG  . LYS A 1 11 ? -0.791  4.319   -8.180  1.00 48.49 ? 11  LYS A CG  1 
ATOM   91   C CD  . LYS A 1 11 ? 0.216   5.457   -8.274  1.00 57.28 ? 11  LYS A CD  1 
ATOM   92   C CE  . LYS A 1 11 ? 0.619   5.723   -9.720  1.00 70.49 ? 11  LYS A CE  1 
ATOM   93   N NZ  . LYS A 1 11 ? 1.593   6.849   -9.826  1.00 75.75 ? 11  LYS A NZ  1 
ATOM   94   N N   . THR A 1 12 ? -1.017  1.350   -4.960  1.00 19.84 ? 12  THR A N   1 
ATOM   95   C CA  . THR A 1 12 ? -0.724  0.766   -3.654  1.00 20.37 ? 12  THR A CA  1 
ATOM   96   C C   . THR A 1 12 ? 0.762   0.934   -3.352  1.00 21.36 ? 12  THR A C   1 
ATOM   97   O O   . THR A 1 12 ? 1.559   1.228   -4.242  1.00 21.44 ? 12  THR A O   1 
ATOM   98   C CB  . THR A 1 12 ? -1.071  -0.748  -3.590  1.00 25.02 ? 12  THR A CB  1 
ATOM   99   O OG1 . THR A 1 12 ? -0.386  -1.461  -4.632  1.00 25.02 ? 12  THR A OG1 1 
ATOM   100  C CG2 . THR A 1 12 ? -2.583  -0.973  -3.729  1.00 20.96 ? 12  THR A CG2 1 
ATOM   101  N N   . GLY A 1 13 ? 1.115   0.770   -2.087  1.00 20.44 ? 13  GLY A N   1 
ATOM   102  C CA  . GLY A 1 13 ? 2.503   0.886   -1.669  1.00 20.77 ? 13  GLY A CA  1 
ATOM   103  C C   . GLY A 1 13 ? 2.649   0.196   -0.333  1.00 20.45 ? 13  GLY A C   1 
ATOM   104  O O   . GLY A 1 13 ? 1.675   -0.328  0.202   1.00 18.37 ? 13  GLY A O   1 
ATOM   105  N N   . LEU A 1 14 ? 3.860   0.165   0.213   1.00 15.46 ? 14  LEU A N   1 
ATOM   106  C CA  . LEU A 1 14 ? 4.055   -0.478  1.502   1.00 12.52 ? 14  LEU A CA  1 
ATOM   107  C C   . LEU A 1 14 ? 3.137   0.125   2.563   1.00 16.46 ? 14  LEU A C   1 
ATOM   108  O O   . LEU A 1 14 ? 2.886   1.330   2.571   1.00 17.73 ? 14  LEU A O   1 
ATOM   109  C CB  . LEU A 1 14 ? 5.510   -0.285  1.956   1.00 15.96 ? 14  LEU A CB  1 
ATOM   110  C CG  . LEU A 1 14 ? 6.543   -0.995  1.085   1.00 21.34 ? 14  LEU A CG  1 
ATOM   111  C CD1 . LEU A 1 14 ? 7.964   -0.571  1.498   1.00 24.02 ? 14  LEU A CD1 1 
ATOM   112  C CD2 . LEU A 1 14 ? 6.359   -2.491  1.252   1.00 25.13 ? 14  LEU A CD2 1 
ATOM   113  N N   . GLN A 1 15 ? 2.604   -0.727  3.432   1.00 17.39 ? 15  GLN A N   1 
ATOM   114  C CA  . GLN A 1 15 ? 1.765   -0.238  4.523   1.00 16.43 ? 15  GLN A CA  1 
ATOM   115  C C   . GLN A 1 15 ? 2.659   0.474   5.539   1.00 21.13 ? 15  GLN A C   1 
ATOM   116  O O   . GLN A 1 15 ? 3.869   0.254   5.570   1.00 18.07 ? 15  GLN A O   1 
ATOM   117  C CB  . GLN A 1 15 ? 1.022   -1.392  5.178   1.00 17.30 ? 15  GLN A CB  1 
ATOM   118  C CG  . GLN A 1 15 ? -0.175  -1.835  4.353   1.00 20.16 ? 15  GLN A CG  1 
ATOM   119  C CD  . GLN A 1 15 ? -1.057  -2.819  5.094   1.00 29.90 ? 15  GLN A CD  1 
ATOM   120  O OE1 . GLN A 1 15 ? -0.773  -3.197  6.227   1.00 40.09 ? 15  GLN A OE1 1 
ATOM   121  N NE2 . GLN A 1 15 ? -2.142  -3.225  4.460   1.00 30.88 ? 15  GLN A NE2 1 
ATOM   122  N N   . ALA A 1 16 ? 2.053   1.311   6.374   1.00 20.46 ? 16  ALA A N   1 
ATOM   123  C CA  . ALA A 1 16 ? 2.788   2.089   7.366   1.00 22.70 ? 16  ALA A CA  1 
ATOM   124  C C   . ALA A 1 16 ? 3.678   1.312   8.323   1.00 16.47 ? 16  ALA A C   1 
ATOM   125  O O   . ALA A 1 16 ? 4.824   1.711   8.565   1.00 17.67 ? 16  ALA A O   1 
ATOM   126  C CB  . ALA A 1 16 ? 1.818   2.985   8.159   1.00 21.70 ? 16  ALA A CB  1 
ATOM   127  N N   . ARG A 1 17 ? 3.159   0.232   8.900   1.00 17.17 ? 17  ARG A N   1 
ATOM   128  C CA  . ARG A 1 17 ? 3.940   -0.529  9.871   1.00 20.79 ? 17  ARG A CA  1 
ATOM   129  C C   . ARG A 1 17 ? 5.177   -1.182  9.262   1.00 20.32 ? 17  ARG A C   1 
ATOM   130  O O   . ARG A 1 17 ? 6.281   -1.018  9.784   1.00 17.52 ? 17  ARG A O   1 
ATOM   131  C CB  . ARG A 1 17 ? 3.064   -1.546  10.618  1.00 21.02 ? 17  ARG A CB  1 
ATOM   132  C CG  . ARG A 1 17 ? 3.784   -2.241  11.786  1.00 24.28 ? 17  ARG A CG  1 
ATOM   133  C CD  . ARG A 1 17 ? 4.269   -1.220  12.809  1.00 30.01 ? 17  ARG A CD  1 
ATOM   134  N NE  . ARG A 1 17 ? 4.788   -1.844  14.027  1.00 37.62 ? 17  ARG A NE  1 
ATOM   135  C CZ  . ARG A 1 17 ? 5.407   -1.191  15.010  1.00 41.58 ? 17  ARG A CZ  1 
ATOM   136  N NH1 . ARG A 1 17 ? 5.601   0.123   14.944  1.00 28.55 ? 17  ARG A NH1 1 
ATOM   137  N NH2 . ARG A 1 17 ? 5.834   -1.860  16.071  1.00 40.01 ? 17  ARG A NH2 1 
ATOM   138  N N   . PRO A 1 18 ? 5.020   -1.927  8.148   1.00 19.31 ? 18  PRO A N   1 
ATOM   139  C CA  . PRO A 1 18 ? 6.203   -2.556  7.540   1.00 19.13 ? 18  PRO A CA  1 
ATOM   140  C C   . PRO A 1 18 ? 7.231   -1.495  7.120   1.00 16.72 ? 18  PRO A C   1 
ATOM   141  O O   . PRO A 1 18 ? 8.430   -1.742  7.199   1.00 18.13 ? 18  PRO A O   1 
ATOM   142  C CB  . PRO A 1 18 ? 5.631   -3.266  6.310   1.00 20.03 ? 18  PRO A CB  1 
ATOM   143  C CG  . PRO A 1 18 ? 4.227   -3.589  6.720   1.00 28.60 ? 18  PRO A CG  1 
ATOM   144  C CD  . PRO A 1 18 ? 3.780   -2.356  7.468   1.00 21.09 ? 18  PRO A CD  1 
ATOM   145  N N   . ALA A 1 19 ? 6.762   -0.334  6.661   1.00 15.51 ? 19  ALA A N   1 
ATOM   146  C CA  . ALA A 1 19 ? 7.672   0.742   6.263   1.00 16.24 ? 19  ALA A CA  1 
ATOM   147  C C   . ALA A 1 19 ? 8.434   1.257   7.483   1.00 16.84 ? 19  ALA A C   1 
ATOM   148  O O   . ALA A 1 19 ? 9.655   1.426   7.432   1.00 16.00 ? 19  ALA A O   1 
ATOM   149  C CB  . ALA A 1 19 ? 6.904   1.883   5.609   1.00 17.68 ? 19  ALA A CB  1 
ATOM   150  N N   . ALA A 1 20 ? 7.722   1.474   8.593   1.00 15.28 ? 20  ALA A N   1 
ATOM   151  C CA  . ALA A 1 20 ? 8.368   1.958   9.823   1.00 16.48 ? 20  ALA A CA  1 
ATOM   152  C C   . ALA A 1 20 ? 9.371   0.949   10.375  1.00 16.86 ? 20  ALA A C   1 
ATOM   153  O O   . ALA A 1 20 ? 10.437  1.331   10.866  1.00 16.76 ? 20  ALA A O   1 
ATOM   154  C CB  . ALA A 1 20 ? 7.312   2.289   10.896  1.00 16.51 ? 20  ALA A CB  1 
ATOM   155  N N   . LEU A 1 21 ? 9.029   -0.336  10.322  1.00 15.86 ? 21  LEU A N   1 
ATOM   156  C CA  . LEU A 1 21 ? 9.935   -1.372  10.829  1.00 16.72 ? 21  LEU A CA  1 
ATOM   157  C C   . LEU A 1 21 ? 11.160  -1.528  9.941   1.00 16.64 ? 21  LEU A C   1 
ATOM   158  O O   . LEU A 1 21 ? 12.247  -1.873  10.424  1.00 19.49 ? 21  LEU A O   1 
ATOM   159  C CB  . LEU A 1 21 ? 9.210   -2.715  11.000  1.00 16.86 ? 21  LEU A CB  1 
ATOM   160  C CG  . LEU A 1 21 ? 8.141   -2.721  12.103  1.00 28.96 ? 21  LEU A CG  1 
ATOM   161  C CD1 . LEU A 1 21 ? 7.464   -4.086  12.179  1.00 28.39 ? 21  LEU A CD1 1 
ATOM   162  C CD2 . LEU A 1 21 ? 8.775   -2.370  13.435  1.00 29.72 ? 21  LEU A CD2 1 
ATOM   163  N N   . PHE A 1 22 ? 10.987  -1.291  8.644   1.00 16.73 ? 22  PHE A N   1 
ATOM   164  C CA  . PHE A 1 22 ? 12.117  -1.360  7.716   1.00 19.04 ? 22  PHE A CA  1 
ATOM   165  C C   . PHE A 1 22 ? 13.108  -0.274  8.123   1.00 17.25 ? 22  PHE A C   1 
ATOM   166  O O   . PHE A 1 22 ? 14.324  -0.500  8.177   1.00 15.91 ? 22  PHE A O   1 
ATOM   167  C CB  . PHE A 1 22 ? 11.657  -1.102  6.274   1.00 15.88 ? 22  PHE A CB  1 
ATOM   168  C CG  . PHE A 1 22 ? 12.784  -1.130  5.256   1.00 18.82 ? 22  PHE A CG  1 
ATOM   169  C CD1 . PHE A 1 22 ? 13.673  -0.066  5.145   1.00 22.23 ? 22  PHE A CD1 1 
ATOM   170  C CD2 . PHE A 1 22 ? 12.954  -2.228  4.420   1.00 28.12 ? 22  PHE A CD2 1 
ATOM   171  C CE1 . PHE A 1 22 ? 14.720  -0.091  4.219   1.00 23.62 ? 22  PHE A CE1 1 
ATOM   172  C CE2 . PHE A 1 22 ? 14.004  -2.262  3.485   1.00 27.97 ? 22  PHE A CE2 1 
ATOM   173  C CZ  . PHE A 1 22 ? 14.883  -1.193  3.388   1.00 26.65 ? 22  PHE A CZ  1 
ATOM   174  N N   . VAL A 1 23 ? 12.588  0.922   8.371   1.00 15.61 ? 23  VAL A N   1 
ATOM   175  C CA  . VAL A 1 23 ? 13.445  2.037   8.762   1.00 15.71 ? 23  VAL A CA  1 
ATOM   176  C C   . VAL A 1 23 ? 14.122  1.768   10.101  1.00 17.30 ? 23  VAL A C   1 
ATOM   177  O O   . VAL A 1 23 ? 15.306  2.079   10.262  1.00 16.59 ? 23  VAL A O   1 
ATOM   178  C CB  . VAL A 1 23 ? 12.670  3.362   8.764   1.00 14.99 ? 23  VAL A CB  1 
ATOM   179  C CG1 . VAL A 1 23 ? 13.551  4.498   9.291   1.00 16.87 ? 23  VAL A CG1 1 
ATOM   180  C CG2 . VAL A 1 23 ? 12.206  3.673   7.329   1.00 18.23 ? 23  VAL A CG2 1 
ATOM   181  N N   . GLN A 1 24 ? 13.404  1.165   11.052  1.00 16.86 ? 24  GLN A N   1 
ATOM   182  C CA  . GLN A 1 24 ? 14.039  0.843   12.334  1.00 16.40 ? 24  GLN A CA  1 
ATOM   183  C C   . GLN A 1 24 ? 15.222  -0.086  12.083  1.00 19.31 ? 24  GLN A C   1 
ATOM   184  O O   . GLN A 1 24 ? 16.302  0.094   12.652  1.00 17.26 ? 24  GLN A O   1 
ATOM   185  C CB  . GLN A 1 24 ? 13.063  0.176   13.311  1.00 16.87 ? 24  GLN A CB  1 
ATOM   186  C CG  . GLN A 1 24 ? 12.140  1.175   14.005  1.00 18.22 ? 24  GLN A CG  1 
ATOM   187  C CD  . GLN A 1 24 ? 11.179  0.530   15.009  1.00 25.27 ? 24  GLN A CD  1 
ATOM   188  O OE1 . GLN A 1 24 ? 10.208  1.155   15.437  1.00 28.83 ? 24  GLN A OE1 1 
ATOM   189  N NE2 . GLN A 1 24 ? 11.453  -0.704  15.389  1.00 19.01 ? 24  GLN A NE2 1 
ATOM   190  N N   . GLU A 1 25 ? 15.026  -1.067  11.209  1.00 17.88 ? 25  GLU A N   1 
ATOM   191  C CA  . GLU A 1 25 ? 16.103  -1.996  10.873  1.00 18.18 ? 25  GLU A CA  1 
ATOM   192  C C   . GLU A 1 25 ? 17.250  -1.253  10.168  1.00 18.76 ? 25  GLU A C   1 
ATOM   193  O O   . GLU A 1 25 ? 18.422  -1.467  10.485  1.00 20.39 ? 25  GLU A O   1 
ATOM   194  C CB  . GLU A 1 25 ? 15.571  -3.093  9.956   1.00 20.77 ? 25  GLU A CB  1 
ATOM   195  C CG  . GLU A 1 25 ? 16.380  -4.362  9.975   1.00 48.30 ? 25  GLU A CG  1 
ATOM   196  C CD  . GLU A 1 25 ? 16.034  -5.221  11.168  1.00 58.17 ? 25  GLU A CD  1 
ATOM   197  O OE1 . GLU A 1 25 ? 14.994  -5.915  11.115  1.00 67.29 ? 25  GLU A OE1 1 
ATOM   198  O OE2 . GLU A 1 25 ? 16.786  -5.188  12.162  1.00 54.84 ? 25  GLU A OE2 1 
ATOM   199  N N   . ALA A 1 26 ? 16.913  -0.326  9.295   1.00 14.84 ? 26  ALA A N   1 
ATOM   200  C CA  . ALA A 1 26 ? 17.952  0.344   8.502   1.00 16.88 ? 26  ALA A CA  1 
ATOM   201  C C   . ALA A 1 26 ? 18.772  1.298   9.383   1.00 21.01 ? 26  ALA A C   1 
ATOM   202  O O   . ALA A 1 26 ? 19.943  1.585   9.101   1.00 17.74 ? 26  ALA A O   1 
ATOM   203  C CB  . ALA A 1 26 ? 17.310  1.155   7.371   1.00 17.88 ? 26  ALA A CB  1 
ATOM   204  N N   . ASN A 1 27 ? 18.133  1.769   10.438  1.00 17.04 ? 27  ASN A N   1 
ATOM   205  C CA  . ASN A 1 27 ? 18.758  2.714   11.384  1.00 17.02 ? 27  ASN A CA  1 
ATOM   206  C C   . ASN A 1 27 ? 19.893  2.031   12.182  1.00 19.06 ? 27  ASN A C   1 
ATOM   207  O O   . ASN A 1 27 ? 20.687  2.701   12.860  1.00 22.51 ? 27  ASN A O   1 
ATOM   208  C CB  . ASN A 1 27 ? 17.702  3.256   12.352  1.00 15.42 ? 27  ASN A CB  1 
ATOM   209  C CG  . ASN A 1 27 ? 16.866  4.385   11.731  1.00 21.20 ? 27  ASN A CG  1 
ATOM   210  O OD1 . ASN A 1 27 ? 15.818  4.747   12.266  1.00 24.79 ? 27  ASN A OD1 1 
ATOM   211  N ND2 . ASN A 1 27 ? 17.270  4.973   10.618  1.00 18.02 ? 27  ASN A ND2 1 
ATOM   212  N N   . ARG A 1 28 ? 19.945  0.705   12.077  1.00 19.06 ? 28  ARG A N   1 
ATOM   213  C CA  . ARG A 1 28 ? 20.983  -0.121  12.753  1.00 23.27 ? 28  ARG A CA  1 
ATOM   214  C C   . ARG A 1 28 ? 22.358  0.092   12.094  1.00 26.73 ? 28  ARG A C   1 
ATOM   215  O O   . ARG A 1 28 ? 23.409  -0.142  12.709  1.00 26.09 ? 28  ARG A O   1 
ATOM   216  C CB  . ARG A 1 28 ? 20.673  -1.637  12.624  1.00 30.32 ? 28  ARG A CB  1 
ATOM   217  C CG  . ARG A 1 28 ? 19.656  -2.189  13.636  1.00 42.48 ? 28  ARG A CG  1 
ATOM   218  C CD  . ARG A 1 28 ? 19.961  -3.649  14.055  1.00 60.54 ? 28  ARG A CD  1 
ATOM   219  N NE  . ARG A 1 28 ? 19.268  -4.671  13.231  1.00 73.17 ? 28  ARG A NE  1 
ATOM   220  C CZ  . ARG A 1 28 ? 19.876  -5.748  12.682  1.00 78.66 ? 28  ARG A CZ  1 
ATOM   221  N NH1 . ARG A 1 28 ? 21.188  -5.969  12.850  1.00 75.51 ? 28  ARG A NH1 1 
ATOM   222  N NH2 . ARG A 1 28 ? 19.247  -6.678  11.943  1.00 72.20 ? 28  ARG A NH2 1 
ATOM   223  N N   . PHE A 1 29 ? 22.302  0.537   10.846  1.00 18.64 ? 29  PHE A N   1 
ATOM   224  C CA  . PHE A 1 29 ? 23.502  0.748   10.008  1.00 18.86 ? 29  PHE A CA  1 
ATOM   225  C C   . PHE A 1 29 ? 23.746  2.227   9.685   1.00 23.13 ? 29  PHE A C   1 
ATOM   226  O O   . PHE A 1 29 ? 22.820  3.046   9.669   1.00 22.95 ? 29  PHE A O   1 
ATOM   227  C CB  . PHE A 1 29 ? 23.312  -0.011  8.701   1.00 18.94 ? 29  PHE A CB  1 
ATOM   228  C CG  . PHE A 1 29 ? 22.897  -1.459  8.946   1.00 18.90 ? 29  PHE A CG  1 
ATOM   229  C CD1 . PHE A 1 29 ? 23.863  -2.399  9.302   1.00 22.84 ? 29  PHE A CD1 1 
ATOM   230  C CD2 . PHE A 1 29 ? 21.554  -1.844  8.820   1.00 19.83 ? 29  PHE A CD2 1 
ATOM   231  C CE1 . PHE A 1 29 ? 23.496  -3.725  9.536   1.00 30.71 ? 29  PHE A CE1 1 
ATOM   232  C CE2 . PHE A 1 29 ? 21.185  -3.173  9.054   1.00 23.28 ? 29  PHE A CE2 1 
ATOM   233  C CZ  . PHE A 1 29 ? 22.157  -4.114  9.412   1.00 25.90 ? 29  PHE A CZ  1 
ATOM   234  N N   . THR A 1 30 ? 25.019  2.521   9.428   1.00 20.67 ? 30  THR A N   1 
ATOM   235  C CA  . THR A 1 30 ? 25.470  3.881   9.085   1.00 18.80 ? 30  THR A CA  1 
ATOM   236  C C   . THR A 1 30 ? 25.299  4.124   7.587   1.00 21.94 ? 30  THR A C   1 
ATOM   237  O O   . THR A 1 30 ? 25.127  5.266   7.143   1.00 20.98 ? 30  THR A O   1 
ATOM   238  C CB  . THR A 1 30 ? 26.951  4.074   9.443   1.00 23.10 ? 30  THR A CB  1 
ATOM   239  O OG1 . THR A 1 30 ? 27.763  3.206   8.666   1.00 23.33 ? 30  THR A OG1 1 
ATOM   240  C CG2 . THR A 1 30 ? 27.258  3.789   10.912  1.00 28.91 ? 30  THR A CG2 1 
ATOM   241  N N   . SER A 1 31 ? 25.207  3.052   6.786   1.00 19.08 ? 31  SER A N   1 
ATOM   242  C CA  . SER A 1 31 ? 25.029  3.210   5.342   1.00 17.36 ? 31  SER A CA  1 
ATOM   243  C C   . SER A 1 31 ? 23.737  3.885   4.950   1.00 19.27 ? 31  SER A C   1 
ATOM   244  O O   . SER A 1 31 ? 22.728  3.764   5.645   1.00 18.16 ? 31  SER A O   1 
ATOM   245  C CB  . SER A 1 31 ? 25.036  1.844   4.623   1.00 18.23 ? 31  SER A CB  1 
ATOM   246  O OG  . SER A 1 31 ? 26.334  1.270   4.575   1.00 23.35 ? 31  SER A OG  1 
ATOM   247  N N   . ASP A 1 32 ? 23.784  4.618   3.840   1.00 17.39 ? 32  ASP A N   1 
ATOM   248  C CA  . ASP A 1 32 ? 22.579  5.212   3.283   1.00 16.50 ? 32  ASP A CA  1 
ATOM   249  C C   . ASP A 1 32 ? 21.958  4.072   2.480   1.00 18.33 ? 32  ASP A C   1 
ATOM   250  O O   . ASP A 1 32 ? 22.683  3.270   1.882   1.00 20.80 ? 32  ASP A O   1 
ATOM   251  C CB  . ASP A 1 32 ? 22.917  6.387   2.380   1.00 18.11 ? 32  ASP A CB  1 
ATOM   252  C CG  . ASP A 1 32 ? 23.184  7.664   3.177   1.00 27.43 ? 32  ASP A CG  1 
ATOM   253  O OD1 . ASP A 1 32 ? 22.719  7.745   4.328   1.00 30.79 ? 32  ASP A OD1 1 
ATOM   254  O OD2 . ASP A 1 32 ? 23.851  8.577   2.664   1.00 23.53 ? 32  ASP A OD2 1 
ATOM   255  N N   . VAL A 1 33 ? 20.629  4.002   2.463   1.00 17.00 ? 33  VAL A N   1 
ATOM   256  C CA  . VAL A 1 33 ? 19.932  2.924   1.766   1.00 16.84 ? 33  VAL A CA  1 
ATOM   257  C C   . VAL A 1 33 ? 18.807  3.481   0.912   1.00 18.24 ? 33  VAL A C   1 
ATOM   258  O O   . VAL A 1 33 ? 18.126  4.437   1.299   1.00 18.67 ? 33  VAL A O   1 
ATOM   259  C CB  . VAL A 1 33 ? 19.354  1.902   2.794   1.00 21.92 ? 33  VAL A CB  1 
ATOM   260  C CG1 . VAL A 1 33 ? 18.639  0.757   2.079   1.00 26.34 ? 33  VAL A CG1 1 
ATOM   261  C CG2 . VAL A 1 33 ? 20.474  1.348   3.666   1.00 27.78 ? 33  VAL A CG2 1 
ATOM   262  N N   . PHE A 1 34 ? 18.635  2.905   -0.275  1.00 14.21 ? 34  PHE A N   1 
ATOM   263  C CA  . PHE A 1 34 ? 17.605  3.358   -1.202  1.00 14.53 ? 34  PHE A CA  1 
ATOM   264  C C   . PHE A 1 34 ? 16.863  2.183   -1.820  1.00 17.97 ? 34  PHE A C   1 
ATOM   265  O O   . PHE A 1 34 ? 17.382  1.071   -1.848  1.00 18.57 ? 34  PHE A O   1 
ATOM   266  C CB  . PHE A 1 34 ? 18.258  4.148   -2.358  1.00 19.46 ? 34  PHE A CB  1 
ATOM   267  C CG  . PHE A 1 34 ? 19.164  5.261   -1.902  1.00 22.66 ? 34  PHE A CG  1 
ATOM   268  C CD1 . PHE A 1 34 ? 20.515  5.020   -1.659  1.00 20.59 ? 34  PHE A CD1 1 
ATOM   269  C CD2 . PHE A 1 34 ? 18.660  6.543   -1.681  1.00 25.56 ? 34  PHE A CD2 1 
ATOM   270  C CE1 . PHE A 1 34 ? 21.350  6.037   -1.199  1.00 29.66 ? 34  PHE A CE1 1 
ATOM   271  C CE2 . PHE A 1 34 ? 19.490  7.567   -1.221  1.00 30.16 ? 34  PHE A CE2 1 
ATOM   272  C CZ  . PHE A 1 34 ? 20.837  7.310   -0.977  1.00 24.69 ? 34  PHE A CZ  1 
ATOM   273  N N   . LEU A 1 35 ? 15.629  2.428   -2.264  1.00 16.67 ? 35  LEU A N   1 
ATOM   274  C CA  . LEU A 1 35 ? 14.843  1.426   -2.982  1.00 18.15 ? 35  LEU A CA  1 
ATOM   275  C C   . LEU A 1 35 ? 14.568  2.075   -4.328  1.00 22.24 ? 35  LEU A C   1 
ATOM   276  O O   . LEU A 1 35 ? 14.311  3.281   -4.395  1.00 20.50 ? 35  LEU A O   1 
ATOM   277  C CB  . LEU A 1 35 ? 13.503  1.109   -2.312  1.00 21.93 ? 35  LEU A CB  1 
ATOM   278  C CG  . LEU A 1 35 ? 13.369  -0.017  -1.284  1.00 31.96 ? 35  LEU A CG  1 
ATOM   279  C CD1 . LEU A 1 35 ? 11.876  -0.318  -1.122  1.00 29.76 ? 35  LEU A CD1 1 
ATOM   280  C CD2 . LEU A 1 35 ? 14.104  -1.274  -1.713  1.00 26.33 ? 35  LEU A CD2 1 
ATOM   281  N N   . GLU A 1 36 ? 14.645  1.295   -5.402  1.00 20.11 ? 36  GLU A N   1 
ATOM   282  C CA  . GLU A 1 36 ? 14.398  1.852   -6.731  1.00 18.14 ? 36  GLU A CA  1 
ATOM   283  C C   . GLU A 1 36 ? 13.518  0.934   -7.566  1.00 24.46 ? 36  GLU A C   1 
ATOM   284  O O   . GLU A 1 36 ? 13.675  -0.282  -7.543  1.00 24.32 ? 36  GLU A O   1 
ATOM   285  C CB  . GLU A 1 36 ? 15.722  2.105   -7.454  1.00 21.51 ? 36  GLU A CB  1 
ATOM   286  C CG  . GLU A 1 36 ? 15.565  2.559   -8.914  1.00 21.52 ? 36  GLU A CG  1 
ATOM   287  C CD  . GLU A 1 36 ? 16.831  3.166   -9.493  1.00 30.98 ? 36  GLU A CD  1 
ATOM   288  O OE1 . GLU A 1 36 ? 17.869  3.184   -8.799  1.00 29.40 ? 36  GLU A OE1 1 
ATOM   289  O OE2 . GLU A 1 36 ? 16.777  3.643   -10.646 1.00 39.59 ? 36  GLU A OE2 1 
ATOM   290  N N   . LYS A 1 37 ? 12.470  1.536   -8.194  1.00 22.54 ? 37  LYS A N   1 
ATOM   291  C CA  . LYS A 1 37 ? 11.674  0.827   -9.207  1.00 27.08 ? 37  LYS A CA  1 
ATOM   292  C C   . LYS A 1 37 ? 11.328  1.755   -10.361 1.00 29.66 ? 37  LYS A C   1 
ATOM   293  O O   . LYS A 1 37 ? 10.870  2.883   -10.151 1.00 28.32 ? 37  LYS A O   1 
ATOM   294  C CB  . LYS A 1 37 ? 10.365  0.310   -8.614  1.00 34.06 ? 37  LYS A CB  1 
ATOM   295  C CG  . LYS A 1 37 ? 10.030  -1.090  -9.118  1.00 48.68 ? 37  LYS A CG  1 
ATOM   296  C CD  . LYS A 1 37 ? 8.604   -1.245  -9.641  1.00 57.00 ? 37  LYS A CD  1 
ATOM   297  C CE  . LYS A 1 37 ? 8.293   -2.694  -10.026 1.00 53.99 ? 37  LYS A CE  1 
ATOM   298  N NZ  . LYS A 1 37 ? 9.346   -3.299  -10.860 1.00 58.58 ? 37  LYS A NZ  1 
ATOM   299  N N   . ASP A 1 38 ? 11.482  1.200   -11.549 1.00 38.90 ? 38  ASP A N   1 
ATOM   300  C CA  . ASP A 1 38 ? 11.154  1.945   -12.766 1.00 40.72 ? 38  ASP A CA  1 
ATOM   301  C C   . ASP A 1 38 ? 11.731  3.361   -12.824 1.00 39.32 ? 38  ASP A C   1 
ATOM   302  O O   . ASP A 1 38 ? 11.011  4.321   -13.104 1.00 40.17 ? 38  ASP A O   1 
ATOM   303  C CB  . ASP A 1 38 ? 9.634   1.987   -12.964 1.00 48.75 ? 38  ASP A CB  1 
ATOM   304  C CG  . ASP A 1 38 ? 9.025   0.602   -13.131 1.00 59.16 ? 38  ASP A CG  1 
ATOM   305  O OD1 . ASP A 1 38 ? 9.714   -0.304  -13.652 1.00 61.87 ? 38  ASP A OD1 1 
ATOM   306  O OD2 . ASP A 1 38 ? 7.850   0.422   -12.740 1.00 62.25 ? 38  ASP A OD2 1 
ATOM   307  N N   . GLY A 1 39 ? 13.025  3.484   -12.542 1.00 33.90 ? 39  GLY A N   1 
ATOM   308  C CA  . GLY A 1 39 ? 13.674  4.783   -12.586 1.00 36.36 ? 39  GLY A CA  1 
ATOM   309  C C   . GLY A 1 39 ? 13.405  5.713   -11.416 1.00 34.06 ? 39  GLY A C   1 
ATOM   310  O O   . GLY A 1 39 ? 13.977  6.798   -11.357 1.00 36.14 ? 39  GLY A O   1 
ATOM   311  N N   . LYS A 1 40 ? 12.523  5.307   -10.504 1.00 30.06 ? 40  LYS A N   1 
ATOM   312  C CA  . LYS A 1 40 ? 12.193  6.108   -9.324  1.00 28.73 ? 40  LYS A CA  1 
ATOM   313  C C   . LYS A 1 40 ? 12.966  5.561   -8.118  1.00 26.81 ? 40  LYS A C   1 
ATOM   314  O O   . LYS A 1 40 ? 12.779  4.413   -7.728  1.00 27.16 ? 40  LYS A O   1 
ATOM   315  C CB  . LYS A 1 40 ? 10.686  6.058   -9.060  1.00 35.53 ? 40  LYS A CB  1 
ATOM   316  C CG  . LYS A 1 40 ? 10.224  6.757   -7.784  1.00 44.98 ? 40  LYS A CG  1 
ATOM   317  C CD  . LYS A 1 40 ? 10.327  8.271   -7.882  1.00 60.91 ? 40  LYS A CD  1 
ATOM   318  C CE  . LYS A 1 40 ? 9.881   8.935   -6.583  1.00 65.02 ? 40  LYS A CE  1 
ATOM   319  N NZ  . LYS A 1 40 ? 8.504   8.511   -6.171  1.00 71.21 ? 40  LYS A NZ  1 
ATOM   320  N N   . LYS A 1 41 ? 13.843  6.385   -7.558  1.00 24.44 ? 41  LYS A N   1 
ATOM   321  C CA  . LYS A 1 41 ? 14.659  6.002   -6.412  1.00 25.16 ? 41  LYS A CA  1 
ATOM   322  C C   . LYS A 1 41 ? 14.220  6.797   -5.190  1.00 27.78 ? 41  LYS A C   1 
ATOM   323  O O   . LYS A 1 41 ? 14.067  8.018   -5.266  1.00 27.08 ? 41  LYS A O   1 
ATOM   324  C CB  . LYS A 1 41 ? 16.138  6.289   -6.697  1.00 24.47 ? 41  LYS A CB  1 
ATOM   325  C CG  . LYS A 1 41 ? 17.084  5.770   -5.626  1.00 27.86 ? 41  LYS A CG  1 
ATOM   326  C CD  . LYS A 1 41 ? 18.540  5.821   -6.061  1.00 32.68 ? 41  LYS A CD  1 
ATOM   327  C CE  . LYS A 1 41 ? 19.088  7.232   -6.047  1.00 44.50 ? 41  LYS A CE  1 
ATOM   328  N NZ  . LYS A 1 41 ? 20.543  7.233   -6.367  1.00 55.63 ? 41  LYS A NZ  1 
ATOM   329  N N   . VAL A 1 42 ? 13.990  6.101   -4.077  1.00 21.65 ? 42  VAL A N   1 
ATOM   330  C CA  . VAL A 1 42 ? 13.574  6.760   -2.847  1.00 21.75 ? 42  VAL A CA  1 
ATOM   331  C C   . VAL A 1 42 ? 14.552  6.457   -1.724  1.00 24.98 ? 42  VAL A C   1 
ATOM   332  O O   . VAL A 1 42 ? 15.229  5.429   -1.735  1.00 20.35 ? 42  VAL A O   1 
ATOM   333  C CB  . VAL A 1 42 ? 12.126  6.343   -2.407  1.00 21.38 ? 42  VAL A CB  1 
ATOM   334  C CG1 . VAL A 1 42 ? 11.113  6.647   -3.517  1.00 23.59 ? 42  VAL A CG1 1 
ATOM   335  C CG2 . VAL A 1 42 ? 12.061  4.862   -2.037  1.00 22.51 ? 42  VAL A CG2 1 
ATOM   336  N N   . ASN A 1 43 ? 14.652  7.383   -0.773  1.00 20.83 ? 43  ASN A N   1 
ATOM   337  C CA  . ASN A 1 43 ? 15.515  7.215   0.392   1.00 21.40 ? 43  ASN A CA  1 
ATOM   338  C C   . ASN A 1 43 ? 14.794  6.191   1.285   1.00 20.58 ? 43  ASN A C   1 
ATOM   339  O O   . ASN A 1 43 ? 13.675  6.432   1.744   1.00 21.86 ? 43  ASN A O   1 
ATOM   340  C CB  . ASN A 1 43 ? 15.668  8.578   1.092   1.00 21.66 ? 43  ASN A CB  1 
ATOM   341  C CG  . ASN A 1 43 ? 16.345  8.490   2.448   1.00 29.01 ? 43  ASN A CG  1 
ATOM   342  O OD1 . ASN A 1 43 ? 16.836  7.444   2.858   1.00 21.77 ? 43  ASN A OD1 1 
ATOM   343  N ND2 . ASN A 1 43 ? 16.352  9.612   3.165   1.00 36.57 ? 43  ASN A ND2 1 
ATOM   344  N N   . ALA A 1 44 ? 15.419  5.036   1.498   1.00 18.20 ? 44  ALA A N   1 
ATOM   345  C CA  . ALA A 1 44 ? 14.806  3.975   2.297   1.00 16.94 ? 44  ALA A CA  1 
ATOM   346  C C   . ALA A 1 44 ? 14.889  4.156   3.815   1.00 19.58 ? 44  ALA A C   1 
ATOM   347  O O   . ALA A 1 44 ? 14.496  3.266   4.570   1.00 19.51 ? 44  ALA A O   1 
ATOM   348  C CB  . ALA A 1 44 ? 15.333  2.589   1.857   1.00 20.55 ? 44  ALA A CB  1 
ATOM   349  N N   . LYS A 1 45 ? 15.458  5.277   4.262   1.00 14.84 ? 45  LYS A N   1 
ATOM   350  C CA  . LYS A 1 45 ? 15.486  5.588   5.693   1.00 15.56 ? 45  LYS A CA  1 
ATOM   351  C C   . LYS A 1 45 ? 14.413  6.640   5.968   1.00 19.40 ? 45  LYS A C   1 
ATOM   352  O O   . LYS A 1 45 ? 14.377  7.238   7.039   1.00 18.88 ? 45  LYS A O   1 
ATOM   353  C CB  . LYS A 1 45 ? 16.855  6.080   6.152   1.00 17.62 ? 45  LYS A CB  1 
ATOM   354  C CG  . LYS A 1 45 ? 17.845  4.942   6.323   1.00 20.23 ? 45  LYS A CG  1 
ATOM   355  C CD  . LYS A 1 45 ? 19.111  5.398   7.041   1.00 20.36 ? 45  LYS A CD  1 
ATOM   356  C CE  . LYS A 1 45 ? 20.006  4.214   7.343   1.00 24.31 ? 45  LYS A CE  1 
ATOM   357  N NZ  . LYS A 1 45 ? 21.261  4.615   8.049   1.00 21.92 ? 45  LYS A NZ  1 
ATOM   358  N N   . SER A 1 46 ? 13.570  6.883   4.965   1.00 17.88 ? 46  SER A N   1 
ATOM   359  C CA  . SER A 1 46 ? 12.446  7.825   5.074   1.00 19.21 ? 46  SER A CA  1 
ATOM   360  C C   . SER A 1 46 ? 11.183  6.988   4.948   1.00 17.16 ? 46  SER A C   1 
ATOM   361  O O   . SER A 1 46 ? 11.022  6.259   3.969   1.00 19.14 ? 46  SER A O   1 
ATOM   362  C CB  . SER A 1 46 ? 12.490  8.854   3.933   1.00 20.98 ? 46  SER A CB  1 
ATOM   363  O OG  . SER A 1 46 ? 11.276  9.586   3.828   1.00 19.12 ? 46  SER A OG  1 
ATOM   364  N N   . ILE A 1 47 ? 10.304  7.054   5.946   1.00 17.59 ? 47  ILE A N   1 
ATOM   365  C CA  . ILE A 1 47 ? 9.064   6.275   5.893   1.00 15.36 ? 47  ILE A CA  1 
ATOM   366  C C   . ILE A 1 47 ? 8.178   6.799   4.772   1.00 17.87 ? 47  ILE A C   1 
ATOM   367  O O   . ILE A 1 47 ? 7.618   6.019   4.007   1.00 18.25 ? 47  ILE A O   1 
ATOM   368  C CB  . ILE A 1 47 ? 8.300   6.321   7.248   1.00 17.05 ? 47  ILE A CB  1 
ATOM   369  C CG1 . ILE A 1 47 ? 9.154   5.643   8.316   1.00 20.74 ? 47  ILE A CG1 1 
ATOM   370  C CG2 . ILE A 1 47 ? 6.923   5.622   7.127   1.00 21.77 ? 47  ILE A CG2 1 
ATOM   371  C CD1 . ILE A 1 47 ? 8.665   5.849   9.752   1.00 21.35 ? 47  ILE A CD1 1 
ATOM   372  N N   . MET A 1 48 ? 8.163   8.105   4.608   1.00 19.46 ? 48  MET A N   1 
ATOM   373  C CA  . MET A 1 48 ? 7.211   8.612   3.609   1.00 25.84 ? 48  MET A CA  1 
ATOM   374  C C   . MET A 1 48 ? 7.702   8.276   2.200   1.00 23.16 ? 48  MET A C   1 
ATOM   375  O O   . MET A 1 48 ? 6.901   8.040   1.284   1.00 21.12 ? 48  MET A O   1 
ATOM   376  C CB  . MET A 1 48 ? 7.074   10.130  3.740   1.00 27.67 ? 48  MET A CB  1 
ATOM   377  C CG  . MET A 1 48 ? 6.211   10.552  4.930   1.00 42.70 ? 48  MET A CG  1 
ATOM   378  S SD  . MET A 1 48 ? 5.218   11.991  4.594   1.00 62.47 ? 48  MET A SD  1 
ATOM   379  C CE  . MET A 1 48 ? 6.327   13.288  5.093   1.00 56.22 ? 48  MET A CE  1 
ATOM   380  N N   . GLY A 1 49 ? 9.016   8.264   2.077   1.00 19.66 ? 49  GLY A N   1 
ATOM   381  C CA  . GLY A 1 49 ? 9.689   7.956   0.808   1.00 20.71 ? 49  GLY A CA  1 
ATOM   382  C C   . GLY A 1 49 ? 9.393   6.510   0.407   1.00 17.50 ? 49  GLY A C   1 
ATOM   383  O O   . GLY A 1 49 ? 9.040   6.229   -0.748  1.00 18.77 ? 49  GLY A O   1 
ATOM   384  N N   . LEU A 1 50 ? 9.547   5.639   1.385   1.00 17.05 ? 50  LEU A N   1 
ATOM   385  C CA  . LEU A 1 50 ? 9.322   4.194   1.243   1.00 16.64 ? 50  LEU A CA  1 
ATOM   386  C C   . LEU A 1 50 ? 7.902   3.933   0.736   1.00 18.49 ? 50  LEU A C   1 
ATOM   387  O O   . LEU A 1 50 ? 7.698   3.210   -0.251  1.00 18.57 ? 50  LEU A O   1 
ATOM   388  C CB  . LEU A 1 50 ? 9.501   3.501   2.596   1.00 17.48 ? 50  LEU A CB  1 
ATOM   389  C CG  . LEU A 1 50 ? 10.359  2.237   2.510   1.00 38.98 ? 50  LEU A CG  1 
ATOM   390  C CD1 . LEU A 1 50 ? 11.466  2.335   1.460   1.00 24.26 ? 50  LEU A CD1 1 
ATOM   391  C CD2 . LEU A 1 50 ? 11.064  1.903   3.827   1.00 26.04 ? 50  LEU A CD2 1 
ATOM   392  N N   . MET A 1 51 ? 6.978   4.664   1.303   1.00 16.32 ? 51  MET A N   1 
ATOM   393  C CA  . MET A 1 51 ? 5.538   4.438   1.101   1.00 16.89 ? 51  MET A CA  1 
ATOM   394  C C   . MET A 1 51 ? 5.065   5.087   -0.212  1.00 21.66 ? 51  MET A C   1 
ATOM   395  O O   . MET A 1 51 ? 4.005   4.745   -0.751  1.00 21.26 ? 51  MET A O   1 
ATOM   396  C CB  . MET A 1 51 ? 4.737   5.050   2.256   1.00 17.67 ? 51  MET A CB  1 
ATOM   397  C CG  . MET A 1 51 ? 4.892   4.287   3.575   1.00 17.47 ? 51  MET A CG  1 
ATOM   398  S SD  . MET A 1 51 ? 3.776   4.858   4.841   1.00 22.05 ? 51  MET A SD  1 
ATOM   399  C CE  . MET A 1 51 ? 2.223   4.240   4.223   1.00 25.96 ? 51  MET A CE  1 
ATOM   400  N N   . SER A 1 52 ? 5.864   6.018   -0.706  1.00 19.75 ? 52  SER A N   1 
ATOM   401  C CA  . SER A 1 52 ? 5.548   6.744   -1.956  1.00 22.28 ? 52  SER A CA  1 
ATOM   402  C C   . SER A 1 52 ? 5.868   5.873   -3.173  1.00 24.82 ? 52  SER A C   1 
ATOM   403  O O   . SER A 1 52 ? 5.337   6.096   -4.274  1.00 24.27 ? 52  SER A O   1 
ATOM   404  C CB  . SER A 1 52 ? 6.368   8.033   -2.046  1.00 25.83 ? 52  SER A CB  1 
ATOM   405  O OG  . SER A 1 52 ? 7.680   7.747   -2.503  1.00 25.07 ? 52  SER A OG  1 
ATOM   406  N N   . LEU A 1 53 ? 6.590   4.785   -3.092  1.00 18.62 ? 53  LEU A N   1 
ATOM   407  C CA  . LEU A 1 53 ? 6.879   3.918   -4.236  1.00 18.93 ? 53  LEU A CA  1 
ATOM   408  C C   . LEU A 1 53 ? 5.659   3.048   -4.548  1.00 24.21 ? 53  LEU A C   1 
ATOM   409  O O   . LEU A 1 53 ? 5.092   2.425   -3.658  1.00 24.77 ? 53  LEU A O   1 
ATOM   410  C CB  . LEU A 1 53 ? 8.089   3.032   -3.915  1.00 23.91 ? 53  LEU A CB  1 
ATOM   411  C CG  . LEU A 1 53 ? 8.961   2.485   -5.039  1.00 36.96 ? 53  LEU A CG  1 
ATOM   412  C CD1 . LEU A 1 53 ? 9.609   3.631   -5.817  1.00 36.16 ? 53  LEU A CD1 1 
ATOM   413  C CD2 . LEU A 1 53 ? 10.031  1.585   -4.424  1.00 34.95 ? 53  LEU A CD2 1 
ATOM   414  N N   . ALA A 1 54 ? 5.245   3.026   -5.811  1.00 22.73 ? 54  ALA A N   1 
ATOM   415  C CA  . ALA A 1 54 ? 4.094   2.214   -6.206  1.00 25.41 ? 54  ALA A CA  1 
ATOM   416  C C   . ALA A 1 54 ? 4.525   0.750   -6.277  1.00 26.37 ? 54  ALA A C   1 
ATOM   417  O O   . ALA A 1 54 ? 5.269   0.353   -7.171  1.00 28.60 ? 54  ALA A O   1 
ATOM   418  C CB  . ALA A 1 54 ? 3.549   2.679   -7.555  1.00 31.45 ? 54  ALA A CB  1 
ATOM   419  N N   . VAL A 1 55 ? 4.106   -0.044  -5.299  1.00 20.98 ? 55  VAL A N   1 
ATOM   420  C CA  . VAL A 1 55 ? 4.465   -1.453  -5.287  1.00 20.61 ? 55  VAL A CA  1 
ATOM   421  C C   . VAL A 1 55 ? 3.320   -2.309  -4.786  1.00 23.53 ? 55  VAL A C   1 
ATOM   422  O O   . VAL A 1 55 ? 2.420   -1.833  -4.098  1.00 22.58 ? 55  VAL A O   1 
ATOM   423  C CB  . VAL A 1 55 ? 5.719   -1.759  -4.402  1.00 33.04 ? 55  VAL A CB  1 
ATOM   424  C CG1 . VAL A 1 55 ? 6.920   -0.932  -4.840  1.00 37.30 ? 55  VAL A CG1 1 
ATOM   425  C CG2 . VAL A 1 55 ? 5.414   -1.542  -2.942  1.00 30.90 ? 55  VAL A CG2 1 
ATOM   426  N N   . SER A 1 56 ? 3.367   -3.579  -5.155  1.00 23.92 ? 56  SER A N   1 
ATOM   427  C CA  . SER A 1 56 ? 2.371   -4.559  -4.738  1.00 24.28 ? 56  SER A CA  1 
ATOM   428  C C   . SER A 1 56 ? 3.167   -5.708  -4.153  1.00 25.94 ? 56  SER A C   1 
ATOM   429  O O   . SER A 1 56 ? 4.319   -5.915  -4.531  1.00 26.89 ? 56  SER A O   1 
ATOM   430  C CB  . SER A 1 56 ? 1.580   -5.066  -5.950  1.00 29.04 ? 56  SER A CB  1 
ATOM   431  O OG  . SER A 1 56 ? 0.751   -4.049  -6.486  1.00 31.43 ? 56  SER A OG  1 
ATOM   432  N N   . THR A 1 57 ? 2.582   -6.446  -3.217  1.00 25.16 ? 57  THR A N   1 
ATOM   433  C CA  . THR A 1 57 ? 3.278   -7.585  -2.635  1.00 23.54 ? 57  THR A CA  1 
ATOM   434  C C   . THR A 1 57 ? 3.597   -8.518  -3.814  1.00 28.50 ? 57  THR A C   1 
ATOM   435  O O   . THR A 1 57 ? 2.751   -8.752  -4.680  1.00 26.94 ? 57  THR A O   1 
ATOM   436  C CB  . THR A 1 57 ? 2.396   -8.298  -1.572  1.00 30.61 ? 57  THR A CB  1 
ATOM   437  O OG1 . THR A 1 57 ? 2.068   -7.367  -0.529  1.00 30.10 ? 57  THR A OG1 1 
ATOM   438  C CG2 . THR A 1 57 ? 3.137   -9.483  -0.953  1.00 32.51 ? 57  THR A CG2 1 
ATOM   439  N N   . GLY A 1 58 ? 4.851   -8.955  -3.897  1.00 24.69 ? 58  GLY A N   1 
ATOM   440  C CA  . GLY A 1 58 ? 5.269   -9.822  -4.988  1.00 26.60 ? 58  GLY A CA  1 
ATOM   441  C C   . GLY A 1 58 ? 6.070   -9.118  -6.071  1.00 31.92 ? 58  GLY A C   1 
ATOM   442  O O   . GLY A 1 58 ? 6.681   -9.771  -6.924  1.00 37.27 ? 58  GLY A O   1 
ATOM   443  N N   . THR A 1 59 ? 6.057   -7.787  -6.046  1.00 28.57 ? 59  THR A N   1 
ATOM   444  C CA  . THR A 1 59 ? 6.781   -6.950  -7.006  1.00 28.62 ? 59  THR A CA  1 
ATOM   445  C C   . THR A 1 59 ? 8.289   -7.025  -6.731  1.00 27.66 ? 59  THR A C   1 
ATOM   446  O O   . THR A 1 59 ? 8.701   -7.206  -5.590  1.00 26.51 ? 59  THR A O   1 
ATOM   447  C CB  . THR A 1 59 ? 6.365   -5.455  -6.843  1.00 31.71 ? 59  THR A CB  1 
ATOM   448  O OG1 . THR A 1 59 ? 4.973   -5.297  -7.129  1.00 41.53 ? 59  THR A OG1 1 
ATOM   449  C CG2 . THR A 1 59 ? 7.162   -4.553  -7.760  1.00 43.85 ? 59  THR A CG2 1 
ATOM   450  N N   . GLU A 1 60 ? 9.101   -6.868  -7.774  1.00 21.77 ? 60  GLU A N   1 
ATOM   451  C CA  . GLU A 1 60 ? 10.555  -6.875  -7.609  1.00 24.82 ? 60  GLU A CA  1 
ATOM   452  C C   . GLU A 1 60 ? 11.026  -5.423  -7.573  1.00 21.55 ? 60  GLU A C   1 
ATOM   453  O O   . GLU A 1 60 ? 10.551  -4.594  -8.350  1.00 28.29 ? 60  GLU A O   1 
ATOM   454  C CB  . GLU A 1 60 ? 11.232  -7.579  -8.793  1.00 31.22 ? 60  GLU A CB  1 
ATOM   455  C CG  . GLU A 1 60 ? 10.997  -9.079  -8.874  1.00 52.10 ? 60  GLU A CG  1 
ATOM   456  C CD  . GLU A 1 60 ? 11.904  -9.875  -7.950  1.00 62.86 ? 60  GLU A CD  1 
ATOM   457  O OE1 . GLU A 1 60 ? 13.087  -9.496  -7.792  1.00 69.15 ? 60  GLU A OE1 1 
ATOM   458  O OE2 . GLU A 1 60 ? 11.438  -10.893 -7.394  1.00 69.16 ? 60  GLU A OE2 1 
ATOM   459  N N   . VAL A 1 61 ? 11.929  -5.106  -6.650  1.00 19.69 ? 61  VAL A N   1 
ATOM   460  C CA  . VAL A 1 61 ? 12.486  -3.760  -6.562  1.00 20.36 ? 61  VAL A CA  1 
ATOM   461  C C   . VAL A 1 61 ? 13.989  -3.912  -6.370  1.00 18.26 ? 61  VAL A C   1 
ATOM   462  O O   . VAL A 1 61 ? 14.475  -5.000  -6.083  1.00 19.33 ? 61  VAL A O   1 
ATOM   463  C CB  . VAL A 1 61 ? 11.910  -2.934  -5.362  1.00 23.11 ? 61  VAL A CB  1 
ATOM   464  C CG1 . VAL A 1 61 ? 10.418  -2.703  -5.536  1.00 25.12 ? 61  VAL A CG1 1 
ATOM   465  C CG2 . VAL A 1 61 ? 12.199  -3.623  -4.029  1.00 22.58 ? 61  VAL A CG2 1 
ATOM   466  N N   . THR A 1 62 ? 14.730  -2.827  -6.559  1.00 16.78 ? 62  THR A N   1 
ATOM   467  C CA  . THR A 1 62 ? 16.165  -2.894  -6.347  1.00 15.42 ? 62  THR A CA  1 
ATOM   468  C C   . THR A 1 62 ? 16.535  -2.202  -5.049  1.00 18.56 ? 62  THR A C   1 
ATOM   469  O O   . THR A 1 62 ? 16.156  -1.059  -4.827  1.00 18.62 ? 62  THR A O   1 
ATOM   470  C CB  . THR A 1 62 ? 16.920  -2.255  -7.513  1.00 20.09 ? 62  THR A CB  1 
ATOM   471  O OG1 . THR A 1 62 ? 16.640  -3.015  -8.689  1.00 20.17 ? 62  THR A OG1 1 
ATOM   472  C CG2 . THR A 1 62 ? 18.441  -2.265  -7.257  1.00 19.77 ? 62  THR A CG2 1 
ATOM   473  N N   . LEU A 1 63 ? 17.238  -2.930  -4.180  1.00 15.82 ? 63  LEU A N   1 
ATOM   474  C CA  . LEU A 1 63 ? 17.699  -2.398  -2.899  1.00 16.21 ? 63  LEU A CA  1 
ATOM   475  C C   . LEU A 1 63 ? 19.155  -1.964  -3.097  1.00 18.27 ? 63  LEU A C   1 
ATOM   476  O O   . LEU A 1 63 ? 19.963  -2.705  -3.661  1.00 16.68 ? 63  LEU A O   1 
ATOM   477  C CB  . LEU A 1 63 ? 17.604  -3.492  -1.835  1.00 17.29 ? 63  LEU A CB  1 
ATOM   478  C CG  . LEU A 1 63 ? 18.114  -3.200  -0.426  1.00 20.56 ? 63  LEU A CG  1 
ATOM   479  C CD1 . LEU A 1 63 ? 17.315  -2.079  0.215   1.00 20.46 ? 63  LEU A CD1 1 
ATOM   480  C CD2 . LEU A 1 63 ? 17.995  -4.502  0.393   1.00 23.78 ? 63  LEU A CD2 1 
ATOM   481  N N   . ILE A 1 64 ? 19.469  -0.750  -2.654  1.00 15.92 ? 64  ILE A N   1 
ATOM   482  C CA  . ILE A 1 64 ? 20.810  -0.175  -2.802  1.00 15.96 ? 64  ILE A CA  1 
ATOM   483  C C   . ILE A 1 64 ? 21.313  0.289   -1.443  1.00 16.84 ? 64  ILE A C   1 
ATOM   484  O O   . ILE A 1 64 ? 20.571  0.919   -0.680  1.00 18.22 ? 64  ILE A O   1 
ATOM   485  C CB  . ILE A 1 64 ? 20.756  1.072   -3.749  1.00 15.69 ? 64  ILE A CB  1 
ATOM   486  C CG1 . ILE A 1 64 ? 20.137  0.678   -5.103  1.00 19.59 ? 64  ILE A CG1 1 
ATOM   487  C CG2 . ILE A 1 64 ? 22.155  1.671   -3.929  1.00 21.12 ? 64  ILE A CG2 1 
ATOM   488  C CD1 . ILE A 1 64 ? 19.710  1.850   -5.959  1.00 24.51 ? 64  ILE A CD1 1 
ATOM   489  N N   . ALA A 1 65 ? 22.566  -0.035  -1.126  1.00 17.29 ? 65  ALA A N   1 
ATOM   490  C CA  . ALA A 1 65 ? 23.160  0.397   0.128   1.00 16.28 ? 65  ALA A CA  1 
ATOM   491  C C   . ALA A 1 65 ? 24.545  0.947   -0.178  1.00 21.08 ? 65  ALA A C   1 
ATOM   492  O O   . ALA A 1 65 ? 25.274  0.403   -1.012  1.00 20.01 ? 65  ALA A O   1 
ATOM   493  C CB  . ALA A 1 65 ? 23.254  -0.769  1.136   1.00 17.07 ? 65  ALA A CB  1 
ATOM   494  N N   . GLN A 1 66 ? 24.896  2.043   0.483   1.00 19.69 ? 66  GLN A N   1 
ATOM   495  C CA  . GLN A 1 66 ? 26.210  2.645   0.279   1.00 21.76 ? 66  GLN A CA  1 
ATOM   496  C C   . GLN A 1 66 ? 26.724  3.266   1.561   1.00 18.37 ? 66  GLN A C   1 
ATOM   497  O O   . GLN A 1 66 ? 26.072  4.117   2.162   1.00 21.04 ? 66  GLN A O   1 
ATOM   498  C CB  . GLN A 1 66 ? 26.196  3.655   -0.881  1.00 24.02 ? 66  GLN A CB  1 
ATOM   499  C CG  . GLN A 1 66 ? 25.075  4.679   -0.873  1.00 29.47 ? 66  GLN A CG  1 
ATOM   500  C CD  . GLN A 1 66 ? 24.790  5.247   -2.270  1.00 38.59 ? 66  GLN A CD  1 
ATOM   501  O OE1 . GLN A 1 66 ? 24.607  4.500   -3.230  1.00 42.92 ? 66  GLN A OE1 1 
ATOM   502  N NE2 . GLN A 1 66 ? 24.723  6.574   -2.375  1.00 28.89 ? 66  GLN A NE2 1 
ATOM   503  N N   . GLY A 1 67 ? 27.890  2.798   1.983   1.00 22.54 ? 67  GLY A N   1 
ATOM   504  C CA  . GLY A 1 67 ? 28.496  3.291   3.204   1.00 23.24 ? 67  GLY A CA  1 
ATOM   505  C C   . GLY A 1 67 ? 29.471  2.276   3.743   1.00 24.20 ? 67  GLY A C   1 
ATOM   506  O O   . GLY A 1 67 ? 29.704  1.226   3.129   1.00 22.55 ? 67  GLY A O   1 
ATOM   507  N N   . GLU A 1 68 ? 30.002  2.552   4.930   1.00 24.07 ? 68  GLU A N   1 
ATOM   508  C CA  . GLU A 1 68 ? 30.985  1.668   5.535   1.00 25.78 ? 68  GLU A CA  1 
ATOM   509  C C   . GLU A 1 68 ? 30.513  0.245   5.799   1.00 27.90 ? 68  GLU A C   1 
ATOM   510  O O   . GLU A 1 68 ? 31.285  -0.705  5.629   1.00 25.51 ? 68  GLU A O   1 
ATOM   511  C CB  . GLU A 1 68 ? 31.532  2.288   6.824   1.00 36.40 ? 68  GLU A CB  1 
ATOM   512  C CG  . GLU A 1 68 ? 32.701  1.518   7.417   1.00 52.15 ? 68  GLU A CG  1 
ATOM   513  C CD  . GLU A 1 68 ? 33.416  2.278   8.519   1.00 66.40 ? 68  GLU A CD  1 
ATOM   514  O OE1 . GLU A 1 68 ? 33.081  3.458   8.763   1.00 71.36 ? 68  GLU A OE1 1 
ATOM   515  O OE2 . GLU A 1 68 ? 34.317  1.683   9.147   1.00 72.69 ? 68  GLU A OE2 1 
ATOM   516  N N   . ASP A 1 69 ? 29.254  0.086   6.207   1.00 21.90 ? 69  ASP A N   1 
ATOM   517  C CA  . ASP A 1 69 ? 28.726  -1.247  6.491   1.00 20.79 ? 69  ASP A CA  1 
ATOM   518  C C   . ASP A 1 69 ? 27.702  -1.687  5.447   1.00 21.77 ? 69  ASP A C   1 
ATOM   519  O O   . ASP A 1 69 ? 26.808  -2.479  5.744   1.00 20.83 ? 69  ASP A O   1 
ATOM   520  C CB  . ASP A 1 69 ? 28.101  -1.289  7.900   1.00 21.58 ? 69  ASP A CB  1 
ATOM   521  C CG  . ASP A 1 69 ? 27.056  -0.181  8.136   1.00 24.19 ? 69  ASP A CG  1 
ATOM   522  O OD1 . ASP A 1 69 ? 26.651  0.519   7.186   1.00 20.80 ? 69  ASP A OD1 1 
ATOM   523  O OD2 . ASP A 1 69 ? 26.633  -0.010  9.297   1.00 19.63 ? 69  ASP A OD2 1 
ATOM   524  N N   . GLU A 1 70 ? 27.877  -1.216  4.216   1.00 20.43 ? 70  GLU A N   1 
ATOM   525  C CA  . GLU A 1 70 ? 26.932  -1.508  3.138   1.00 18.63 ? 70  GLU A CA  1 
ATOM   526  C C   . GLU A 1 70 ? 26.628  -2.971  2.858   1.00 18.29 ? 70  GLU A C   1 
ATOM   527  O O   . GLU A 1 70 ? 25.479  -3.323  2.584   1.00 17.80 ? 70  GLU A O   1 
ATOM   528  C CB  . GLU A 1 70 ? 27.335  -0.792  1.848   1.00 18.80 ? 70  GLU A CB  1 
ATOM   529  C CG  . GLU A 1 70 ? 28.645  -1.279  1.216   1.00 20.91 ? 70  GLU A CG  1 
ATOM   530  C CD  . GLU A 1 70 ? 29.055  -0.443  0.016   1.00 24.77 ? 70  GLU A CD  1 
ATOM   531  O OE1 . GLU A 1 70 ? 28.852  0.790   0.033   1.00 22.46 ? 70  GLU A OE1 1 
ATOM   532  O OE2 . GLU A 1 70 ? 29.580  -1.024  -0.956  1.00 29.76 ? 70  GLU A OE2 1 
ATOM   533  N N   . GLN A 1 71 ? 27.641  -3.834  2.931   1.00 19.64 ? 71  GLN A N   1 
ATOM   534  C CA  . GLN A 1 71 ? 27.397  -5.242  2.652   1.00 21.19 ? 71  GLN A CA  1 
ATOM   535  C C   . GLN A 1 71 ? 26.495  -5.870  3.708   1.00 21.32 ? 71  GLN A C   1 
ATOM   536  O O   . GLN A 1 71 ? 25.564  -6.603  3.373   1.00 19.84 ? 71  GLN A O   1 
ATOM   537  C CB  . GLN A 1 71 ? 28.719  -6.009  2.526   1.00 25.16 ? 71  GLN A CB  1 
ATOM   538  C CG  . GLN A 1 71 ? 28.563  -7.480  2.135   1.00 24.16 ? 71  GLN A CG  1 
ATOM   539  C CD  . GLN A 1 71 ? 27.910  -7.684  0.775   1.00 28.82 ? 71  GLN A CD  1 
ATOM   540  O OE1 . GLN A 1 71 ? 28.219  -6.994  -0.198  1.00 31.11 ? 71  GLN A OE1 1 
ATOM   541  N NE2 . GLN A 1 71 ? 27.001  -8.646  0.704   1.00 28.71 ? 71  GLN A NE2 1 
ATOM   542  N N   . GLU A 1 72 ? 26.754  -5.572  4.982   1.00 18.44 ? 72  GLU A N   1 
ATOM   543  C CA  . GLU A 1 72 ? 25.930  -6.140  6.043   1.00 25.04 ? 72  GLU A CA  1 
ATOM   544  C C   . GLU A 1 72 ? 24.526  -5.536  6.029   1.00 21.39 ? 72  GLU A C   1 
ATOM   545  O O   . GLU A 1 72 ? 23.544  -6.240  6.290   1.00 21.03 ? 72  GLU A O   1 
ATOM   546  C CB  . GLU A 1 72 ? 26.598  -6.011  7.423   1.00 31.11 ? 72  GLU A CB  1 
ATOM   547  C CG  . GLU A 1 72 ? 26.500  -4.671  8.116   1.00 56.24 ? 72  GLU A CG  1 
ATOM   548  C CD  . GLU A 1 72 ? 26.911  -4.746  9.593   1.00 69.63 ? 72  GLU A CD  1 
ATOM   549  O OE1 . GLU A 1 72 ? 26.531  -5.721  10.283  1.00 68.91 ? 72  GLU A OE1 1 
ATOM   550  O OE2 . GLU A 1 72 ? 27.609  -3.824  10.066  1.00 72.39 ? 72  GLU A OE2 1 
ATOM   551  N N   . ALA A 1 73 ? 24.432  -4.246  5.708   1.00 18.87 ? 73  ALA A N   1 
ATOM   552  C CA  . ALA A 1 73 ? 23.128  -3.572  5.631   1.00 16.87 ? 73  ALA A CA  1 
ATOM   553  C C   . ALA A 1 73 ? 22.299  -4.211  4.523   1.00 18.76 ? 73  ALA A C   1 
ATOM   554  O O   . ALA A 1 73 ? 21.127  -4.527  4.718   1.00 18.94 ? 73  ALA A O   1 
ATOM   555  C CB  . ALA A 1 73 ? 23.309  -2.071  5.344   1.00 19.44 ? 73  ALA A CB  1 
ATOM   556  N N   . LEU A 1 74 ? 22.924  -4.433  3.365   1.00 16.01 ? 74  LEU A N   1 
ATOM   557  C CA  . LEU A 1 74 ? 22.219  -5.043  2.238   1.00 16.35 ? 74  LEU A CA  1 
ATOM   558  C C   . LEU A 1 74 ? 21.665  -6.415  2.604   1.00 19.54 ? 74  LEU A C   1 
ATOM   559  O O   . LEU A 1 74 ? 20.501  -6.703  2.335   1.00 17.05 ? 74  LEU A O   1 
ATOM   560  C CB  . LEU A 1 74 ? 23.135  -5.173  1.013   1.00 18.67 ? 74  LEU A CB  1 
ATOM   561  C CG  . LEU A 1 74 ? 22.463  -5.681  -0.270  1.00 22.58 ? 74  LEU A CG  1 
ATOM   562  C CD1 . LEU A 1 74 ? 21.735  -4.512  -0.949  1.00 25.62 ? 74  LEU A CD1 1 
ATOM   563  C CD2 . LEU A 1 74 ? 23.506  -6.268  -1.230  1.00 25.25 ? 74  LEU A CD2 1 
ATOM   564  N N   . GLU A 1 75 ? 22.495  -7.255  3.225   1.00 16.72 ? 75  GLU A N   1 
ATOM   565  C CA  . GLU A 1 75 ? 22.067  -8.604  3.607   1.00 19.52 ? 75  GLU A CA  1 
ATOM   566  C C   . GLU A 1 75 ? 20.899  -8.625  4.581   1.00 22.43 ? 75  GLU A C   1 
ATOM   567  O O   . GLU A 1 75 ? 19.947  -9.378  4.394   1.00 19.52 ? 75  GLU A O   1 
ATOM   568  C CB  . GLU A 1 75 ? 23.238  -9.387  4.195   1.00 21.67 ? 75  GLU A CB  1 
ATOM   569  C CG  . GLU A 1 75 ? 24.329  -9.652  3.171   1.00 20.99 ? 75  GLU A CG  1 
ATOM   570  C CD  . GLU A 1 75 ? 25.543  -10.353 3.761   1.00 35.72 ? 75  GLU A CD  1 
ATOM   571  O OE1 . GLU A 1 75 ? 25.485  -10.824 4.919   1.00 40.48 ? 75  GLU A OE1 1 
ATOM   572  O OE2 . GLU A 1 75 ? 26.566  -10.416 3.060   1.00 32.43 ? 75  GLU A OE2 1 
ATOM   573  N N   . LYS A 1 76 ? 20.987  -7.764  5.535   1.00 18.44 ? 76  LYS A N   1 
ATOM   574  C CA  . LYS A 1 76 ? 19.962  -7.786  6.583   1.00 21.36 ? 76  LYS A CA  1 
ATOM   575  C C   . LYS A 1 76 ? 18.652  -7.199  6.059   1.00 17.79 ? 76  LYS A C   1 
ATOM   576  O O   . LYS A 1 76 ? 17.562  -7.723  6.339   1.00 17.37 ? 76  LYS A O   1 
ATOM   577  C CB  . LYS A 1 76 ? 20.421  -6.963  7.776   1.00 26.60 ? 76  LYS A CB  1 
ATOM   578  C CG  . LYS A 1 76 ? 19.892  -7.509  9.093   1.00 45.65 ? 76  LYS A CG  1 
ATOM   579  C CD  . LYS A 1 76 ? 20.668  -8.728  9.580   1.00 62.36 ? 76  LYS A CD  1 
ATOM   580  C CE  . LYS A 1 76 ? 22.168  -8.606  9.334   1.00 62.34 ? 76  LYS A CE  1 
ATOM   581  N NZ  . LYS A 1 76 ? 22.971  -8.945  10.514  1.00 69.78 ? 76  LYS A NZ  1 
ATOM   582  N N   . LEU A 1 77 ? 18.708  -6.131  5.281   1.00 17.33 ? 77  LEU A N   1 
ATOM   583  C CA  . LEU A 1 77 ? 17.506  -5.544  4.707   1.00 16.63 ? 77  LEU A CA  1 
ATOM   584  C C   . LEU A 1 77 ? 16.894  -6.388  3.602   1.00 17.14 ? 77  LEU A C   1 
ATOM   585  O O   . LEU A 1 77 ? 15.671  -6.417  3.447   1.00 17.30 ? 77  LEU A O   1 
ATOM   586  C CB  . LEU A 1 77 ? 17.788  -4.112  4.253   1.00 16.97 ? 77  LEU A CB  1 
ATOM   587  C CG  . LEU A 1 77 ? 18.209  -3.226  5.435   1.00 21.50 ? 77  LEU A CG  1 
ATOM   588  C CD1 . LEU A 1 77 ? 18.733  -1.885  4.915   1.00 21.64 ? 77  LEU A CD1 1 
ATOM   589  C CD2 . LEU A 1 77 ? 17.024  -3.009  6.388   1.00 24.77 ? 77  LEU A CD2 1 
ATOM   590  N N   . ALA A 1 78 ? 17.734  -7.063  2.820   1.00 16.25 ? 78  ALA A N   1 
ATOM   591  C CA  . ALA A 1 78 ? 17.211  -7.923  1.768   1.00 17.83 ? 78  ALA A CA  1 
ATOM   592  C C   . ALA A 1 78 ? 16.382  -9.029  2.423   1.00 19.12 ? 78  ALA A C   1 
ATOM   593  O O   . ALA A 1 78 ? 15.307  -9.370  1.931   1.00 20.16 ? 78  ALA A O   1 
ATOM   594  C CB  . ALA A 1 78 ? 18.347  -8.526  0.930   1.00 17.58 ? 78  ALA A CB  1 
ATOM   595  N N   . ALA A 1 79 ? 16.877  -9.574  3.533   1.00 17.69 ? 79  ALA A N   1 
ATOM   596  C CA  . ALA A 1 79 ? 16.154  -10.630 4.254   1.00 20.51 ? 79  ALA A CA  1 
ATOM   597  C C   . ALA A 1 79 ? 14.829  -10.105 4.811   1.00 24.07 ? 79  ALA A C   1 
ATOM   598  O O   . ALA A 1 79 ? 13.800  -10.780 4.729   1.00 23.63 ? 79  ALA A O   1 
ATOM   599  C CB  . ALA A 1 79 ? 17.013  -11.201 5.399   1.00 21.41 ? 79  ALA A CB  1 
ATOM   600  N N   . TYR A 1 80 ? 14.849  -8.881  5.335   1.00 21.23 ? 80  TYR A N   1 
ATOM   601  C CA  . TYR A 1 80 ? 13.640  -8.277  5.898   1.00 20.66 ? 80  TYR A CA  1 
ATOM   602  C C   . TYR A 1 80 ? 12.560  -8.079  4.838   1.00 22.83 ? 80  TYR A C   1 
ATOM   603  O O   . TYR A 1 80 ? 11.413  -8.493  5.034   1.00 22.55 ? 80  TYR A O   1 
ATOM   604  C CB  . TYR A 1 80 ? 13.966  -6.932  6.579   1.00 18.83 ? 80  TYR A CB  1 
ATOM   605  C CG  . TYR A 1 80 ? 12.719  -6.185  7.036   1.00 21.83 ? 80  TYR A CG  1 
ATOM   606  C CD1 . TYR A 1 80 ? 12.064  -6.530  8.216   1.00 33.81 ? 80  TYR A CD1 1 
ATOM   607  C CD2 . TYR A 1 80 ? 12.148  -5.205  6.232   1.00 28.60 ? 80  TYR A CD2 1 
ATOM   608  C CE1 . TYR A 1 80 ? 10.854  -5.913  8.575   1.00 32.61 ? 80  TYR A CE1 1 
ATOM   609  C CE2 . TYR A 1 80 ? 10.947  -4.591  6.576   1.00 27.82 ? 80  TYR A CE2 1 
ATOM   610  C CZ  . TYR A 1 80 ? 10.306  -4.949  7.741   1.00 33.95 ? 80  TYR A CZ  1 
ATOM   611  O OH  . TYR A 1 80 ? 9.099   -4.352  8.039   1.00 36.82 ? 80  TYR A OH  1 
ATOM   612  N N   . VAL A 1 81 ? 12.936  -7.476  3.708   1.00 18.15 ? 81  VAL A N   1 
ATOM   613  C CA  . VAL A 1 81 ? 11.991  -7.198  2.626   1.00 18.88 ? 81  VAL A CA  1 
ATOM   614  C C   . VAL A 1 81 ? 11.364  -8.460  2.047   1.00 23.80 ? 81  VAL A C   1 
ATOM   615  O O   . VAL A 1 81 ? 10.198  -8.460  1.676   1.00 19.34 ? 81  VAL A O   1 
ATOM   616  C CB  . VAL A 1 81 ? 12.663  -6.392  1.486   1.00 26.61 ? 81  VAL A CB  1 
ATOM   617  C CG1 . VAL A 1 81 ? 11.731  -6.271  0.272   1.00 34.88 ? 81  VAL A CG1 1 
ATOM   618  C CG2 . VAL A 1 81 ? 12.993  -5.019  1.985   1.00 29.52 ? 81  VAL A CG2 1 
ATOM   619  N N   . GLN A 1 82 ? 12.143  -9.535  2.004   1.00 20.48 ? 82  GLN A N   1 
ATOM   620  C CA  . GLN A 1 82 ? 11.666  -10.796 1.451   1.00 23.08 ? 82  GLN A CA  1 
ATOM   621  C C   . GLN A 1 82 ? 11.051  -11.713 2.503   1.00 25.23 ? 82  GLN A C   1 
ATOM   622  O O   . GLN A 1 82 ? 10.667  -12.846 2.207   1.00 32.53 ? 82  GLN A O   1 
ATOM   623  C CB  . GLN A 1 82 ? 12.815  -11.489 0.718   1.00 22.54 ? 82  GLN A CB  1 
ATOM   624  C CG  . GLN A 1 82 ? 13.423  -10.600 -0.365  1.00 25.06 ? 82  GLN A CG  1 
ATOM   625  C CD  . GLN A 1 82 ? 14.452  -11.303 -1.215  1.00 31.78 ? 82  GLN A CD  1 
ATOM   626  O OE1 . GLN A 1 82 ? 14.243  -11.499 -2.408  1.00 32.93 ? 82  GLN A OE1 1 
ATOM   627  N NE2 . GLN A 1 82 ? 15.581  -11.661 -0.613  1.00 30.85 ? 82  GLN A NE2 1 
ATOM   628  N N   . GLU A 1 83 ? 10.915  -11.189 3.716   1.00 24.11 ? 83  GLU A N   1 
ATOM   629  C CA  . GLU A 1 83 ? 10.353  -11.921 4.846   1.00 28.55 ? 83  GLU A CA  1 
ATOM   630  C C   . GLU A 1 83 ? 11.042  -13.257 5.095   1.00 37.76 ? 83  GLU A C   1 
ATOM   631  O O   . GLU A 1 83 ? 10.396  -14.295 5.233   1.00 35.57 ? 83  GLU A O   1 
ATOM   632  C CB  . GLU A 1 83 ? 8.840   -12.105 4.695   1.00 31.50 ? 83  GLU A CB  1 
ATOM   633  C CG  . GLU A 1 83 ? 8.062   -10.813 4.882   1.00 37.31 ? 83  GLU A CG  1 
ATOM   634  C CD  . GLU A 1 83 ? 6.573   -11.028 5.092   1.00 50.19 ? 83  GLU A CD  1 
ATOM   635  O OE1 . GLU A 1 83 ? 6.069   -12.143 4.812   1.00 47.73 ? 83  GLU A OE1 1 
ATOM   636  O OE2 . GLU A 1 83 ? 5.906   -10.071 5.536   1.00 48.07 ? 83  GLU A OE2 1 
ATOM   637  N N   . GLU A 1 84 ? 12.370  -13.225 5.124   1.00 32.06 ? 84  GLU A N   1 
ATOM   638  C CA  . GLU A 1 84 ? 13.136  -14.429 5.378   1.00 42.63 ? 84  GLU A CA  1 
ATOM   639  C C   . GLU A 1 84 ? 13.646  -14.409 6.810   1.00 49.92 ? 84  GLU A C   1 
ATOM   640  O O   . GLU A 1 84 ? 14.204  -13.414 7.278   1.00 46.49 ? 84  GLU A O   1 
ATOM   641  C CB  . GLU A 1 84 ? 14.261  -14.575 4.359   1.00 43.45 ? 84  GLU A CB  1 
ATOM   642  C CG  . GLU A 1 84 ? 13.718  -14.820 2.958   1.00 50.10 ? 84  GLU A CG  1 
ATOM   643  C CD  . GLU A 1 84 ? 14.794  -14.910 1.897   1.00 60.84 ? 84  GLU A CD  1 
ATOM   644  O OE1 . GLU A 1 84 ? 15.903  -14.391 2.123   1.00 60.58 ? 84  GLU A OE1 1 
ATOM   645  O OE2 . GLU A 1 84 ? 14.522  -15.494 0.826   1.00 65.88 ? 84  GLU A OE2 1 
ATOM   646  N N   . VAL A 1 85 ? 13.346  -15.487 7.528   1.00 55.78 ? 85  VAL A N   1 
ATOM   647  C CA  . VAL A 1 85 ? 13.735  -15.638 8.922   1.00 62.84 ? 85  VAL A CA  1 
ATOM   648  C C   . VAL A 1 85 ? 15.085  -16.331 9.049   1.00 64.78 ? 85  VAL A C   1 
ATOM   649  O O   . VAL A 1 85 ? 15.370  -17.292 8.333   1.00 63.19 ? 85  VAL A O   1 
ATOM   650  C CB  . VAL A 1 85 ? 12.675  -16.461 9.705   1.00 66.67 ? 85  VAL A CB  1 
ATOM   651  C CG1 . VAL A 1 85 ? 13.078  -16.607 11.170  1.00 70.38 ? 85  VAL A CG1 1 
ATOM   652  C CG2 . VAL A 1 85 ? 11.304  -15.803 9.592   1.00 69.81 ? 85  VAL A CG2 1 
ATOM   653  N N   . LEU A 1 86 ? 15.913  -15.825 9.959   1.00 70.60 ? 86  LEU A N   1 
ATOM   654  C CA  . LEU A 1 86 ? 17.232  -16.390 10.219  1.00 75.12 ? 86  LEU A CA  1 
ATOM   655  C C   . LEU A 1 86 ? 17.146  -17.444 11.327  1.00 75.83 ? 86  LEU A C   1 
ATOM   656  O O   . LEU A 1 86 ? 17.329  -17.081 12.509  1.00 75.93 ? 86  LEU A O   1 
ATOM   657  C CB  . LEU A 1 86 ? 18.212  -15.281 10.616  1.00 77.10 ? 86  LEU A CB  1 
ATOM   658  C CG  . LEU A 1 86 ? 19.385  -15.006 9.670   1.00 75.90 ? 86  LEU A CG  1 
ATOM   659  C CD1 . LEU A 1 86 ? 20.343  -16.173 9.689   1.00 77.91 ? 86  LEU A CD1 1 
ATOM   660  C CD2 . LEU A 1 86 ? 18.886  -14.743 8.255   1.00 77.63 ? 86  LEU A CD2 1 
ATOM   661  N N   . MET B 1 1  ? 29.300  0.883   -3.004  1.00 26.57 ? 1   MET B N   1 
ATOM   662  C CA  . MET B 1 1  ? 27.856  0.713   -3.240  1.00 26.49 ? 1   MET B CA  1 
ATOM   663  C C   . MET B 1 1  ? 27.566  -0.722  -3.700  1.00 24.40 ? 1   MET B C   1 
ATOM   664  O O   . MET B 1 1  ? 28.333  -1.313  -4.472  1.00 24.66 ? 1   MET B O   1 
ATOM   665  C CB  . MET B 1 1  ? 27.386  1.694   -4.319  1.00 24.47 ? 1   MET B CB  1 
ATOM   666  C CG  . MET B 1 1  ? 25.878  1.639   -4.567  1.00 29.25 ? 1   MET B CG  1 
ATOM   667  S SD  . MET B 1 1  ? 25.458  0.616   -5.946  1.00 32.37 ? 1   MET B SD  1 
ATOM   668  C CE  . MET B 1 1  ? 25.988  1.637   -7.296  1.00 30.79 ? 1   MET B CE  1 
ATOM   669  N N   . VAL B 1 2  ? 26.506  -1.314  -3.148  1.00 18.80 ? 2   VAL B N   1 
ATOM   670  C CA  . VAL B 1 2  ? 26.085  -2.664  -3.514  1.00 18.50 ? 2   VAL B CA  1 
ATOM   671  C C   . VAL B 1 2  ? 24.579  -2.610  -3.779  1.00 24.34 ? 2   VAL B C   1 
ATOM   672  O O   . VAL B 1 2  ? 23.877  -1.773  -3.201  1.00 19.50 ? 2   VAL B O   1 
ATOM   673  C CB  . VAL B 1 2  ? 26.391  -3.715  -2.413  1.00 19.47 ? 2   VAL B CB  1 
ATOM   674  C CG1 . VAL B 1 2  ? 27.902  -3.999  -2.369  1.00 24.55 ? 2   VAL B CG1 1 
ATOM   675  C CG2 . VAL B 1 2  ? 25.902  -3.235  -1.050  1.00 18.00 ? 2   VAL B CG2 1 
ATOM   676  N N   . GLN B 1 3  ? 24.106  -3.447  -4.704  1.00 19.11 ? 3   GLN B N   1 
ATOM   677  C CA  . GLN B 1 3  ? 22.681  -3.484  -5.050  1.00 20.47 ? 3   GLN B CA  1 
ATOM   678  C C   . GLN B 1 3  ? 22.238  -4.908  -5.199  1.00 20.45 ? 3   GLN B C   1 
ATOM   679  O O   . GLN B 1 3  ? 23.036  -5.785  -5.548  1.00 19.71 ? 3   GLN B O   1 
ATOM   680  C CB  . GLN B 1 3  ? 22.367  -2.836  -6.407  1.00 24.11 ? 3   GLN B CB  1 
ATOM   681  C CG  . GLN B 1 3  ? 23.259  -1.746  -6.900  1.00 32.08 ? 3   GLN B CG  1 
ATOM   682  C CD  . GLN B 1 3  ? 22.665  -1.051  -8.121  1.00 21.91 ? 3   GLN B CD  1 
ATOM   683  O OE1 . GLN B 1 3  ? 22.242  -1.696  -9.089  1.00 25.20 ? 3   GLN B OE1 1 
ATOM   684  N NE2 . GLN B 1 3  ? 22.639  0.266   -8.080  1.00 29.09 ? 3   GLN B NE2 1 
ATOM   685  N N   . GLN B 1 4  ? 20.938  -5.113  -5.047  1.00 17.32 ? 4   GLN B N   1 
ATOM   686  C CA  . GLN B 1 4  ? 20.365  -6.443  -5.200  1.00 18.66 ? 4   GLN B CA  1 
ATOM   687  C C   . GLN B 1 4  ? 18.896  -6.311  -5.557  1.00 19.12 ? 4   GLN B C   1 
ATOM   688  O O   . GLN B 1 4  ? 18.193  -5.478  -4.990  1.00 17.73 ? 4   GLN B O   1 
ATOM   689  C CB  . GLN B 1 4  ? 20.491  -7.215  -3.885  1.00 20.54 ? 4   GLN B CB  1 
ATOM   690  C CG  . GLN B 1 4  ? 20.041  -8.646  -3.979  1.00 23.12 ? 4   GLN B CG  1 
ATOM   691  C CD  . GLN B 1 4  ? 20.146  -9.376  -2.664  1.00 22.77 ? 4   GLN B CD  1 
ATOM   692  O OE1 . GLN B 1 4  ? 20.774  -8.902  -1.720  1.00 23.83 ? 4   GLN B OE1 1 
ATOM   693  N NE2 . GLN B 1 4  ? 19.535  -10.545 -2.599  1.00 26.45 ? 4   GLN B NE2 1 
ATOM   694  N N   . LYS B 1 5  ? 18.432  -7.125  -6.500  1.00 17.30 ? 5   LYS B N   1 
ATOM   695  C CA  . LYS B 1 5  ? 17.020  -7.106  -6.866  1.00 20.09 ? 5   LYS B CA  1 
ATOM   696  C C   . LYS B 1 5  ? 16.325  -8.055  -5.879  1.00 22.13 ? 5   LYS B C   1 
ATOM   697  O O   . LYS B 1 5  ? 16.775  -9.183  -5.686  1.00 25.44 ? 5   LYS B O   1 
ATOM   698  C CB  . LYS B 1 5  ? 16.852  -7.596  -8.312  1.00 25.60 ? 5   LYS B CB  1 
ATOM   699  C CG  . LYS B 1 5  ? 15.602  -7.103  -8.995  1.00 37.78 ? 5   LYS B CG  1 
ATOM   700  C CD  . LYS B 1 5  ? 15.711  -7.264  -10.507 1.00 50.10 ? 5   LYS B CD  1 
ATOM   701  C CE  . LYS B 1 5  ? 14.442  -6.808  -11.213 1.00 64.08 ? 5   LYS B CE  1 
ATOM   702  N NZ  . LYS B 1 5  ? 14.138  -5.368  -10.978 1.00 71.33 ? 5   LYS B NZ  1 
ATOM   703  N N   . VAL B 1 6  ? 15.276  -7.579  -5.206  1.00 17.42 ? 6   VAL B N   1 
ATOM   704  C CA  . VAL B 1 6  ? 14.567  -8.392  -4.214  1.00 18.12 ? 6   VAL B CA  1 
ATOM   705  C C   . VAL B 1 6  ? 13.064  -8.370  -4.442  1.00 19.26 ? 6   VAL B C   1 
ATOM   706  O O   . VAL B 1 6  ? 12.537  -7.437  -5.041  1.00 22.76 ? 6   VAL B O   1 
ATOM   707  C CB  . VAL B 1 6  ? 14.833  -7.907  -2.756  1.00 23.47 ? 6   VAL B CB  1 
ATOM   708  C CG1 . VAL B 1 6  ? 16.304  -8.086  -2.386  1.00 26.72 ? 6   VAL B CG1 1 
ATOM   709  C CG2 . VAL B 1 6  ? 14.411  -6.447  -2.584  1.00 24.04 ? 6   VAL B CG2 1 
ATOM   710  N N   . GLU B 1 7  ? 12.390  -9.424  -3.991  1.00 20.82 ? 7   GLU B N   1 
ATOM   711  C CA  . GLU B 1 7  ? 10.938  -9.510  -4.117  1.00 22.12 ? 7   GLU B CA  1 
ATOM   712  C C   . GLU B 1 7  ? 10.307  -8.959  -2.848  1.00 20.18 ? 7   GLU B C   1 
ATOM   713  O O   . GLU B 1 7  ? 10.636  -9.388  -1.748  1.00 23.97 ? 7   GLU B O   1 
ATOM   714  C CB  . GLU B 1 7  ? 10.495  -10.959 -4.302  1.00 30.50 ? 7   GLU B CB  1 
ATOM   715  C CG  . GLU B 1 7  ? 8.999   -11.087 -4.527  1.00 41.05 ? 7   GLU B CG  1 
ATOM   716  C CD  . GLU B 1 7  ? 8.531   -12.524 -4.609  1.00 45.63 ? 7   GLU B CD  1 
ATOM   717  O OE1 . GLU B 1 7  ? 9.288   -13.381 -5.113  1.00 51.44 ? 7   GLU B OE1 1 
ATOM   718  O OE2 . GLU B 1 7  ? 7.395   -12.791 -4.170  1.00 50.72 ? 7   GLU B OE2 1 
ATOM   719  N N   . VAL B 1 8  ? 9.394   -8.009  -3.004  1.00 20.20 ? 8   VAL B N   1 
ATOM   720  C CA  . VAL B 1 8  ? 8.728   -7.407  -1.851  1.00 19.75 ? 8   VAL B CA  1 
ATOM   721  C C   . VAL B 1 8  ? 7.684   -8.368  -1.310  1.00 21.40 ? 8   VAL B C   1 
ATOM   722  O O   . VAL B 1 8  ? 6.705   -8.661  -1.990  1.00 26.49 ? 8   VAL B O   1 
ATOM   723  C CB  . VAL B 1 8  ? 8.025   -6.087  -2.236  1.00 24.73 ? 8   VAL B CB  1 
ATOM   724  C CG1 . VAL B 1 8  ? 7.236   -5.534  -1.039  1.00 27.34 ? 8   VAL B CG1 1 
ATOM   725  C CG2 . VAL B 1 8  ? 9.054   -5.064  -2.699  1.00 23.45 ? 8   VAL B CG2 1 
ATOM   726  N N   . ARG B 1 9  ? 7.915   -8.898  -0.114  1.00 19.73 ? 9   ARG B N   1 
ATOM   727  C CA  . ARG B 1 9  ? 6.943   -9.800  0.486   1.00 22.48 ? 9   ARG B CA  1 
ATOM   728  C C   . ARG B 1 9  ? 6.182   -9.138  1.628   1.00 24.85 ? 9   ARG B C   1 
ATOM   729  O O   . ARG B 1 9  ? 5.309   -9.752  2.232   1.00 26.55 ? 9   ARG B O   1 
ATOM   730  C CB  . ARG B 1 9  ? 7.601   -11.105 0.940   1.00 22.81 ? 9   ARG B CB  1 
ATOM   731  C CG  . ARG B 1 9  ? 8.057   -11.950 -0.241  1.00 26.24 ? 9   ARG B CG  1 
ATOM   732  C CD  . ARG B 1 9  ? 8.257   -13.405 0.149   1.00 41.22 ? 9   ARG B CD  1 
ATOM   733  N NE  . ARG B 1 9  ? 8.641   -14.214 -1.005  1.00 49.24 ? 9   ARG B NE  1 
ATOM   734  C CZ  . ARG B 1 9  ? 9.834   -14.783 -1.165  1.00 54.26 ? 9   ARG B CZ  1 
ATOM   735  N NH1 . ARG B 1 9  ? 10.777  -14.640 -0.239  1.00 44.06 ? 9   ARG B NH1 1 
ATOM   736  N NH2 . ARG B 1 9  ? 10.086  -15.495 -2.256  1.00 53.30 ? 9   ARG B NH2 1 
ATOM   737  N N   . LEU B 1 10 ? 6.511   -7.877  1.902   1.00 20.43 ? 10  LEU B N   1 
ATOM   738  C CA  . LEU B 1 10 ? 5.850   -7.106  2.952   1.00 19.12 ? 10  LEU B CA  1 
ATOM   739  C C   . LEU B 1 10 ? 4.442   -6.741  2.477   1.00 19.10 ? 10  LEU B C   1 
ATOM   740  O O   . LEU B 1 10 ? 4.169   -6.725  1.274   1.00 21.26 ? 10  LEU B O   1 
ATOM   741  C CB  . LEU B 1 10 ? 6.632   -5.816  3.238   1.00 21.89 ? 10  LEU B CB  1 
ATOM   742  C CG  . LEU B 1 10 ? 8.091   -6.023  3.661   1.00 20.82 ? 10  LEU B CG  1 
ATOM   743  C CD1 . LEU B 1 10 ? 8.815   -4.676  3.744   1.00 24.06 ? 10  LEU B CD1 1 
ATOM   744  C CD2 . LEU B 1 10 ? 8.131   -6.740  4.989   1.00 23.72 ? 10  LEU B CD2 1 
ATOM   745  N N   . LYS B 1 11 ? 3.565   -6.419  3.427   1.00 20.79 ? 11  LYS B N   1 
ATOM   746  C CA  . LYS B 1 11 ? 2.189   -6.059  3.097   1.00 19.69 ? 11  LYS B CA  1 
ATOM   747  C C   . LYS B 1 11 ? 2.076   -4.695  2.451   1.00 20.57 ? 11  LYS B C   1 
ATOM   748  O O   . LYS B 1 11 ? 2.766   -3.748  2.841   1.00 19.72 ? 11  LYS B O   1 
ATOM   749  C CB  . LYS B 1 11 ? 1.310   -6.094  4.353   1.00 20.24 ? 11  LYS B CB  1 
ATOM   750  C CG  . LYS B 1 11 ? 1.127   -7.500  4.928   1.00 30.76 ? 11  LYS B CG  1 
ATOM   751  C CD  . LYS B 1 11 ? 0.264   -7.483  6.180   1.00 42.38 ? 11  LYS B CD  1 
ATOM   752  C CE  . LYS B 1 11 ? 0.222   -8.860  6.825   1.00 51.72 ? 11  LYS B CE  1 
ATOM   753  N NZ  . LYS B 1 11 ? -0.746  -8.930  7.950   1.00 59.31 ? 11  LYS B NZ  1 
ATOM   754  N N   . THR B 1 12 ? 1.182   -4.593  1.464   1.00 16.12 ? 12  THR B N   1 
ATOM   755  C CA  . THR B 1 12 ? 0.950   -3.330  0.788   1.00 14.25 ? 12  THR B CA  1 
ATOM   756  C C   . THR B 1 12 ? -0.524  -2.955  0.970   1.00 17.33 ? 12  THR B C   1 
ATOM   757  O O   . THR B 1 12 ? -1.330  -3.770  1.418   1.00 20.17 ? 12  THR B O   1 
ATOM   758  C CB  . THR B 1 12 ? 1.283   -3.395  -0.725  1.00 19.77 ? 12  THR B CB  1 
ATOM   759  O OG1 . THR B 1 12 ? 0.583   -4.493  -1.331  1.00 22.25 ? 12  THR B OG1 1 
ATOM   760  C CG2 . THR B 1 12 ? 2.796   -3.578  -0.940  1.00 18.09 ? 12  THR B CG2 1 
ATOM   761  N N   . GLY B 1 13 ? -0.839  -1.698  0.691   1.00 17.09 ? 13  GLY B N   1 
ATOM   762  C CA  . GLY B 1 13 ? -2.210  -1.234  0.805   1.00 18.48 ? 13  GLY B CA  1 
ATOM   763  C C   . GLY B 1 13 ? -2.342  0.040   0.009   1.00 17.56 ? 13  GLY B C   1 
ATOM   764  O O   . GLY B 1 13 ? -1.368  0.502   -0.588  1.00 18.73 ? 13  GLY B O   1 
ATOM   765  N N   . LEU B 1 14 ? -3.539  0.619   -0.018  1.00 15.73 ? 14  LEU B N   1 
ATOM   766  C CA  . LEU B 1 14 ? -3.739  1.862   -0.756  1.00 16.33 ? 14  LEU B CA  1 
ATOM   767  C C   . LEU B 1 14 ? -2.798  2.963   -0.267  1.00 19.65 ? 14  LEU B C   1 
ATOM   768  O O   . LEU B 1 14 ? -2.557  3.095   0.936   1.00 18.31 ? 14  LEU B O   1 
ATOM   769  C CB  . LEU B 1 14 ? -5.182  2.353   -0.581  1.00 17.76 ? 14  LEU B CB  1 
ATOM   770  C CG  . LEU B 1 14 ? -6.281  1.467   -1.171  1.00 21.68 ? 14  LEU B CG  1 
ATOM   771  C CD1 . LEU B 1 14 ? -7.657  2.037   -0.774  1.00 26.93 ? 14  LEU B CD1 1 
ATOM   772  C CD2 . LEU B 1 14 ? -6.146  1.414   -2.688  1.00 23.39 ? 14  LEU B CD2 1 
ATOM   773  N N   . GLN B 1 15 ? -2.267  3.750   -1.200  1.00 18.81 ? 15  GLN B N   1 
ATOM   774  C CA  . GLN B 1 15 ? -1.407  4.865   -0.832  1.00 20.25 ? 15  GLN B CA  1 
ATOM   775  C C   . GLN B 1 15 ? -2.268  5.976   -0.230  1.00 24.53 ? 15  GLN B C   1 
ATOM   776  O O   . GLN B 1 15 ? -3.496  5.980   -0.395  1.00 21.97 ? 15  GLN B O   1 
ATOM   777  C CB  . GLN B 1 15 ? -0.630  5.380   -2.047  1.00 21.60 ? 15  GLN B CB  1 
ATOM   778  C CG  . GLN B 1 15 ? 0.452   4.422   -2.505  1.00 21.40 ? 15  GLN B CG  1 
ATOM   779  C CD  . GLN B 1 15 ? 1.547   5.136   -3.288  1.00 35.26 ? 15  GLN B CD  1 
ATOM   780  O OE1 . GLN B 1 15 ? 1.515   6.354   -3.448  1.00 41.46 ? 15  GLN B OE1 1 
ATOM   781  N NE2 . GLN B 1 15 ? 2.525   4.383   -3.764  1.00 31.51 ? 15  GLN B NE2 1 
ATOM   782  N N   . ALA B 1 16 ? -1.629  6.902   0.478   1.00 20.88 ? 16  ALA B N   1 
ATOM   783  C CA  . ALA B 1 16 ? -2.334  7.988   1.157   1.00 25.27 ? 16  ALA B CA  1 
ATOM   784  C C   . ALA B 1 16 ? -3.251  8.862   0.304   1.00 22.60 ? 16  ALA B C   1 
ATOM   785  O O   . ALA B 1 16 ? -4.400  9.104   0.679   1.00 23.18 ? 16  ALA B O   1 
ATOM   786  C CB  . ALA B 1 16 ? -1.343  8.859   1.944   1.00 29.79 ? 16  ALA B CB  1 
ATOM   787  N N   . ARG B 1 17 ? -2.758  9.319   -0.846  1.00 24.64 ? 17  ARG B N   1 
ATOM   788  C CA  . ARG B 1 17 ? -3.564  10.178  -1.718  1.00 28.45 ? 17  ARG B CA  1 
ATOM   789  C C   . ARG B 1 17 ? -4.847  9.491   -2.220  1.00 25.16 ? 17  ARG B C   1 
ATOM   790  O O   . ARG B 1 17 ? -5.937  10.043  -2.070  1.00 27.57 ? 17  ARG B O   1 
ATOM   791  C CB  . ARG B 1 17 ? -2.723  10.708  -2.885  1.00 38.09 ? 17  ARG B CB  1 
ATOM   792  C CG  . ARG B 1 17 ? -3.480  11.630  -3.826  1.00 53.06 ? 17  ARG B CG  1 
ATOM   793  C CD  . ARG B 1 17 ? -2.593  12.092  -4.975  1.00 67.46 ? 17  ARG B CD  1 
ATOM   794  N NE  . ARG B 1 17 ? -3.357  12.771  -6.020  1.00 74.81 ? 17  ARG B NE  1 
ATOM   795  C CZ  . ARG B 1 17 ? -4.061  12.146  -6.961  1.00 79.10 ? 17  ARG B CZ  1 
ATOM   796  N NH1 . ARG B 1 17 ? -4.103  10.818  -6.997  1.00 81.72 ? 17  ARG B NH1 1 
ATOM   797  N NH2 . ARG B 1 17 ? -4.730  12.849  -7.864  1.00 81.36 ? 17  ARG B NH2 1 
ATOM   798  N N   . PRO B 1 18 ? -4.734  8.292   -2.830  1.00 25.91 ? 18  PRO B N   1 
ATOM   799  C CA  . PRO B 1 18 ? -5.928  7.584   -3.320  1.00 24.86 ? 18  PRO B CA  1 
ATOM   800  C C   . PRO B 1 18 ? -6.910  7.300   -2.183  1.00 25.88 ? 18  PRO B C   1 
ATOM   801  O O   . PRO B 1 18 ? -8.127  7.354   -2.378  1.00 23.92 ? 18  PRO B O   1 
ATOM   802  C CB  . PRO B 1 18 ? -5.351  6.279   -3.865  1.00 28.68 ? 18  PRO B CB  1 
ATOM   803  C CG  . PRO B 1 18 ? -3.984  6.671   -4.305  1.00 31.88 ? 18  PRO B CG  1 
ATOM   804  C CD  . PRO B 1 18 ? -3.509  7.563   -3.208  1.00 26.08 ? 18  PRO B CD  1 
ATOM   805  N N   . ALA B 1 19 ? -6.385  6.992   -0.997  1.00 19.99 ? 19  ALA B N   1 
ATOM   806  C CA  . ALA B 1 19 ? -7.245  6.717   0.157   1.00 21.08 ? 19  ALA B CA  1 
ATOM   807  C C   . ALA B 1 19 ? -7.990  7.984   0.584   1.00 20.48 ? 19  ALA B C   1 
ATOM   808  O O   . ALA B 1 19 ? -9.186  7.945   0.854   1.00 19.98 ? 19  ALA B O   1 
ATOM   809  C CB  . ALA B 1 19 ? -6.417  6.169   1.317   1.00 22.81 ? 19  ALA B CB  1 
ATOM   810  N N   . ALA B 1 20 ? -7.283  9.111   0.635   1.00 21.50 ? 20  ALA B N   1 
ATOM   811  C CA  . ALA B 1 20 ? -7.895  10.385  1.032   1.00 26.04 ? 20  ALA B CA  1 
ATOM   812  C C   . ALA B 1 20 ? -9.049  10.776  0.099   1.00 26.50 ? 20  ALA B C   1 
ATOM   813  O O   . ALA B 1 20 ? -10.114 11.196  0.562   1.00 26.02 ? 20  ALA B O   1 
ATOM   814  C CB  . ALA B 1 20 ? -6.835  11.498  1.065   1.00 29.02 ? 20  ALA B CB  1 
ATOM   815  N N   . LEU B 1 21 ? -8.844  10.609  -1.205  1.00 25.38 ? 21  LEU B N   1 
ATOM   816  C CA  . LEU B 1 21 ? -9.866  10.947  -2.198  1.00 27.58 ? 21  LEU B CA  1 
ATOM   817  C C   . LEU B 1 21 ? -11.065 10.007  -2.096  1.00 30.22 ? 21  LEU B C   1 
ATOM   818  O O   . LEU B 1 21 ? -12.209 10.426  -2.274  1.00 26.09 ? 21  LEU B O   1 
ATOM   819  C CB  . LEU B 1 21 ? -9.284  10.897  -3.609  1.00 31.48 ? 21  LEU B CB  1 
ATOM   820  C CG  . LEU B 1 21 ? -8.207  11.924  -3.970  1.00 45.52 ? 21  LEU B CG  1 
ATOM   821  C CD1 . LEU B 1 21 ? -7.747  11.678  -5.407  1.00 45.22 ? 21  LEU B CD1 1 
ATOM   822  C CD2 . LEU B 1 21 ? -8.746  13.344  -3.813  1.00 45.29 ? 21  LEU B CD2 1 
ATOM   823  N N   . PHE B 1 22 ? -10.791 8.739   -1.793  1.00 21.94 ? 22  PHE B N   1 
ATOM   824  C CA  . PHE B 1 22 ? -11.834 7.728   -1.631  1.00 21.31 ? 22  PHE B CA  1 
ATOM   825  C C   . PHE B 1 22 ? -12.750 8.192   -0.498  1.00 24.10 ? 22  PHE B C   1 
ATOM   826  O O   . PHE B 1 22 ? -13.973 8.231   -0.645  1.00 21.11 ? 22  PHE B O   1 
ATOM   827  C CB  . PHE B 1 22 ? -11.169 6.395   -1.256  1.00 20.88 ? 22  PHE B CB  1 
ATOM   828  C CG  . PHE B 1 22 ? -12.060 5.180   -1.375  1.00 24.61 ? 22  PHE B CG  1 
ATOM   829  C CD1 . PHE B 1 22 ? -13.398 5.218   -1.010  1.00 25.40 ? 22  PHE B CD1 1 
ATOM   830  C CD2 . PHE B 1 22 ? -11.533 3.977   -1.842  1.00 33.74 ? 22  PHE B CD2 1 
ATOM   831  C CE1 . PHE B 1 22 ? -14.206 4.080   -1.110  1.00 30.16 ? 22  PHE B CE1 1 
ATOM   832  C CE2 . PHE B 1 22 ? -12.330 2.836   -1.943  1.00 36.88 ? 22  PHE B CE2 1 
ATOM   833  C CZ  . PHE B 1 22 ? -13.670 2.891   -1.576  1.00 33.90 ? 22  PHE B CZ  1 
ATOM   834  N N   . VAL B 1 23 ? -12.145 8.561   0.627   1.00 19.10 ? 23  VAL B N   1 
ATOM   835  C CA  . VAL B 1 23 ? -12.889 9.010   1.796   1.00 20.33 ? 23  VAL B CA  1 
ATOM   836  C C   . VAL B 1 23 ? -13.731 10.251  1.506   1.00 22.00 ? 23  VAL B C   1 
ATOM   837  O O   . VAL B 1 23 ? -14.896 10.332  1.917   1.00 23.91 ? 23  VAL B O   1 
ATOM   838  C CB  . VAL B 1 23 ? -11.930 9.251   2.990   1.00 23.72 ? 23  VAL B CB  1 
ATOM   839  C CG1 . VAL B 1 23 ? -12.630 9.998   4.114   1.00 30.85 ? 23  VAL B CG1 1 
ATOM   840  C CG2 . VAL B 1 23 ? -11.409 7.905   3.503   1.00 22.75 ? 23  VAL B CG2 1 
ATOM   841  N N   . GLN B 1 24 ? -13.157 11.210  0.780   1.00 22.91 ? 24  GLN B N   1 
ATOM   842  C CA  . GLN B 1 24 ? -13.885 12.434  0.431   1.00 25.66 ? 24  GLN B CA  1 
ATOM   843  C C   . GLN B 1 24 ? -15.161 12.099  -0.326  1.00 27.89 ? 24  GLN B C   1 
ATOM   844  O O   . GLN B 1 24 ? -16.202 12.729  -0.117  1.00 29.04 ? 24  GLN B O   1 
ATOM   845  C CB  . GLN B 1 24 ? -13.028 13.350  -0.438  1.00 31.36 ? 24  GLN B CB  1 
ATOM   846  C CG  . GLN B 1 24 ? -11.888 14.033  0.293   1.00 49.87 ? 24  GLN B CG  1 
ATOM   847  C CD  . GLN B 1 24 ? -11.045 14.903  -0.622  1.00 57.61 ? 24  GLN B CD  1 
ATOM   848  O OE1 . GLN B 1 24 ? -9.861  15.126  -0.363  1.00 66.05 ? 24  GLN B OE1 1 
ATOM   849  N NE2 . GLN B 1 24 ? -11.650 15.397  -1.704  1.00 50.09 ? 24  GLN B NE2 1 
ATOM   850  N N   . GLU B 1 25 ? -15.080 11.118  -1.217  1.00 22.56 ? 25  GLU B N   1 
ATOM   851  C CA  . GLU B 1 25 ? -16.254 10.716  -1.985  1.00 25.76 ? 25  GLU B CA  1 
ATOM   852  C C   . GLU B 1 25 ? -17.239 9.901   -1.152  1.00 28.47 ? 25  GLU B C   1 
ATOM   853  O O   . GLU B 1 25 ? -18.451 10.115  -1.227  1.00 27.40 ? 25  GLU B O   1 
ATOM   854  C CB  . GLU B 1 25 ? -15.845 9.934   -3.233  1.00 29.54 ? 25  GLU B CB  1 
ATOM   855  C CG  . GLU B 1 25 ? -15.063 10.772  -4.235  1.00 50.34 ? 25  GLU B CG  1 
ATOM   856  C CD  . GLU B 1 25 ? -15.053 10.184  -5.639  1.00 61.55 ? 25  GLU B CD  1 
ATOM   857  O OE1 . GLU B 1 25 ? -15.902 9.314   -5.944  1.00 63.65 ? 25  GLU B OE1 1 
ATOM   858  O OE2 . GLU B 1 25 ? -14.197 10.607  -6.448  1.00 65.09 ? 25  GLU B OE2 1 
ATOM   859  N N   . ALA B 1 26 ? -16.716 8.981   -0.342  1.00 19.45 ? 26  ALA B N   1 
ATOM   860  C CA  . ALA B 1 26 ? -17.557 8.129   0.497   1.00 20.34 ? 26  ALA B CA  1 
ATOM   861  C C   . ALA B 1 26 ? -18.355 8.929   1.540   1.00 25.28 ? 26  ALA B C   1 
ATOM   862  O O   . ALA B 1 26 ? -19.482 8.566   1.881   1.00 21.09 ? 26  ALA B O   1 
ATOM   863  C CB  . ALA B 1 26 ? -16.693 7.060   1.187   1.00 20.37 ? 26  ALA B CB  1 
ATOM   864  N N   . ASN B 1 27 ? -17.775 10.026  2.029   1.00 23.82 ? 27  ASN B N   1 
ATOM   865  C CA  . ASN B 1 27 ? -18.432 10.866  3.037   1.00 29.76 ? 27  ASN B CA  1 
ATOM   866  C C   . ASN B 1 27 ? -19.697 11.570  2.540   1.00 30.84 ? 27  ASN B C   1 
ATOM   867  O O   . ASN B 1 27 ? -20.480 12.077  3.344   1.00 35.68 ? 27  ASN B O   1 
ATOM   868  C CB  . ASN B 1 27 ? -17.457 11.917  3.581   1.00 33.83 ? 27  ASN B CB  1 
ATOM   869  C CG  . ASN B 1 27 ? -16.494 11.351  4.604   1.00 38.81 ? 27  ASN B CG  1 
ATOM   870  O OD1 . ASN B 1 27 ? -15.323 11.731  4.638   1.00 49.18 ? 27  ASN B OD1 1 
ATOM   871  N ND2 . ASN B 1 27 ? -16.989 10.468  5.469   1.00 35.84 ? 27  ASN B ND2 1 
ATOM   872  N N   . ARG B 1 28 ? -19.888 11.618  1.227   1.00 29.95 ? 28  ARG B N   1 
ATOM   873  C CA  . ARG B 1 28 ? -21.074 12.263  0.651   1.00 34.88 ? 28  ARG B CA  1 
ATOM   874  C C   . ARG B 1 28 ? -22.342 11.426  0.824   1.00 39.23 ? 28  ARG B C   1 
ATOM   875  O O   . ARG B 1 28 ? -23.435 11.879  0.486   1.00 38.25 ? 28  ARG B O   1 
ATOM   876  C CB  . ARG B 1 28 ? -20.875 12.533  -0.841  1.00 35.91 ? 28  ARG B CB  1 
ATOM   877  C CG  . ARG B 1 28 ? -19.770 13.523  -1.161  1.00 51.01 ? 28  ARG B CG  1 
ATOM   878  C CD  . ARG B 1 28 ? -19.714 13.784  -2.654  1.00 63.81 ? 28  ARG B CD  1 
ATOM   879  N NE  . ARG B 1 28 ? -18.615 14.675  -3.016  1.00 76.88 ? 28  ARG B NE  1 
ATOM   880  C CZ  . ARG B 1 28 ? -17.561 14.310  -3.739  1.00 82.93 ? 28  ARG B CZ  1 
ATOM   881  N NH1 . ARG B 1 28 ? -17.453 13.063  -4.182  1.00 85.14 ? 28  ARG B NH1 1 
ATOM   882  N NH2 . ARG B 1 28 ? -16.612 15.194  -4.021  1.00 84.27 ? 28  ARG B NH2 1 
ATOM   883  N N   . PHE B 1 29 ? -22.195 10.213  1.348   1.00 26.64 ? 29  PHE B N   1 
ATOM   884  C CA  . PHE B 1 29 ? -23.335 9.312   1.520   1.00 24.16 ? 29  PHE B CA  1 
ATOM   885  C C   . PHE B 1 29 ? -23.668 9.001   2.977   1.00 26.44 ? 29  PHE B C   1 
ATOM   886  O O   . PHE B 1 29 ? -22.782 8.973   3.832   1.00 25.86 ? 29  PHE B O   1 
ATOM   887  C CB  . PHE B 1 29 ? -23.067 8.014   0.742   1.00 22.11 ? 29  PHE B CB  1 
ATOM   888  C CG  . PHE B 1 29 ? -22.731 8.244   -0.708  1.00 25.17 ? 29  PHE B CG  1 
ATOM   889  C CD1 . PHE B 1 29 ? -23.732 8.534   -1.635  1.00 26.41 ? 29  PHE B CD1 1 
ATOM   890  C CD2 . PHE B 1 29 ? -21.404 8.211   -1.146  1.00 25.07 ? 29  PHE B CD2 1 
ATOM   891  C CE1 . PHE B 1 29 ? -23.419 8.792   -2.972  1.00 28.96 ? 29  PHE B CE1 1 
ATOM   892  C CE2 . PHE B 1 29 ? -21.081 8.467   -2.481  1.00 27.41 ? 29  PHE B CE2 1 
ATOM   893  C CZ  . PHE B 1 29 ? -22.094 8.760   -3.396  1.00 28.19 ? 29  PHE B CZ  1 
ATOM   894  N N   . THR B 1 30 ? -24.949 8.767   3.273   1.00 21.22 ? 30  THR B N   1 
ATOM   895  C CA  . THR B 1 30 ? -25.339 8.439   4.641   1.00 20.46 ? 30  THR B CA  1 
ATOM   896  C C   . THR B 1 30 ? -25.186 6.949   4.906   1.00 20.62 ? 30  THR B C   1 
ATOM   897  O O   . THR B 1 30 ? -25.165 6.507   6.057   1.00 22.75 ? 30  THR B O   1 
ATOM   898  C CB  . THR B 1 30 ? -26.800 8.882   4.979   1.00 24.02 ? 30  THR B CB  1 
ATOM   899  O OG1 . THR B 1 30 ? -27.728 8.109   4.208   1.00 25.74 ? 30  THR B OG1 1 
ATOM   900  C CG2 . THR B 1 30 ? -26.988 10.361  4.652   1.00 25.33 ? 30  THR B CG2 1 
ATOM   901  N N   . SER B 1 31 ? -25.085 6.163   3.836   1.00 19.04 ? 31  SER B N   1 
ATOM   902  C CA  . SER B 1 31 ? -24.926 4.735   4.007   1.00 18.79 ? 31  SER B CA  1 
ATOM   903  C C   . SER B 1 31 ? -23.592 4.415   4.660   1.00 18.76 ? 31  SER B C   1 
ATOM   904  O O   . SER B 1 31 ? -22.643 5.182   4.537   1.00 20.48 ? 31  SER B O   1 
ATOM   905  C CB  . SER B 1 31 ? -24.900 4.025   2.640   1.00 22.09 ? 31  SER B CB  1 
ATOM   906  O OG  . SER B 1 31 ? -26.177 3.981   2.037   1.00 20.36 ? 31  SER B OG  1 
ATOM   907  N N   . ASP B 1 32 ? -23.542 3.283   5.352   1.00 19.56 ? 32  ASP B N   1 
ATOM   908  C CA  . ASP B 1 32 ? -22.279 2.799   5.898   1.00 19.37 ? 32  ASP B CA  1 
ATOM   909  C C   . ASP B 1 32 ? -21.651 2.186   4.638   1.00 19.20 ? 32  ASP B C   1 
ATOM   910  O O   . ASP B 1 32 ? -22.371 1.608   3.811   1.00 19.95 ? 32  ASP B O   1 
ATOM   911  C CB  . ASP B 1 32 ? -22.504 1.670   6.896   1.00 18.85 ? 32  ASP B CB  1 
ATOM   912  C CG  . ASP B 1 32 ? -22.896 2.162   8.279   1.00 24.83 ? 32  ASP B CG  1 
ATOM   913  O OD1 . ASP B 1 32 ? -22.739 3.361   8.593   1.00 28.00 ? 32  ASP B OD1 1 
ATOM   914  O OD2 . ASP B 1 32 ? -23.348 1.312   9.058   1.00 29.83 ? 32  ASP B OD2 1 
ATOM   915  N N   . VAL B 1 33 ? -20.342 2.330   4.467   1.00 16.46 ? 33  VAL B N   1 
ATOM   916  C CA  . VAL B 1 33 ? -19.660 1.757   3.298   1.00 16.43 ? 33  VAL B CA  1 
ATOM   917  C C   . VAL B 1 33 ? -18.396 1.060   3.803   1.00 15.78 ? 33  VAL B C   1 
ATOM   918  O O   . VAL B 1 33 ? -17.631 1.644   4.568   1.00 16.59 ? 33  VAL B O   1 
ATOM   919  C CB  . VAL B 1 33 ? -19.228 2.853   2.294   1.00 19.50 ? 33  VAL B CB  1 
ATOM   920  C CG1 . VAL B 1 33 ? -18.529 2.231   1.090   1.00 21.54 ? 33  VAL B CG1 1 
ATOM   921  C CG2 . VAL B 1 33 ? -20.440 3.668   1.836   1.00 23.03 ? 33  VAL B CG2 1 
ATOM   922  N N   . PHE B 1 34 ? -18.199 -0.184  3.386   1.00 16.80 ? 34  PHE B N   1 
ATOM   923  C CA  . PHE B 1 34 ? -17.037 -0.959  3.814   1.00 15.51 ? 34  PHE B CA  1 
ATOM   924  C C   . PHE B 1 34 ? -16.341 -1.578  2.609   1.00 19.05 ? 34  PHE B C   1 
ATOM   925  O O   . PHE B 1 34 ? -16.957 -1.783  1.564   1.00 17.65 ? 34  PHE B O   1 
ATOM   926  C CB  . PHE B 1 34 ? -17.482 -2.140  4.683   1.00 16.09 ? 34  PHE B CB  1 
ATOM   927  C CG  . PHE B 1 34 ? -18.176 -1.747  5.954   1.00 19.09 ? 34  PHE B CG  1 
ATOM   928  C CD1 . PHE B 1 34 ? -17.438 -1.395  7.079   1.00 21.03 ? 34  PHE B CD1 1 
ATOM   929  C CD2 . PHE B 1 34 ? -19.564 -1.732  6.024   1.00 27.28 ? 34  PHE B CD2 1 
ATOM   930  C CE1 . PHE B 1 34 ? -18.076 -1.028  8.263   1.00 27.85 ? 34  PHE B CE1 1 
ATOM   931  C CE2 . PHE B 1 34 ? -20.213 -1.367  7.205   1.00 32.32 ? 34  PHE B CE2 1 
ATOM   932  C CZ  . PHE B 1 34 ? -19.466 -1.015  8.320   1.00 27.50 ? 34  PHE B CZ  1 
ATOM   933  N N   . LEU B 1 35 ? -15.056 -1.876  2.779   1.00 16.47 ? 35  LEU B N   1 
ATOM   934  C CA  . LEU B 1 35 ? -14.284 -2.580  1.759   1.00 17.91 ? 35  LEU B CA  1 
ATOM   935  C C   . LEU B 1 35 ? -13.960 -3.883  2.495   1.00 20.17 ? 35  LEU B C   1 
ATOM   936  O O   . LEU B 1 35 ? -13.649 -3.864  3.686   1.00 18.38 ? 35  LEU B O   1 
ATOM   937  C CB  . LEU B 1 35 ? -13.006 -1.812  1.431   1.00 21.51 ? 35  LEU B CB  1 
ATOM   938  C CG  . LEU B 1 35 ? -12.556 -1.790  -0.022  1.00 34.02 ? 35  LEU B CG  1 
ATOM   939  C CD1 . LEU B 1 35 ? -13.712 -1.355  -0.920  1.00 30.49 ? 35  LEU B CD1 1 
ATOM   940  C CD2 . LEU B 1 35 ? -11.368 -0.853  -0.165  1.00 23.37 ? 35  LEU B CD2 1 
ATOM   941  N N   . GLU B 1 36 ? -14.076 -5.018  1.822   1.00 19.61 ? 36  GLU B N   1 
ATOM   942  C CA  . GLU B 1 36 ? -13.808 -6.283  2.488   1.00 17.03 ? 36  GLU B CA  1 
ATOM   943  C C   . GLU B 1 36 ? -12.968 -7.209  1.626   1.00 21.82 ? 36  GLU B C   1 
ATOM   944  O O   . GLU B 1 36 ? -13.118 -7.236  0.411   1.00 22.40 ? 36  GLU B O   1 
ATOM   945  C CB  . GLU B 1 36 ? -15.126 -6.980  2.842   1.00 23.95 ? 36  GLU B CB  1 
ATOM   946  C CG  . GLU B 1 36 ? -14.949 -8.389  3.397   1.00 34.65 ? 36  GLU B CG  1 
ATOM   947  C CD  . GLU B 1 36 ? -16.236 -9.000  3.919   1.00 52.24 ? 36  GLU B CD  1 
ATOM   948  O OE1 . GLU B 1 36 ? -17.321 -8.681  3.390   1.00 56.27 ? 36  GLU B OE1 1 
ATOM   949  O OE2 . GLU B 1 36 ? -16.157 -9.814  4.862   1.00 62.54 ? 36  GLU B OE2 1 
ATOM   950  N N   . LYS B 1 37 ? -12.059 -7.935  2.265   1.00 21.58 ? 37  LYS B N   1 
ATOM   951  C CA  . LYS B 1 37 ? -11.222 -8.896  1.551   1.00 23.90 ? 37  LYS B CA  1 
ATOM   952  C C   . LYS B 1 37 ? -10.733 -9.932  2.550   1.00 29.32 ? 37  LYS B C   1 
ATOM   953  O O   . LYS B 1 37 ? -10.253 -9.579  3.623   1.00 26.71 ? 37  LYS B O   1 
ATOM   954  C CB  . LYS B 1 37 ? -10.017 -8.232  0.891   1.00 25.85 ? 37  LYS B CB  1 
ATOM   955  C CG  . LYS B 1 37 ? -9.254  -9.228  0.009   1.00 32.27 ? 37  LYS B CG  1 
ATOM   956  C CD  . LYS B 1 37 ? -8.019  -8.645  -0.626  1.00 46.10 ? 37  LYS B CD  1 
ATOM   957  C CE  . LYS B 1 37 ? -7.296  -9.726  -1.426  1.00 51.68 ? 37  LYS B CE  1 
ATOM   958  N NZ  . LYS B 1 37 ? -8.191  -10.350 -2.453  1.00 48.33 ? 37  LYS B NZ  1 
ATOM   959  N N   . ASP B 1 38 ? -10.898 -11.207 2.204   1.00 33.76 ? 38  ASP B N   1 
ATOM   960  C CA  . ASP B 1 38 ? -10.461 -12.318 3.053   1.00 36.84 ? 38  ASP B CA  1 
ATOM   961  C C   . ASP B 1 38 ? -11.048 -12.261 4.459   1.00 39.00 ? 38  ASP B C   1 
ATOM   962  O O   . ASP B 1 38 ? -10.362 -12.551 5.439   1.00 42.41 ? 38  ASP B O   1 
ATOM   963  C CB  . ASP B 1 38 ? -8.929  -12.361 3.136   1.00 44.22 ? 38  ASP B CB  1 
ATOM   964  C CG  . ASP B 1 38 ? -8.266  -12.537 1.778   1.00 58.39 ? 38  ASP B CG  1 
ATOM   965  O OD1 . ASP B 1 38 ? -8.892  -13.113 0.860   1.00 61.68 ? 38  ASP B OD1 1 
ATOM   966  O OD2 . ASP B 1 38 ? -7.107  -12.094 1.632   1.00 66.74 ? 38  ASP B OD2 1 
ATOM   967  N N   . GLY B 1 39 ? -12.313 -11.864 4.552   1.00 35.02 ? 39  GLY B N   1 
ATOM   968  C CA  . GLY B 1 39 ? -12.968 -11.786 5.843   1.00 39.32 ? 39  GLY B CA  1 
ATOM   969  C C   . GLY B 1 39 ? -12.614 -10.586 6.707   1.00 34.38 ? 39  GLY B C   1 
ATOM   970  O O   . GLY B 1 39 ? -13.065 -10.513 7.846   1.00 39.48 ? 39  GLY B O   1 
ATOM   971  N N   . LYS B 1 40 ? -11.792 -9.671  6.195   1.00 26.84 ? 40  LYS B N   1 
ATOM   972  C CA  . LYS B 1 40 ? -11.405 -8.472  6.948   1.00 19.59 ? 40  LYS B CA  1 
ATOM   973  C C   . LYS B 1 40 ? -12.224 -7.321  6.393   1.00 22.40 ? 40  LYS B C   1 
ATOM   974  O O   . LYS B 1 40 ? -12.247 -7.104  5.187   1.00 23.66 ? 40  LYS B O   1 
ATOM   975  C CB  . LYS B 1 40 ? -9.919  -8.166  6.761   1.00 25.53 ? 40  LYS B CB  1 
ATOM   976  C CG  . LYS B 1 40 ? -8.986  -9.305  7.173   1.00 36.16 ? 40  LYS B CG  1 
ATOM   977  C CD  . LYS B 1 40 ? -9.083  -9.610  8.650   1.00 47.07 ? 40  LYS B CD  1 
ATOM   978  C CE  . LYS B 1 40 ? -7.898  -10.455 9.107   1.00 61.43 ? 40  LYS B CE  1 
ATOM   979  N NZ  . LYS B 1 40 ? -6.684  -10.215 8.266   1.00 64.00 ? 40  LYS B NZ  1 
ATOM   980  N N   . LYS B 1 41 ? -12.849 -6.554  7.273   1.00 19.24 ? 41  LYS B N   1 
ATOM   981  C CA  . LYS B 1 41 ? -13.692 -5.459  6.829   1.00 17.17 ? 41  LYS B CA  1 
ATOM   982  C C   . LYS B 1 41 ? -13.222 -4.122  7.384   1.00 18.00 ? 41  LYS B C   1 
ATOM   983  O O   . LYS B 1 41 ? -12.962 -4.008  8.578   1.00 19.05 ? 41  LYS B O   1 
ATOM   984  C CB  . LYS B 1 41 ? -15.135 -5.739  7.274   1.00 25.84 ? 41  LYS B CB  1 
ATOM   985  C CG  . LYS B 1 41 ? -16.158 -4.882  6.601   1.00 33.38 ? 41  LYS B CG  1 
ATOM   986  C CD  . LYS B 1 41 ? -17.570 -5.449  6.767   1.00 43.80 ? 41  LYS B CD  1 
ATOM   987  C CE  . LYS B 1 41 ? -18.092 -5.250  8.169   1.00 44.90 ? 41  LYS B CE  1 
ATOM   988  N NZ  . LYS B 1 41 ? -19.521 -5.659  8.288   1.00 49.82 ? 41  LYS B NZ  1 
ATOM   989  N N   . VAL B 1 42 ? -13.057 -3.135  6.504   1.00 17.50 ? 42  VAL B N   1 
ATOM   990  C CA  . VAL B 1 42 ? -12.630 -1.811  6.935   1.00 17.18 ? 42  VAL B CA  1 
ATOM   991  C C   . VAL B 1 42 ? -13.646 -0.757  6.533   1.00 21.63 ? 42  VAL B C   1 
ATOM   992  O O   . VAL B 1 42 ? -14.356 -0.909  5.541   1.00 17.56 ? 42  VAL B O   1 
ATOM   993  C CB  . VAL B 1 42 ? -11.219 -1.431  6.387   1.00 17.02 ? 42  VAL B CB  1 
ATOM   994  C CG1 . VAL B 1 42 ? -10.213 -2.482  6.817   1.00 16.02 ? 42  VAL B CG1 1 
ATOM   995  C CG2 . VAL B 1 42 ? -11.226 -1.314  4.851   1.00 16.90 ? 42  VAL B CG2 1 
ATOM   996  N N   . ASN B 1 43 ? -13.700 0.315   7.316   1.00 16.79 ? 43  ASN B N   1 
ATOM   997  C CA  . ASN B 1 43 ? -14.621 1.424   7.075   1.00 18.72 ? 43  ASN B CA  1 
ATOM   998  C C   . ASN B 1 43 ? -14.076 2.281   5.938   1.00 18.76 ? 43  ASN B C   1 
ATOM   999  O O   . ASN B 1 43 ? -12.965 2.813   6.027   1.00 19.44 ? 43  ASN B O   1 
ATOM   1000 C CB  . ASN B 1 43 ? -14.733 2.252   8.353   1.00 17.96 ? 43  ASN B CB  1 
ATOM   1001 C CG  . ASN B 1 43 ? -15.768 3.366   8.254   1.00 22.78 ? 43  ASN B CG  1 
ATOM   1002 O OD1 . ASN B 1 43 ? -16.299 3.657   7.189   1.00 19.09 ? 43  ASN B OD1 1 
ATOM   1003 N ND2 . ASN B 1 43 ? -16.043 4.005   9.386   1.00 31.81 ? 43  ASN B ND2 1 
ATOM   1004 N N   . ALA B 1 44 ? -14.855 2.416   4.867   1.00 15.78 ? 44  ALA B N   1 
ATOM   1005 C CA  . ALA B 1 44 ? -14.402 3.185   3.708   1.00 15.68 ? 44  ALA B CA  1 
ATOM   1006 C C   . ALA B 1 44 ? -14.458 4.690   3.912   1.00 18.65 ? 44  ALA B C   1 
ATOM   1007 O O   . ALA B 1 44 ? -14.054 5.448   3.039   1.00 21.03 ? 44  ALA B O   1 
ATOM   1008 C CB  . ALA B 1 44 ? -15.179 2.764   2.438   1.00 21.62 ? 44  ALA B CB  1 
ATOM   1009 N N   . LYS B 1 45 ? -15.013 5.124   5.043   1.00 16.32 ? 45  LYS B N   1 
ATOM   1010 C CA  . LYS B 1 45 ? -15.046 6.552   5.349   1.00 16.62 ? 45  LYS B CA  1 
ATOM   1011 C C   . LYS B 1 45 ? -13.875 6.919   6.271   1.00 21.65 ? 45  LYS B C   1 
ATOM   1012 O O   . LYS B 1 45 ? -13.795 8.040   6.778   1.00 23.20 ? 45  LYS B O   1 
ATOM   1013 C CB  . LYS B 1 45 ? -16.362 6.926   6.013   1.00 19.58 ? 45  LYS B CB  1 
ATOM   1014 C CG  . LYS B 1 45 ? -17.557 6.780   5.090   1.00 17.84 ? 45  LYS B CG  1 
ATOM   1015 C CD  . LYS B 1 45 ? -18.829 7.172   5.826   1.00 24.74 ? 45  LYS B CD  1 
ATOM   1016 C CE  . LYS B 1 45 ? -20.028 7.088   4.897   1.00 24.42 ? 45  LYS B CE  1 
ATOM   1017 N NZ  . LYS B 1 45 ? -21.287 7.333   5.645   1.00 28.09 ? 45  LYS B NZ  1 
ATOM   1018 N N   . SER B 1 46 ? -12.951 5.979   6.439   1.00 16.01 ? 46  SER B N   1 
ATOM   1019 C CA  . SER B 1 46 ? -11.777 6.165   7.297   1.00 18.88 ? 46  SER B CA  1 
ATOM   1020 C C   . SER B 1 46 ? -10.489 6.040   6.493   1.00 19.09 ? 46  SER B C   1 
ATOM   1021 O O   . SER B 1 46 ? -10.246 5.009   5.881   1.00 17.38 ? 46  SER B O   1 
ATOM   1022 C CB  . SER B 1 46 ? -11.782 5.108   8.409   1.00 24.02 ? 46  SER B CB  1 
ATOM   1023 O OG  . SER B 1 46 ? -10.543 5.075   9.104   1.00 21.83 ? 46  SER B OG  1 
ATOM   1024 N N   . ILE B 1 47 ? -9.659  7.081   6.498   1.00 16.53 ? 47  ILE B N   1 
ATOM   1025 C CA  . ILE B 1 47 ? -8.404  7.019   5.752   1.00 16.55 ? 47  ILE B CA  1 
ATOM   1026 C C   . ILE B 1 47 ? -7.504  5.916   6.322   1.00 18.18 ? 47  ILE B C   1 
ATOM   1027 O O   . ILE B 1 47 ? -6.977  5.082   5.583   1.00 16.77 ? 47  ILE B O   1 
ATOM   1028 C CB  . ILE B 1 47 ? -7.640  8.369   5.799   1.00 22.75 ? 47  ILE B CB  1 
ATOM   1029 C CG1 . ILE B 1 47 ? -8.459  9.469   5.117   1.00 31.60 ? 47  ILE B CG1 1 
ATOM   1030 C CG2 . ILE B 1 47 ? -6.295  8.245   5.081   1.00 32.08 ? 47  ILE B CG2 1 
ATOM   1031 C CD1 . ILE B 1 47 ? -7.802  10.849  5.174   1.00 32.82 ? 47  ILE B CD1 1 
ATOM   1032 N N   . MET B 1 48 ? -7.338  5.897   7.627   1.00 17.61 ? 48  MET B N   1 
ATOM   1033 C CA  . MET B 1 48 ? -6.434  4.893   8.201   1.00 16.45 ? 48  MET B CA  1 
ATOM   1034 C C   . MET B 1 48 ? -7.070  3.505   8.118   1.00 17.44 ? 48  MET B C   1 
ATOM   1035 O O   . MET B 1 48 ? -6.375  2.497   7.931   1.00 16.59 ? 48  MET B O   1 
ATOM   1036 C CB  . MET B 1 48 ? -6.152  5.224   9.664   1.00 18.61 ? 48  MET B CB  1 
ATOM   1037 C CG  . MET B 1 48 ? -5.411  6.547   9.838   1.00 35.51 ? 48  MET B CG  1 
ATOM   1038 S SD  . MET B 1 48 ? -4.719  6.744   11.461  1.00 38.24 ? 48  MET B SD  1 
ATOM   1039 C CE  . MET B 1 48 ? -3.246  5.755   11.323  1.00 35.94 ? 48  MET B CE  1 
ATOM   1040 N N   . GLY B 1 49 ? -8.403  3.442   8.166   1.00 17.23 ? 49  GLY B N   1 
ATOM   1041 C CA  . GLY B 1 49 ? -9.079  2.161   8.015   1.00 15.43 ? 49  GLY B CA  1 
ATOM   1042 C C   . GLY B 1 49 ? -8.834  1.600   6.620   1.00 15.79 ? 49  GLY B C   1 
ATOM   1043 O O   . GLY B 1 49 ? -8.435  0.439   6.460   1.00 15.48 ? 49  GLY B O   1 
ATOM   1044 N N   . LEU B 1 50 ? -9.059  2.429   5.598   1.00 15.94 ? 50  LEU B N   1 
ATOM   1045 C CA  . LEU B 1 50 ? -8.837  1.988   4.216   1.00 15.75 ? 50  LEU B CA  1 
ATOM   1046 C C   . LEU B 1 50 ? -7.400  1.515   3.997   1.00 17.92 ? 50  LEU B C   1 
ATOM   1047 O O   . LEU B 1 50 ? -7.169  0.476   3.394   1.00 17.88 ? 50  LEU B O   1 
ATOM   1048 C CB  . LEU B 1 50 ? -9.130  3.118   3.238   1.00 17.91 ? 50  LEU B CB  1 
ATOM   1049 C CG  . LEU B 1 50 ? -10.594 3.331   2.863   1.00 21.89 ? 50  LEU B CG  1 
ATOM   1050 C CD1 . LEU B 1 50 ? -10.722 4.592   2.020   1.00 23.36 ? 50  LEU B CD1 1 
ATOM   1051 C CD2 . LEU B 1 50 ? -11.104 2.106   2.096   1.00 20.60 ? 50  LEU B CD2 1 
ATOM   1052 N N   . MET B 1 51 ? -6.462  2.186   4.579   1.00 16.02 ? 51  MET B N   1 
ATOM   1053 C CA  . MET B 1 51 ? -5.049  1.876   4.323   1.00 17.06 ? 51  MET B CA  1 
ATOM   1054 C C   . MET B 1 51 ? -4.619  0.669   5.158   1.00 20.38 ? 51  MET B C   1 
ATOM   1055 O O   . MET B 1 51 ? -3.534  0.102   4.951   1.00 19.89 ? 51  MET B O   1 
ATOM   1056 C CB  . MET B 1 51 ? -4.173  3.074   4.695   1.00 20.23 ? 51  MET B CB  1 
ATOM   1057 C CG  . MET B 1 51 ? -4.390  4.280   3.781   1.00 21.45 ? 51  MET B CG  1 
ATOM   1058 S SD  . MET B 1 51 ? -3.303  5.639   4.153   1.00 23.81 ? 51  MET B SD  1 
ATOM   1059 C CE  . MET B 1 51 ? -1.724  4.924   3.752   1.00 23.79 ? 51  MET B CE  1 
ATOM   1060 N N   . SER B 1 52 ? -5.463  0.166   6.057   1.00 17.83 ? 52  SER B N   1 
ATOM   1061 C CA  . SER B 1 52 ? -5.112  -0.996  6.869   1.00 16.70 ? 52  SER B CA  1 
ATOM   1062 C C   . SER B 1 52 ? -5.391  -2.334  6.209   1.00 18.98 ? 52  SER B C   1 
ATOM   1063 O O   . SER B 1 52 ? -4.938  -3.366  6.692   1.00 20.83 ? 52  SER B O   1 
ATOM   1064 C CB  . SER B 1 52 ? -5.793  -0.932  8.248   1.00 18.71 ? 52  SER B CB  1 
ATOM   1065 O OG  . SER B 1 52 ? -7.192  -1.173  8.175   1.00 17.82 ? 52  SER B OG  1 
ATOM   1066 N N   . LEU B 1 53 ? -6.150  -2.317  5.116   1.00 16.08 ? 53  LEU B N   1 
ATOM   1067 C CA  . LEU B 1 53 ? -6.481  -3.539  4.391   1.00 16.65 ? 53  LEU B CA  1 
ATOM   1068 C C   . LEU B 1 53 ? -5.312  -3.902  3.476   1.00 19.91 ? 53  LEU B C   1 
ATOM   1069 O O   . LEU B 1 53 ? -4.759  -3.037  2.803   1.00 21.88 ? 53  LEU B O   1 
ATOM   1070 C CB  . LEU B 1 53 ? -7.747  -3.317  3.541   1.00 17.39 ? 53  LEU B CB  1 
ATOM   1071 C CG  . LEU B 1 53 ? -8.406  -4.570  2.943   1.00 21.92 ? 53  LEU B CG  1 
ATOM   1072 C CD1 . LEU B 1 53 ? -8.946  -5.445  4.065   1.00 28.70 ? 53  LEU B CD1 1 
ATOM   1073 C CD2 . LEU B 1 53 ? -9.539  -4.155  1.992   1.00 25.95 ? 53  LEU B CD2 1 
ATOM   1074 N N   . ALA B 1 54 ? -4.913  -5.168  3.486   1.00 19.25 ? 54  ALA B N   1 
ATOM   1075 C CA  . ALA B 1 54 ? -3.814  -5.614  2.632   1.00 22.70 ? 54  ALA B CA  1 
ATOM   1076 C C   . ALA B 1 54 ? -4.332  -5.807  1.210   1.00 21.63 ? 54  ALA B C   1 
ATOM   1077 O O   . ALA B 1 54 ? -5.159  -6.680  0.957   1.00 24.98 ? 54  ALA B O   1 
ATOM   1078 C CB  . ALA B 1 54 ? -3.215  -6.912  3.156   1.00 26.04 ? 54  ALA B CB  1 
ATOM   1079 N N   . VAL B 1 55 ? -3.895  -4.944  0.300   1.00 17.98 ? 55  VAL B N   1 
ATOM   1080 C CA  . VAL B 1 55 ? -4.313  -5.043  -1.096  1.00 19.97 ? 55  VAL B CA  1 
ATOM   1081 C C   . VAL B 1 55 ? -3.177  -4.646  -2.027  1.00 25.27 ? 55  VAL B C   1 
ATOM   1082 O O   . VAL B 1 55 ? -2.249  -3.939  -1.639  1.00 21.15 ? 55  VAL B O   1 
ATOM   1083 C CB  . VAL B 1 55 ? -5.544  -4.132  -1.445  1.00 28.32 ? 55  VAL B CB  1 
ATOM   1084 C CG1 . VAL B 1 55 ? -6.759  -4.483  -0.593  1.00 30.49 ? 55  VAL B CG1 1 
ATOM   1085 C CG2 . VAL B 1 55 ? -5.191  -2.672  -1.303  1.00 26.49 ? 55  VAL B CG2 1 
ATOM   1086 N N   . SER B 1 56 ? -3.270  -5.124  -3.259  1.00 22.41 ? 56  SER B N   1 
ATOM   1087 C CA  . SER B 1 56 ? -2.304  -4.818  -4.299  1.00 23.08 ? 56  SER B CA  1 
ATOM   1088 C C   . SER B 1 56 ? -3.121  -4.309  -5.479  1.00 24.87 ? 56  SER B C   1 
ATOM   1089 O O   . SER B 1 56 ? -4.296  -4.663  -5.615  1.00 24.97 ? 56  SER B O   1 
ATOM   1090 C CB  . SER B 1 56 ? -1.582  -6.101  -4.738  1.00 26.97 ? 56  SER B CB  1 
ATOM   1091 O OG  . SER B 1 56 ? -0.791  -6.649  -3.698  1.00 30.39 ? 56  SER B OG  1 
ATOM   1092 N N   . THR B 1 57 ? -2.520  -3.477  -6.325  1.00 24.58 ? 57  THR B N   1 
ATOM   1093 C CA  . THR B 1 57 ? -3.221  -2.997  -7.517  1.00 29.48 ? 57  THR B CA  1 
ATOM   1094 C C   . THR B 1 57 ? -3.578  -4.249  -8.341  1.00 28.87 ? 57  THR B C   1 
ATOM   1095 O O   . THR B 1 57 ? -2.749  -5.139  -8.511  1.00 29.61 ? 57  THR B O   1 
ATOM   1096 C CB  . THR B 1 57 ? -2.328  -2.051  -8.352  1.00 31.08 ? 57  THR B CB  1 
ATOM   1097 O OG1 . THR B 1 57 ? -1.946  -0.925  -7.553  1.00 33.61 ? 57  THR B OG1 1 
ATOM   1098 C CG2 . THR B 1 57 ? -3.080  -1.544  -9.576  1.00 35.93 ? 57  THR B CG2 1 
ATOM   1099 N N   . GLY B 1 58 ? -4.827  -4.343  -8.792  1.00 25.39 ? 58  GLY B N   1 
ATOM   1100 C CA  . GLY B 1 58 ? -5.257  -5.501  -9.561  1.00 28.88 ? 58  GLY B CA  1 
ATOM   1101 C C   . GLY B 1 58 ? -6.015  -6.546  -8.755  1.00 33.97 ? 58  GLY B C   1 
ATOM   1102 O O   . GLY B 1 58 ? -6.615  -7.460  -9.321  1.00 41.27 ? 58  GLY B O   1 
ATOM   1103 N N   . THR B 1 59 ? -5.962  -6.423  -7.432  1.00 27.23 ? 59  THR B N   1 
ATOM   1104 C CA  . THR B 1 59 ? -6.637  -7.326  -6.504  1.00 30.05 ? 59  THR B CA  1 
ATOM   1105 C C   . THR B 1 59 ? -8.148  -7.074  -6.563  1.00 27.53 ? 59  THR B C   1 
ATOM   1106 O O   . THR B 1 59 ? -8.580  -5.948  -6.807  1.00 28.03 ? 59  THR B O   1 
ATOM   1107 C CB  . THR B 1 59 ? -6.190  -7.022  -5.037  1.00 34.50 ? 59  THR B CB  1 
ATOM   1108 O OG1 . THR B 1 59 ? -4.798  -7.311  -4.872  1.00 48.30 ? 59  THR B OG1 1 
ATOM   1109 C CG2 . THR B 1 59 ? -6.985  -7.826  -4.049  1.00 43.38 ? 59  THR B CG2 1 
ATOM   1110 N N   . GLU B 1 60 ? -8.936  -8.121  -6.338  1.00 22.00 ? 60  GLU B N   1 
ATOM   1111 C CA  . GLU B 1 60 ? -10.394 -7.995  -6.303  1.00 25.65 ? 60  GLU B CA  1 
ATOM   1112 C C   . GLU B 1 60 ? -10.834 -7.843  -4.844  1.00 23.02 ? 60  GLU B C   1 
ATOM   1113 O O   . GLU B 1 60 ? -10.383 -8.595  -3.976  1.00 28.42 ? 60  GLU B O   1 
ATOM   1114 C CB  . GLU B 1 60 ? -11.067 -9.255  -6.859  1.00 35.28 ? 60  GLU B CB  1 
ATOM   1115 C CG  . GLU B 1 60 ? -10.820 -9.532  -8.335  1.00 51.54 ? 60  GLU B CG  1 
ATOM   1116 C CD  . GLU B 1 60 ? -11.538 -8.561  -9.249  1.00 58.64 ? 60  GLU B CD  1 
ATOM   1117 O OE1 . GLU B 1 60 ? -12.754 -8.338  -9.052  1.00 60.24 ? 60  GLU B OE1 1 
ATOM   1118 O OE2 . GLU B 1 60 ? -10.888 -8.028  -10.173 1.00 66.13 ? 60  GLU B OE2 1 
ATOM   1119 N N   . VAL B 1 61 ? -11.688 -6.861  -4.568  1.00 21.65 ? 61  VAL B N   1 
ATOM   1120 C CA  . VAL B 1 61 ? -12.216 -6.678  -3.213  1.00 22.42 ? 61  VAL B CA  1 
ATOM   1121 C C   . VAL B 1 61 ? -13.738 -6.534  -3.306  1.00 21.73 ? 61  VAL B C   1 
ATOM   1122 O O   . VAL B 1 61 ? -14.281 -6.329  -4.387  1.00 21.96 ? 61  VAL B O   1 
ATOM   1123 C CB  . VAL B 1 61 ? -11.634 -5.416  -2.512  1.00 22.51 ? 61  VAL B CB  1 
ATOM   1124 C CG1 . VAL B 1 61 ? -10.117 -5.538  -2.365  1.00 29.59 ? 61  VAL B CG1 1 
ATOM   1125 C CG2 . VAL B 1 61 ? -12.009 -4.152  -3.279  1.00 24.95 ? 61  VAL B CG2 1 
ATOM   1126 N N   . THR B 1 62 ? -14.414 -6.642  -2.170  1.00 18.77 ? 62  THR B N   1 
ATOM   1127 C CA  . THR B 1 62 ? -15.862 -6.495  -2.133  1.00 19.80 ? 62  THR B CA  1 
ATOM   1128 C C   . THR B 1 62 ? -16.225 -5.141  -1.531  1.00 19.74 ? 62  THR B C   1 
ATOM   1129 O O   . THR B 1 62 ? -15.759 -4.799  -0.448  1.00 19.22 ? 62  THR B O   1 
ATOM   1130 C CB  . THR B 1 62 ? -16.506 -7.609  -1.297  1.00 24.71 ? 62  THR B CB  1 
ATOM   1131 O OG1 . THR B 1 62 ? -16.156 -8.878  -1.865  1.00 27.31 ? 62  THR B OG1 1 
ATOM   1132 C CG2 . THR B 1 62 ? -18.034 -7.467  -1.286  1.00 26.17 ? 62  THR B CG2 1 
ATOM   1133 N N   . LEU B 1 63 ? -17.017 -4.365  -2.266  1.00 17.27 ? 63  LEU B N   1 
ATOM   1134 C CA  . LEU B 1 63 ? -17.485 -3.055  -1.808  1.00 16.86 ? 63  LEU B CA  1 
ATOM   1135 C C   . LEU B 1 63 ? -18.884 -3.320  -1.251  1.00 18.70 ? 63  LEU B C   1 
ATOM   1136 O O   . LEU B 1 63 ? -19.704 -3.956  -1.915  1.00 19.17 ? 63  LEU B O   1 
ATOM   1137 C CB  . LEU B 1 63 ? -17.592 -2.104  -3.002  1.00 20.92 ? 63  LEU B CB  1 
ATOM   1138 C CG  . LEU B 1 63 ? -17.099 -0.656  -2.994  1.00 38.91 ? 63  LEU B CG  1 
ATOM   1139 C CD1 . LEU B 1 63 ? -17.821 0.078   -4.120  1.00 31.34 ? 63  LEU B CD1 1 
ATOM   1140 C CD2 . LEU B 1 63 ? -17.348 0.036   -1.667  1.00 32.04 ? 63  LEU B CD2 1 
ATOM   1141 N N   . ILE B 1 64 ? -19.161 -2.836  -0.042  1.00 17.39 ? 64  ILE B N   1 
ATOM   1142 C CA  . ILE B 1 64 ? -20.455 -3.058  0.592   1.00 16.57 ? 64  ILE B CA  1 
ATOM   1143 C C   . ILE B 1 64 ? -21.030 -1.713  1.024   1.00 21.28 ? 64  ILE B C   1 
ATOM   1144 O O   . ILE B 1 64 ? -20.312 -0.892  1.573   1.00 21.03 ? 64  ILE B O   1 
ATOM   1145 C CB  . ILE B 1 64 ? -20.289 -3.925  1.872   1.00 20.64 ? 64  ILE B CB  1 
ATOM   1146 C CG1 . ILE B 1 64 ? -19.690 -5.286  1.521   1.00 22.34 ? 64  ILE B CG1 1 
ATOM   1147 C CG2 . ILE B 1 64 ? -21.636 -4.098  2.593   1.00 26.24 ? 64  ILE B CG2 1 
ATOM   1148 C CD1 . ILE B 1 64 ? -19.171 -6.037  2.733   1.00 31.38 ? 64  ILE B CD1 1 
ATOM   1149 N N   . ALA B 1 65 ? -22.309 -1.478  0.734   1.00 19.25 ? 65  ALA B N   1 
ATOM   1150 C CA  . ALA B 1 65 ? -22.961 -0.238  1.150   1.00 16.65 ? 65  ALA B CA  1 
ATOM   1151 C C   . ALA B 1 65 ? -24.314 -0.604  1.753   1.00 20.36 ? 65  ALA B C   1 
ATOM   1152 O O   . ALA B 1 65 ? -24.993 -1.506  1.265   1.00 20.58 ? 65  ALA B O   1 
ATOM   1153 C CB  . ALA B 1 65 ? -23.145 0.706   -0.039  1.00 23.17 ? 65  ALA B CB  1 
ATOM   1154 N N   . GLN B 1 66 ? -24.681 0.060   2.846   1.00 18.60 ? 66  GLN B N   1 
ATOM   1155 C CA  . GLN B 1 66 ? -25.966 -0.211  3.484   1.00 18.47 ? 66  GLN B CA  1 
ATOM   1156 C C   . GLN B 1 66 ? -26.551 1.094   3.974   1.00 19.34 ? 66  GLN B C   1 
ATOM   1157 O O   . GLN B 1 66 ? -25.932 1.788   4.778   1.00 21.69 ? 66  GLN B O   1 
ATOM   1158 C CB  . GLN B 1 66 ? -25.821 -1.162  4.674   1.00 25.56 ? 66  GLN B CB  1 
ATOM   1159 C CG  . GLN B 1 66 ? -27.160 -1.449  5.350   1.00 41.85 ? 66  GLN B CG  1 
ATOM   1160 C CD  . GLN B 1 66 ? -27.052 -2.415  6.513   1.00 52.80 ? 66  GLN B CD  1 
ATOM   1161 O OE1 . GLN B 1 66 ? -26.111 -2.355  7.305   1.00 56.77 ? 66  GLN B OE1 1 
ATOM   1162 N NE2 . GLN B 1 66 ? -28.025 -3.310  6.624   1.00 57.12 ? 66  GLN B NE2 1 
ATOM   1163 N N   . GLY B 1 67 ? -27.748 1.417   3.496   1.00 21.75 ? 67  GLY B N   1 
ATOM   1164 C CA  . GLY B 1 67 ? -28.388 2.652   3.905   1.00 21.68 ? 67  GLY B CA  1 
ATOM   1165 C C   . GLY B 1 67 ? -29.348 3.165   2.850   1.00 22.54 ? 67  GLY B C   1 
ATOM   1166 O O   . GLY B 1 67 ? -29.528 2.543   1.801   1.00 22.52 ? 67  GLY B O   1 
ATOM   1167 N N   . GLU B 1 68 ? -29.906 4.344   3.094   1.00 24.10 ? 68  GLU B N   1 
ATOM   1168 C CA  . GLU B 1 68 ? -30.888 4.928   2.181   1.00 28.81 ? 68  GLU B CA  1 
ATOM   1169 C C   . GLU B 1 68 ? -30.361 5.259   0.791   1.00 25.59 ? 68  GLU B C   1 
ATOM   1170 O O   . GLU B 1 68 ? -31.106 5.181   -0.184  1.00 28.08 ? 68  GLU B O   1 
ATOM   1171 C CB  . GLU B 1 68 ? -31.515 6.173   2.806   1.00 31.68 ? 68  GLU B CB  1 
ATOM   1172 C CG  . GLU B 1 68 ? -30.541 7.317   2.924   1.00 35.05 ? 68  GLU B CG  1 
ATOM   1173 C CD  . GLU B 1 68 ? -31.067 8.474   3.742   1.00 47.74 ? 68  GLU B CD  1 
ATOM   1174 O OE1 . GLU B 1 68 ? -32.090 8.308   4.446   1.00 45.95 ? 68  GLU B OE1 1 
ATOM   1175 O OE2 . GLU B 1 68 ? -30.433 9.549   3.684   1.00 35.80 ? 68  GLU B OE2 1 
ATOM   1176 N N   . ASP B 1 69 ? -29.087 5.624   0.691   1.00 20.18 ? 69  ASP B N   1 
ATOM   1177 C CA  . ASP B 1 69 ? -28.509 5.954   -0.602  1.00 17.44 ? 69  ASP B CA  1 
ATOM   1178 C C   . ASP B 1 69 ? -27.484 4.920   -1.061  1.00 17.95 ? 69  ASP B C   1 
ATOM   1179 O O   . ASP B 1 69 ? -26.603 5.233   -1.854  1.00 19.95 ? 69  ASP B O   1 
ATOM   1180 C CB  . ASP B 1 69 ? -27.879 7.353   -0.575  1.00 22.23 ? 69  ASP B CB  1 
ATOM   1181 C CG  . ASP B 1 69 ? -26.875 7.544   0.571   1.00 23.41 ? 69  ASP B CG  1 
ATOM   1182 O OD1 . ASP B 1 69 ? -26.456 6.556   1.224   1.00 23.66 ? 69  ASP B OD1 1 
ATOM   1183 O OD2 . ASP B 1 69 ? -26.501 8.707   0.816   1.00 22.33 ? 69  ASP B OD2 1 
ATOM   1184 N N   . GLU B 1 70 ? -27.648 3.682   -0.605  1.00 19.15 ? 70  GLU B N   1 
ATOM   1185 C CA  . GLU B 1 70 ? -26.703 2.617   -0.934  1.00 18.85 ? 70  GLU B CA  1 
ATOM   1186 C C   . GLU B 1 70 ? -26.449 2.365   -2.424  1.00 20.15 ? 70  GLU B C   1 
ATOM   1187 O O   . GLU B 1 70 ? -25.318 2.064   -2.806  1.00 19.88 ? 70  GLU B O   1 
ATOM   1188 C CB  . GLU B 1 70 ? -27.097 1.320   -0.218  1.00 19.11 ? 70  GLU B CB  1 
ATOM   1189 C CG  . GLU B 1 70 ? -28.428 0.742   -0.688  1.00 24.69 ? 70  GLU B CG  1 
ATOM   1190 C CD  . GLU B 1 70 ? -28.945 -0.403  0.178   1.00 28.10 ? 70  GLU B CD  1 
ATOM   1191 O OE1 . GLU B 1 70 ? -28.531 -0.530  1.343   1.00 22.90 ? 70  GLU B OE1 1 
ATOM   1192 O OE2 . GLU B 1 70 ? -29.805 -1.167  -0.309  1.00 32.93 ? 70  GLU B OE2 1 
ATOM   1193 N N   . GLN B 1 71 ? -27.472 2.489   -3.276  1.00 19.20 ? 71  GLN B N   1 
ATOM   1194 C CA  . GLN B 1 71 ? -27.259 2.246   -4.712  1.00 19.30 ? 71  GLN B CA  1 
ATOM   1195 C C   . GLN B 1 71 ? -26.364 3.302   -5.325  1.00 17.78 ? 71  GLN B C   1 
ATOM   1196 O O   . GLN B 1 71 ? -25.454 2.988   -6.090  1.00 19.64 ? 71  GLN B O   1 
ATOM   1197 C CB  . GLN B 1 71 ? -28.588 2.195   -5.486  1.00 19.87 ? 71  GLN B CB  1 
ATOM   1198 C CG  . GLN B 1 71 ? -29.384 0.938   -5.222  1.00 22.90 ? 71  GLN B CG  1 
ATOM   1199 C CD  . GLN B 1 71 ? -28.706 -0.310  -5.775  1.00 24.80 ? 71  GLN B CD  1 
ATOM   1200 O OE1 . GLN B 1 71 ? -27.700 -0.229  -6.473  1.00 29.17 ? 71  GLN B OE1 1 
ATOM   1201 N NE2 . GLN B 1 71 ? -29.276 -1.469  -5.479  1.00 27.71 ? 71  GLN B NE2 1 
ATOM   1202 N N   . GLU B 1 72 ? -26.618 4.554   -4.964  1.00 19.84 ? 72  GLU B N   1 
ATOM   1203 C CA  . GLU B 1 72 ? -25.839 5.668   -5.470  1.00 22.98 ? 72  GLU B CA  1 
ATOM   1204 C C   . GLU B 1 72 ? -24.401 5.566   -4.958  1.00 22.15 ? 72  GLU B C   1 
ATOM   1205 O O   . GLU B 1 72 ? -23.444 5.795   -5.712  1.00 22.57 ? 72  GLU B O   1 
ATOM   1206 C CB  . GLU B 1 72 ? -26.468 6.995   -5.025  1.00 30.62 ? 72  GLU B CB  1 
ATOM   1207 C CG  . GLU B 1 72 ? -27.933 7.165   -5.454  1.00 44.24 ? 72  GLU B CG  1 
ATOM   1208 C CD  . GLU B 1 72 ? -28.948 6.791   -4.368  1.00 54.81 ? 72  GLU B CD  1 
ATOM   1209 O OE1 . GLU B 1 72 ? -29.156 5.582   -4.099  1.00 37.26 ? 72  GLU B OE1 1 
ATOM   1210 O OE2 . GLU B 1 72 ? -29.557 7.724   -3.794  1.00 57.64 ? 72  GLU B OE2 1 
ATOM   1211 N N   . ALA B 1 73 ? -24.259 5.202   -3.685  1.00 22.82 ? 73  ALA B N   1 
ATOM   1212 C CA  . ALA B 1 73 ? -22.940 5.059   -3.063  1.00 23.53 ? 73  ALA B CA  1 
ATOM   1213 C C   . ALA B 1 73 ? -22.133 3.980   -3.788  1.00 19.47 ? 73  ALA B C   1 
ATOM   1214 O O   . ALA B 1 73 ? -20.973 4.186   -4.136  1.00 20.86 ? 73  ALA B O   1 
ATOM   1215 C CB  . ALA B 1 73 ? -23.083 4.700   -1.577  1.00 19.79 ? 73  ALA B CB  1 
ATOM   1216 N N   . LEU B 1 74 ? -22.769 2.838   -4.024  1.00 18.65 ? 74  LEU B N   1 
ATOM   1217 C CA  . LEU B 1 74 ? -22.120 1.729   -4.715  1.00 22.22 ? 74  LEU B CA  1 
ATOM   1218 C C   . LEU B 1 74 ? -21.686 2.127   -6.122  1.00 25.25 ? 74  LEU B C   1 
ATOM   1219 O O   . LEU B 1 74 ? -20.557 1.870   -6.526  1.00 20.63 ? 74  LEU B O   1 
ATOM   1220 C CB  . LEU B 1 74 ? -23.071 0.529   -4.778  1.00 24.00 ? 74  LEU B CB  1 
ATOM   1221 C CG  . LEU B 1 74 ? -22.480 -0.826  -5.174  1.00 34.35 ? 74  LEU B CG  1 
ATOM   1222 C CD1 . LEU B 1 74 ? -21.544 -1.303  -4.076  1.00 34.58 ? 74  LEU B CD1 1 
ATOM   1223 C CD2 . LEU B 1 74 ? -23.606 -1.844  -5.384  1.00 33.77 ? 74  LEU B CD2 1 
ATOM   1224 N N   . GLU B 1 75 ? -22.569 2.794   -6.861  1.00 19.33 ? 75  GLU B N   1 
ATOM   1225 C CA  . GLU B 1 75 ? -22.236 3.203   -8.224  1.00 19.58 ? 75  GLU B CA  1 
ATOM   1226 C C   . GLU B 1 75 ? -21.052 4.159   -8.313  1.00 20.66 ? 75  GLU B C   1 
ATOM   1227 O O   . GLU B 1 75 ? -20.151 3.956   -9.118  1.00 22.37 ? 75  GLU B O   1 
ATOM   1228 C CB  . GLU B 1 75 ? -23.456 3.830   -8.895  1.00 20.59 ? 75  GLU B CB  1 
ATOM   1229 C CG  . GLU B 1 75 ? -24.522 2.792   -9.208  1.00 24.26 ? 75  GLU B CG  1 
ATOM   1230 C CD  . GLU B 1 75 ? -25.926 3.357   -9.300  1.00 25.42 ? 75  GLU B CD  1 
ATOM   1231 O OE1 . GLU B 1 75 ? -26.118 4.586   -9.159  1.00 24.27 ? 75  GLU B OE1 1 
ATOM   1232 O OE2 . GLU B 1 75 ? -26.849 2.538   -9.486  1.00 22.20 ? 75  GLU B OE2 1 
ATOM   1233 N N   . LYS B 1 76 ? -21.073 5.202   -7.494  1.00 20.90 ? 76  LYS B N   1 
ATOM   1234 C CA  . LYS B 1 76 ? -20.012 6.203   -7.493  1.00 22.13 ? 76  LYS B CA  1 
ATOM   1235 C C   . LYS B 1 76 ? -18.688 5.633   -6.995  1.00 22.23 ? 76  LYS B C   1 
ATOM   1236 O O   . LYS B 1 76 ? -17.638 5.883   -7.582  1.00 21.01 ? 76  LYS B O   1 
ATOM   1237 C CB  . LYS B 1 76 ? -20.406 7.392   -6.610  1.00 26.71 ? 76  LYS B CB  1 
ATOM   1238 C CG  . LYS B 1 76 ? -20.913 8.619   -7.358  1.00 50.67 ? 76  LYS B CG  1 
ATOM   1239 C CD  . LYS B 1 76 ? -22.208 8.354   -8.108  1.00 61.21 ? 76  LYS B CD  1 
ATOM   1240 C CE  . LYS B 1 76 ? -22.806 9.651   -8.661  1.00 68.90 ? 76  LYS B CE  1 
ATOM   1241 N NZ  . LYS B 1 76 ? -21.888 10.377  -9.591  1.00 69.70 ? 76  LYS B NZ  1 
ATOM   1242 N N   . LEU B 1 77 ? -18.748 4.852   -5.923  1.00 17.79 ? 77  LEU B N   1 
ATOM   1243 C CA  . LEU B 1 77 ? -17.523 4.289   -5.351  1.00 20.80 ? 77  LEU B CA  1 
ATOM   1244 C C   . LEU B 1 77 ? -16.886 3.173   -6.170  1.00 21.82 ? 77  LEU B C   1 
ATOM   1245 O O   . LEU B 1 77 ? -15.658 3.083   -6.245  1.00 22.91 ? 77  LEU B O   1 
ATOM   1246 C CB  . LEU B 1 77 ? -17.747 3.881   -3.892  1.00 17.84 ? 77  LEU B CB  1 
ATOM   1247 C CG  . LEU B 1 77 ? -18.126 5.070   -3.003  1.00 23.80 ? 77  LEU B CG  1 
ATOM   1248 C CD1 . LEU B 1 77 ? -18.430 4.583   -1.600  1.00 23.65 ? 77  LEU B CD1 1 
ATOM   1249 C CD2 . LEU B 1 77 ? -17.006 6.103   -2.972  1.00 23.88 ? 77  LEU B CD2 1 
ATOM   1250 N N   . ALA B 1 78 ? -17.702 2.335   -6.810  1.00 20.75 ? 78  ALA B N   1 
ATOM   1251 C CA  . ALA B 1 78 ? -17.163 1.261   -7.646  1.00 23.07 ? 78  ALA B CA  1 
ATOM   1252 C C   . ALA B 1 78 ? -16.393 1.883   -8.808  1.00 25.49 ? 78  ALA B C   1 
ATOM   1253 O O   . ALA B 1 78 ? -15.328 1.388   -9.193  1.00 26.24 ? 78  ALA B O   1 
ATOM   1254 C CB  . ALA B 1 78 ? -18.284 0.362   -8.168  1.00 20.94 ? 78  ALA B CB  1 
ATOM   1255 N N   . ALA B 1 79 ? -16.922 2.985   -9.343  1.00 21.25 ? 79  ALA B N   1 
ATOM   1256 C CA  . ALA B 1 79 ? -16.273 3.693   -10.445 1.00 25.89 ? 79  ALA B CA  1 
ATOM   1257 C C   . ALA B 1 79 ? -14.932 4.256   -9.970  1.00 28.17 ? 79  ALA B C   1 
ATOM   1258 O O   . ALA B 1 79 ? -13.913 4.099   -10.643 1.00 28.90 ? 79  ALA B O   1 
ATOM   1259 C CB  . ALA B 1 79 ? -17.170 4.828   -10.953 1.00 28.23 ? 79  ALA B CB  1 
ATOM   1260 N N   . TYR B 1 80 ? -14.927 4.863   -8.786  1.00 25.52 ? 80  TYR B N   1 
ATOM   1261 C CA  . TYR B 1 80 ? -13.699 5.441   -8.237  1.00 24.56 ? 80  TYR B CA  1 
ATOM   1262 C C   . TYR B 1 80 ? -12.590 4.402   -8.047  1.00 28.15 ? 80  TYR B C   1 
ATOM   1263 O O   . TYR B 1 80 ? -11.466 4.598   -8.510  1.00 25.62 ? 80  TYR B O   1 
ATOM   1264 C CB  . TYR B 1 80 ? -13.968 6.163   -6.909  1.00 22.62 ? 80  TYR B CB  1 
ATOM   1265 C CG  . TYR B 1 80 ? -12.695 6.688   -6.286  1.00 29.93 ? 80  TYR B CG  1 
ATOM   1266 C CD1 . TYR B 1 80 ? -12.050 7.806   -6.816  1.00 33.92 ? 80  TYR B CD1 1 
ATOM   1267 C CD2 . TYR B 1 80 ? -12.071 5.999   -5.244  1.00 28.21 ? 80  TYR B CD2 1 
ATOM   1268 C CE1 . TYR B 1 80 ? -10.804 8.219   -6.331  1.00 34.78 ? 80  TYR B CE1 1 
ATOM   1269 C CE2 . TYR B 1 80 ? -10.826 6.399   -4.756  1.00 26.72 ? 80  TYR B CE2 1 
ATOM   1270 C CZ  . TYR B 1 80 ? -10.196 7.503   -5.304  1.00 33.85 ? 80  TYR B CZ  1 
ATOM   1271 O OH  . TYR B 1 80 ? -8.947  7.865   -4.852  1.00 31.30 ? 80  TYR B OH  1 
ATOM   1272 N N   . VAL B 1 81 ? -12.903 3.303   -7.363  1.00 22.81 ? 81  VAL B N   1 
ATOM   1273 C CA  . VAL B 1 81 ? -11.921 2.253   -7.102  1.00 22.02 ? 81  VAL B CA  1 
ATOM   1274 C C   . VAL B 1 81 ? -11.322 1.652   -8.373  1.00 28.94 ? 81  VAL B C   1 
ATOM   1275 O O   . VAL B 1 81 ? -10.145 1.286   -8.409  1.00 24.04 ? 81  VAL B O   1 
ATOM   1276 C CB  . VAL B 1 81 ? -12.537 1.117   -6.256  1.00 28.63 ? 81  VAL B CB  1 
ATOM   1277 C CG1 . VAL B 1 81 ? -11.533 -0.004  -6.042  1.00 39.80 ? 81  VAL B CG1 1 
ATOM   1278 C CG2 . VAL B 1 81 ? -12.975 1.661   -4.931  1.00 31.31 ? 81  VAL B CG2 1 
ATOM   1279 N N   . GLN B 1 82 ? -12.135 1.573   -9.420  1.00 27.82 ? 82  GLN B N   1 
ATOM   1280 C CA  . GLN B 1 82 ? -11.696 1.004   -10.689 1.00 30.70 ? 82  GLN B CA  1 
ATOM   1281 C C   . GLN B 1 82 ? -11.070 2.026   -11.645 1.00 35.23 ? 82  GLN B C   1 
ATOM   1282 O O   . GLN B 1 82 ? -10.881 1.751   -12.832 1.00 35.47 ? 82  GLN B O   1 
ATOM   1283 C CB  . GLN B 1 82 ? -12.861 0.238   -11.330 1.00 27.09 ? 82  GLN B CB  1 
ATOM   1284 C CG  . GLN B 1 82 ? -13.297 -0.941  -10.464 1.00 28.92 ? 82  GLN B CG  1 
ATOM   1285 C CD  . GLN B 1 82 ? -14.454 -1.745  -11.027 1.00 42.11 ? 82  GLN B CD  1 
ATOM   1286 O OE1 . GLN B 1 82 ? -15.524 -1.209  -11.330 1.00 45.67 ? 82  GLN B OE1 1 
ATOM   1287 N NE2 . GLN B 1 82 ? -14.257 -3.054  -11.126 1.00 39.38 ? 82  GLN B NE2 1 
ATOM   1288 N N   . GLU B 1 83 ? -10.697 3.181   -11.096 1.00 35.57 ? 83  GLU B N   1 
ATOM   1289 C CA  . GLU B 1 83 ? -10.059 4.265   -11.849 1.00 50.99 ? 83  GLU B CA  1 
ATOM   1290 C C   . GLU B 1 83 ? -10.940 4.872   -12.923 1.00 57.22 ? 83  GLU B C   1 
ATOM   1291 O O   . GLU B 1 83 ? -10.468 5.587   -13.812 1.00 59.42 ? 83  GLU B O   1 
ATOM   1292 C CB  . GLU B 1 83 ? -8.726  3.810   -12.448 1.00 54.01 ? 83  GLU B CB  1 
ATOM   1293 C CG  . GLU B 1 83 ? -7.618  3.638   -11.425 1.00 61.92 ? 83  GLU B CG  1 
ATOM   1294 C CD  . GLU B 1 83 ? -6.731  4.856   -11.299 1.00 62.74 ? 83  GLU B CD  1 
ATOM   1295 O OE1 . GLU B 1 83 ? -5.882  5.058   -12.192 1.00 68.92 ? 83  GLU B OE1 1 
ATOM   1296 O OE2 . GLU B 1 83 ? -6.867  5.600   -10.305 1.00 63.91 ? 83  GLU B OE2 1 
ATOM   1297 N N   . GLU B 1 84 ? -12.219 4.529   -12.872 1.00 58.34 ? 84  GLU B N   1 
ATOM   1298 C CA  . GLU B 1 84 ? -13.188 5.070   -13.803 1.00 60.92 ? 84  GLU B CA  1 
ATOM   1299 C C   . GLU B 1 84 ? -13.759 6.300   -13.102 1.00 67.06 ? 84  GLU B C   1 
ATOM   1300 O O   . GLU B 1 84 ? -13.487 6.544   -11.921 1.00 69.32 ? 84  GLU B O   1 
ATOM   1301 C CB  . GLU B 1 84 ? -14.292 4.048   -14.072 1.00 57.43 ? 84  GLU B CB  1 
ATOM   1302 C CG  . GLU B 1 84 ? -13.776 2.717   -14.600 1.00 62.99 ? 84  GLU B CG  1 
ATOM   1303 C CD  . GLU B 1 84 ? -14.846 1.640   -14.660 1.00 64.69 ? 84  GLU B CD  1 
ATOM   1304 O OE1 . GLU B 1 84 ? -15.730 1.613   -13.774 1.00 67.54 ? 84  GLU B OE1 1 
ATOM   1305 O OE2 . GLU B 1 84 ? -14.795 0.810   -15.591 1.00 69.57 ? 84  GLU B OE2 1 
ATOM   1306 N N   . VAL B 1 85 ? -14.512 7.098   -13.843 1.00 67.16 ? 85  VAL B N   1 
ATOM   1307 C CA  . VAL B 1 85 ? -15.126 8.289   -13.281 1.00 73.32 ? 85  VAL B CA  1 
ATOM   1308 C C   . VAL B 1 85 ? -16.422 8.553   -14.032 1.00 73.84 ? 85  VAL B C   1 
ATOM   1309 O O   . VAL B 1 85 ? -16.414 8.768   -15.248 1.00 76.24 ? 85  VAL B O   1 
ATOM   1310 C CB  . VAL B 1 85 ? -14.175 9.523   -13.364 1.00 75.31 ? 85  VAL B CB  1 
ATOM   1311 C CG1 . VAL B 1 85 ? -13.704 9.756   -14.800 1.00 76.82 ? 85  VAL B CG1 1 
ATOM   1312 C CG2 . VAL B 1 85 ? -14.865 10.763  -12.807 1.00 76.98 ? 85  VAL B CG2 1 
ATOM   1313 N N   . LEU B 1 86 ? -17.541 8.455   -13.320 1.00 74.98 ? 86  LEU B N   1 
ATOM   1314 C CA  . LEU B 1 86 ? -18.841 8.690   -13.935 1.00 74.75 ? 86  LEU B CA  1 
ATOM   1315 C C   . LEU B 1 86 ? -19.415 10.050  -13.568 1.00 73.43 ? 86  LEU B C   1 
ATOM   1316 O O   . LEU B 1 86 ? -19.588 10.375  -12.389 1.00 71.44 ? 86  LEU B O   1 
ATOM   1317 C CB  . LEU B 1 86 ? -19.825 7.547   -13.624 1.00 75.56 ? 86  LEU B CB  1 
ATOM   1318 C CG  . LEU B 1 86 ? -20.558 7.395   -12.288 1.00 75.41 ? 86  LEU B CG  1 
ATOM   1319 C CD1 . LEU B 1 86 ? -22.057 7.443   -12.492 1.00 77.81 ? 86  LEU B CD1 1 
ATOM   1320 C CD2 . LEU B 1 86 ? -20.186 6.056   -11.668 1.00 78.67 ? 86  LEU B CD2 1 
ATOM   1321 N N   . GLN B 1 87 ? -19.656 10.855  -14.598 1.00 72.70 ? 87  GLN B N   1 
ATOM   1322 C CA  . GLN B 1 87 ? -20.208 12.200  -14.447 1.00 75.02 ? 87  GLN B CA  1 
ATOM   1323 C C   . GLN B 1 87 ? -20.702 12.748  -15.791 1.00 73.80 ? 87  GLN B C   1 
ATOM   1324 O O   . GLN B 1 87 ? -20.303 12.196  -16.844 1.00 71.11 ? 87  GLN B O   1 
ATOM   1325 C CB  . GLN B 1 87 ? -19.159 13.140  -13.837 1.00 78.40 ? 87  GLN B CB  1 
ATOM   1326 C CG  . GLN B 1 87 ? -17.845 13.218  -14.614 1.00 81.35 ? 87  GLN B CG  1 
ATOM   1327 C CD  . GLN B 1 87 ? -16.820 14.136  -13.959 1.00 85.11 ? 87  GLN B CD  1 
ATOM   1328 O OE1 . GLN B 1 87 ? -15.891 14.607  -14.615 1.00 87.41 ? 87  GLN B OE1 1 
ATOM   1329 N NE2 . GLN B 1 87 ? -16.990 14.395  -12.665 1.00 84.67 ? 87  GLN B NE2 1 
ATOM   1330 O OXT . GLN B 1 87 ? -21.493 13.718  -15.781 1.00 74.18 ? 87  GLN B OXT 1 
HETATM 1331 S S   . SO4 C 2 .  ? 10.098  10.397  7.214   1.00 27.28 ? 125 SO4 A S   1 
HETATM 1332 O O1  . SO4 C 2 .  ? 10.440  9.185   7.953   1.00 24.31 ? 125 SO4 A O1  1 
HETATM 1333 O O2  . SO4 C 2 .  ? 9.206   10.090  6.134   1.00 33.87 ? 125 SO4 A O2  1 
HETATM 1334 O O3  . SO4 C 2 .  ? 9.442   11.305  8.105   1.00 31.22 ? 125 SO4 A O3  1 
HETATM 1335 O O4  . SO4 C 2 .  ? 11.273  11.064  6.699   1.00 42.15 ? 125 SO4 A O4  1 
HETATM 1336 S S   . SO4 D 2 .  ? 0.081   -7.128  11.103  1.00 95.24 ? 124 SO4 B S   1 
HETATM 1337 O O1  . SO4 D 2 .  ? 1.364   -7.295  10.425  1.00 96.37 ? 124 SO4 B O1  1 
HETATM 1338 O O2  . SO4 D 2 .  ? -0.022  -5.808  11.688  1.00 92.63 ? 124 SO4 B O2  1 
HETATM 1339 O O3  . SO4 D 2 .  ? -0.992  -7.330  10.136  1.00 95.07 ? 124 SO4 B O3  1 
HETATM 1340 O O4  . SO4 D 2 .  ? -0.067  -8.128  12.142  1.00 97.23 ? 124 SO4 B O4  1 
HETATM 1341 S S   . SO4 E 2 .  ? 6.395   -15.784 -3.442  1.00 99.31 ? 126 SO4 B S   1 
HETATM 1342 O O1  . SO4 E 2 .  ? 5.545   -16.857 -3.182  1.00 96.05 ? 126 SO4 B O1  1 
HETATM 1343 O O2  . SO4 E 2 .  ? 6.137   -15.143 -4.727  1.00 95.02 ? 126 SO4 B O2  1 
HETATM 1344 O O3  . SO4 E 2 .  ? 6.259   -14.724 -2.377  1.00 94.54 ? 126 SO4 B O3  1 
HETATM 1345 O O4  . SO4 E 2 .  ? 7.835   -16.150 -3.420  1.00 96.39 ? 126 SO4 B O4  1 
HETATM 1346 O O   . HOH F 3 .  ? 5.784   1.573   -1.218  1.00 20.40 ? 126 HOH A O   1 
HETATM 1347 O O   . HOH F 3 .  ? 10.766  3.911   12.288  1.00 20.64 ? 127 HOH A O   1 
HETATM 1348 O O   . HOH F 3 .  ? 28.942  4.845   6.465   1.00 25.13 ? 128 HOH A O   1 
HETATM 1349 O O   . HOH F 3 .  ? 19.460  6.560   3.398   1.00 25.35 ? 129 HOH A O   1 
HETATM 1350 O O   . HOH F 3 .  ? 15.929  7.360   9.647   1.00 24.50 ? 130 HOH A O   1 
HETATM 1351 O O   . HOH F 3 .  ? -0.686  1.876   5.680   1.00 30.18 ? 131 HOH A O   1 
HETATM 1352 O O   . HOH F 3 .  ? 26.893  6.364   5.310   1.00 34.14 ? 132 HOH A O   1 
HETATM 1353 O O   . HOH F 3 .  ? 16.843  0.006   15.418  1.00 27.69 ? 133 HOH A O   1 
HETATM 1354 O O   . HOH F 3 .  ? 30.593  -3.205  3.742   1.00 33.72 ? 134 HOH A O   1 
HETATM 1355 O O   . HOH F 3 .  ? -4.315  5.909   -7.563  1.00 33.22 ? 135 HOH A O   1 
HETATM 1356 O O   . HOH F 3 .  ? 19.959  -11.827 3.234   1.00 31.55 ? 136 HOH A O   1 
HETATM 1357 O O   . HOH F 3 .  ? 1.775   3.286   0.853   1.00 30.61 ? 137 HOH A O   1 
HETATM 1358 O O   . HOH F 3 .  ? 22.449  7.054   7.023   1.00 35.31 ? 138 HOH A O   1 
HETATM 1359 O O   . HOH F 3 .  ? -0.455  -7.113  0.564   1.00 33.40 ? 139 HOH A O   1 
HETATM 1360 O O   . HOH F 3 .  ? 12.948  9.782   -0.880  1.00 35.87 ? 140 HOH A O   1 
HETATM 1361 O O   . HOH F 3 .  ? 20.334  3.962   -9.289  1.00 35.04 ? 141 HOH A O   1 
HETATM 1362 O O   . HOH F 3 .  ? 30.523  -5.990  -0.837  1.00 34.50 ? 142 HOH A O   1 
HETATM 1363 O O   . HOH F 3 .  ? 22.629  4.987   12.119  1.00 52.72 ? 143 HOH A O   1 
HETATM 1364 O O   . HOH F 3 .  ? 20.293  6.151   10.406  1.00 35.28 ? 144 HOH A O   1 
HETATM 1365 O O   . HOH F 3 .  ? 31.210  2.502   0.147   1.00 34.31 ? 145 HOH A O   1 
HETATM 1366 O O   . HOH F 3 .  ? -20.356 -8.601  -7.855  1.00 43.14 ? 146 HOH A O   1 
HETATM 1367 O O   . HOH F 3 .  ? 8.095   -6.948  -10.808 1.00 52.03 ? 147 HOH A O   1 
HETATM 1368 O O   . HOH F 3 .  ? 4.539   2.012   13.084  1.00 46.27 ? 148 HOH A O   1 
HETATM 1369 O O   . HOH F 3 .  ? -25.896 -6.780  -3.946  1.00 38.31 ? 149 HOH A O   1 
HETATM 1370 O O   . HOH F 3 .  ? 16.682  -9.249  8.706   1.00 41.89 ? 150 HOH A O   1 
HETATM 1371 O O   . HOH F 3 .  ? 10.121  -9.383  7.497   1.00 35.99 ? 151 HOH A O   1 
HETATM 1372 O O   . HOH F 3 .  ? 6.435   4.667   -7.843  1.00 36.49 ? 152 HOH A O   1 
HETATM 1373 O O   . HOH F 3 .  ? 29.907  1.801   9.980   1.00 55.35 ? 153 HOH A O   1 
HETATM 1374 O O   . HOH F 3 .  ? 11.673  11.089  1.437   1.00 44.50 ? 154 HOH A O   1 
HETATM 1375 O O   . HOH F 3 .  ? 12.304  -1.792  -12.808 1.00 62.71 ? 155 HOH A O   1 
HETATM 1376 O O   . HOH F 3 .  ? 6.977   -6.214  8.759   1.00 43.88 ? 156 HOH A O   1 
HETATM 1377 O O   . HOH F 3 .  ? 14.396  -2.280  -10.065 1.00 40.98 ? 157 HOH A O   1 
HETATM 1378 O O   . HOH F 3 .  ? 27.419  -1.439  11.429  1.00 46.93 ? 158 HOH A O   1 
HETATM 1379 O O   . HOH F 3 .  ? 4.330   8.908   1.073   1.00 39.74 ? 159 HOH A O   1 
HETATM 1380 O O   . HOH F 3 .  ? 26.069  0.913   13.424  1.00 54.89 ? 160 HOH A O   1 
HETATM 1381 O O   . HOH F 3 .  ? 31.096  -3.300  -0.709  1.00 51.58 ? 161 HOH A O   1 
HETATM 1382 O O   . HOH F 3 .  ? 24.646  8.028   8.807   1.00 50.78 ? 162 HOH A O   1 
HETATM 1383 O O   . HOH F 3 .  ? 14.508  9.047   -8.838  1.00 51.12 ? 163 HOH A O   1 
HETATM 1384 O O   . HOH F 3 .  ? 32.199  -0.598  2.597   1.00 49.81 ? 164 HOH A O   1 
HETATM 1385 O O   . HOH F 3 .  ? 12.633  -3.110  14.890  1.00 44.31 ? 165 HOH A O   1 
HETATM 1386 O O   . HOH F 3 .  ? 4.531   4.305   9.862   1.00 49.19 ? 166 HOH A O   1 
HETATM 1387 O O   . HOH F 3 .  ? 8.964   -16.333 2.814   1.00 61.53 ? 167 HOH A O   1 
HETATM 1388 O O   . HOH F 3 .  ? 6.488   -15.346 2.761   1.00 63.84 ? 168 HOH A O   1 
HETATM 1389 O O   . HOH F 3 .  ? 18.129  -11.524 9.097   1.00 52.45 ? 169 HOH A O   1 
HETATM 1390 O O   . HOH F 3 .  ? 8.638   -4.446  17.174  1.00 74.99 ? 170 HOH A O   1 
HETATM 1391 O O   . HOH F 3 .  ? 9.547   -1.422  17.232  1.00 35.96 ? 171 HOH A O   1 
HETATM 1392 O O   . HOH F 3 .  ? -23.419 -7.183  -7.431  1.00 59.34 ? 172 HOH A O   1 
HETATM 1393 O O   . HOH F 3 .  ? 12.177  7.838   9.811   1.00 28.89 ? 173 HOH A O   1 
HETATM 1394 O O   . HOH F 3 .  ? 14.539  12.055  1.464   1.00 58.68 ? 174 HOH A O   1 
HETATM 1395 O O   . HOH F 3 .  ? 18.274  8.603   9.257   1.00 55.39 ? 175 HOH A O   1 
HETATM 1396 O O   . HOH F 3 .  ? 27.335  8.000   8.755   1.00 55.28 ? 176 HOH A O   1 
HETATM 1397 O O   . HOH F 3 .  ? 24.836  -2.790  12.933  1.00 54.83 ? 177 HOH A O   1 
HETATM 1398 O O   . HOH F 3 .  ? 16.388  9.507   -3.471  1.00 54.94 ? 178 HOH A O   1 
HETATM 1399 O O   . HOH F 3 .  ? 18.364  -13.531 -1.356  1.00 56.87 ? 179 HOH A O   1 
HETATM 1400 O O   . HOH F 3 .  ? 15.146  -15.431 -2.000  1.00 64.01 ? 180 HOH A O   1 
HETATM 1401 O O   . HOH F 3 .  ? 13.115  -17.986 -0.133  1.00 66.89 ? 181 HOH A O   1 
HETATM 1402 O O   . HOH F 3 .  ? -1.717  3.949   7.448   1.00 39.25 ? 182 HOH A O   1 
HETATM 1403 O O   . HOH F 3 .  ? 0.018   -9.174  -4.930  1.00 56.03 ? 183 HOH A O   1 
HETATM 1404 O O   . HOH F 3 .  ? 20.292  -11.915 7.040   1.00 53.82 ? 184 HOH A O   1 
HETATM 1405 O O   . HOH F 3 .  ? 23.214  10.236  8.867   1.00 50.46 ? 185 HOH A O   1 
HETATM 1406 O O   . HOH F 3 .  ? 15.871  -2.858  15.143  1.00 54.97 ? 186 HOH A O   1 
HETATM 1407 O O   . HOH F 3 .  ? 2.625   -1.089  15.910  1.00 36.37 ? 187 HOH A O   1 
HETATM 1408 O O   . HOH F 3 .  ? 1.667   1.038   14.599  1.00 26.32 ? 188 HOH A O   1 
HETATM 1409 O O   . HOH F 3 .  ? 12.467  -3.983  12.402  1.00 51.58 ? 189 HOH A O   1 
HETATM 1410 O O   . HOH F 3 .  ? 17.891  -12.873 1.702   1.00 57.32 ? 190 HOH A O   1 
HETATM 1411 O O   . HOH F 3 .  ? 1.845   1.929   11.820  1.00 43.24 ? 191 HOH A O   1 
HETATM 1412 O O   . HOH F 3 .  ? 21.318  8.222   9.486   1.00 67.42 ? 192 HOH A O   1 
HETATM 1413 O O   . HOH F 3 .  ? 19.910  9.095   5.175   1.00 72.77 ? 193 HOH A O   1 
HETATM 1414 O O   . HOH F 3 .  ? 1.883   -2.040  -8.078  1.00 49.66 ? 194 HOH A O   1 
HETATM 1415 O O   . HOH F 3 .  ? 20.338  9.698   2.074   1.00 58.67 ? 195 HOH A O   1 
HETATM 1416 O O   . HOH F 3 .  ? 29.507  -4.790  6.040   1.00 43.06 ? 196 HOH A O   1 
HETATM 1417 O O   . HOH F 3 .  ? 31.430  -4.847  -3.383  1.00 70.03 ? 197 HOH A O   1 
HETATM 1418 O O   . HOH F 3 .  ? 4.515   -5.595  9.969   1.00 53.44 ? 198 HOH A O   1 
HETATM 1419 O O   . HOH F 3 .  ? 7.675   -8.709  8.539   1.00 57.20 ? 199 HOH A O   1 
HETATM 1420 O O   . HOH F 3 .  ? 13.914  -10.743 8.656   1.00 62.57 ? 200 HOH A O   1 
HETATM 1421 O O   . HOH G 3 .  ? -5.399  -0.675  1.593   1.00 21.78 ? 127 HOH B O   1 
HETATM 1422 O O   . HOH G 3 .  ? -11.851 0.399   9.611   1.00 18.30 ? 128 HOH B O   1 
HETATM 1423 O O   . HOH G 3 .  ? -19.081 3.554   6.771   1.00 23.17 ? 129 HOH B O   1 
HETATM 1424 O O   . HOH G 3 .  ? 4.471   -7.060  6.175   1.00 26.40 ? 130 HOH B O   1 
HETATM 1425 O O   . HOH G 3 .  ? -3.691  2.225   8.783   1.00 28.41 ? 131 HOH B O   1 
HETATM 1426 O O   . HOH G 3 .  ? 1.113   6.077   1.131   1.00 31.74 ? 132 HOH B O   1 
HETATM 1427 O O   . HOH G 3 .  ? -8.334  7.935   9.658   1.00 27.39 ? 133 HOH B O   1 
HETATM 1428 O O   . HOH G 3 .  ? 0.573   0.344   -7.302  1.00 35.14 ? 134 HOH B O   1 
HETATM 1429 O O   . HOH G 3 .  ? -30.358 3.432   -2.578  1.00 30.59 ? 135 HOH B O   1 
HETATM 1430 O O   . HOH G 3 .  ? -21.156 5.665   7.907   1.00 40.72 ? 136 HOH B O   1 
HETATM 1431 O O   . HOH G 3 .  ? 0.095   9.093   -1.750  1.00 36.80 ? 137 HOH B O   1 
HETATM 1432 O O   . HOH G 3 .  ? -1.323  1.542   2.867   1.00 35.77 ? 138 HOH B O   1 
HETATM 1433 O O   . HOH G 3 .  ? -21.424 10.008  6.384   1.00 39.40 ? 139 HOH B O   1 
HETATM 1434 O O   . HOH G 3 .  ? -10.499 9.455   8.067   1.00 43.11 ? 140 HOH B O   1 
HETATM 1435 O O   . HOH G 3 .  ? -10.207 7.060   -9.413  1.00 47.14 ? 141 HOH B O   1 
HETATM 1436 O O   . HOH G 3 .  ? -20.241 2.331   -11.317 1.00 38.48 ? 142 HOH B O   1 
HETATM 1437 O O   . HOH G 3 .  ? -3.134  -5.637  6.625   1.00 35.01 ? 143 HOH B O   1 
HETATM 1438 O O   . HOH G 3 .  ? -1.745  -8.002  -1.548  1.00 46.53 ? 144 HOH B O   1 
HETATM 1439 O O   . HOH G 3 .  ? -13.488 -9.913  -1.858  1.00 47.91 ? 145 HOH B O   1 
HETATM 1440 O O   . HOH G 3 .  ? -16.792 8.215   -8.866  1.00 46.98 ? 146 HOH B O   1 
HETATM 1441 O O   . HOH G 3 .  ? -3.633  -8.945  6.524   1.00 58.12 ? 147 HOH B O   1 
HETATM 1442 O O   . HOH G 3 .  ? -29.160 10.096  1.530   1.00 46.52 ? 148 HOH B O   1 
HETATM 1443 O O   . HOH G 3 .  ? -31.161 -2.243  -2.727  1.00 62.07 ? 149 HOH B O   1 
HETATM 1444 O O   . HOH G 3 .  ? 26.284  -5.313  -5.541  1.00 41.81 ? 150 HOH B O   1 
HETATM 1445 O O   . HOH G 3 .  ? 17.575  -11.479 -4.677  1.00 48.39 ? 151 HOH B O   1 
HETATM 1446 O O   . HOH G 3 .  ? -29.970 -3.965  4.693   1.00 56.65 ? 152 HOH B O   1 
HETATM 1447 O O   . HOH G 3 .  ? 2.105   8.176   2.958   1.00 50.83 ? 153 HOH B O   1 
HETATM 1448 O O   . HOH G 3 .  ? 0.321   8.077   5.643   1.00 61.42 ? 154 HOH B O   1 
HETATM 1449 O O   . HOH G 3 .  ? 2.283   8.020   -0.651  1.00 43.49 ? 155 HOH B O   1 
HETATM 1450 O O   . HOH G 3 .  ? -0.336  8.547   -4.943  1.00 67.27 ? 156 HOH B O   1 
HETATM 1451 O O   . HOH G 3 .  ? -2.386  8.466   -7.359  1.00 55.16 ? 157 HOH B O   1 
HETATM 1452 O O   . HOH G 3 .  ? 23.165  -7.938  -7.458  1.00 42.05 ? 158 HOH B O   1 
HETATM 1453 O O   . HOH G 3 .  ? 27.816  -2.646  -7.092  1.00 60.93 ? 159 HOH B O   1 
HETATM 1454 O O   . HOH G 3 .  ? -10.292 12.958  2.915   1.00 42.36 ? 160 HOH B O   1 
HETATM 1455 O O   . HOH G 3 .  ? -23.950 -1.410  8.417   1.00 47.03 ? 161 HOH B O   1 
HETATM 1456 O O   . HOH G 3 .  ? -22.107 -2.566  10.882  1.00 83.09 ? 162 HOH B O   1 
HETATM 1457 O O   . HOH G 3 .  ? -7.380  -9.063  4.046   1.00 45.45 ? 163 HOH B O   1 
HETATM 1458 O O   . HOH G 3 .  ? -6.005  -7.076  5.430   1.00 33.14 ? 164 HOH B O   1 
HETATM 1459 O O   . HOH G 3 .  ? -1.737  0.316   7.501   1.00 53.87 ? 165 HOH B O   1 
HETATM 1460 O O   . HOH G 3 .  ? -24.604 5.366   8.941   1.00 57.81 ? 166 HOH B O   1 
HETATM 1461 O O   . HOH G 3 .  ? -12.270 -12.374 -0.332  1.00 54.33 ? 167 HOH B O   1 
HETATM 1462 O O   . HOH G 3 .  ? -0.824  -11.173 -1.822  1.00 65.72 ? 168 HOH B O   1 
HETATM 1463 O O   . HOH G 3 .  ? -14.285 10.739  7.285   1.00 56.00 ? 169 HOH B O   1 
HETATM 1464 O O   . HOH G 3 .  ? -6.919  8.316   -6.998  1.00 53.84 ? 170 HOH B O   1 
HETATM 1465 O O   . HOH G 3 .  ? -14.765 7.979   9.541   1.00 48.54 ? 171 HOH B O   1 
HETATM 1466 O O   . HOH G 3 .  ? 20.272  -8.881  -7.809  1.00 32.94 ? 172 HOH B O   1 
HETATM 1467 O O   . HOH G 3 .  ? -14.597 -5.498  -11.842 1.00 57.25 ? 173 HOH B O   1 
# 
